data_3LVG
#
_entry.id   3LVG
#
_cell.length_a   228.560
_cell.length_b   228.560
_cell.length_c   710.320
_cell.angle_alpha   90.000
_cell.angle_beta   90.000
_cell.angle_gamma   90.000
#
_symmetry.space_group_name_H-M   'I 41 2 2'
#
loop_
_entity.id
_entity.type
_entity.pdbx_description
1 polymer 'Clathrin heavy chain 1'
2 polymer 'Clathrin light chain B'
#
loop_
_entity_poly.entity_id
_entity_poly.type
_entity_poly.pdbx_seq_one_letter_code
_entity_poly.pdbx_strand_id
1 'polypeptide(L)'
;MGSSHHHHHHSSGLVPRGSHMLKFDVNTSAVQVLIEHIGNLDRAYEFAERCNEPAVWSQLAKAQLQKGMVKEAIDSYIKA
DDPSSYMEVVQAANTSGNWEELVKYLQMARKKARESYVETELIFALAKTNRLAELEEFINGPNNAHIQQVGDRCYDEKMY
DAAKLLYNNVSNFGRLASTLVHLGEYQAAVDGARKANSTRTWKEVCFACVDGKEFRLAQMCGLHIVVHADELEELINYYQ
DRGYFEELITMLEAALGLERAHMGMFTELAILYSKFKPQKMREHLELFWSRVNIPKVLRAAEQAHLWAELVFLYDKYEEY
DNAIITMMNHPTDAWKEGQFKDIITKVANVELYYRAIQFYLEFKPLLLNDLLMVLSPRLDHTRAVNYFSKVKQLPLVKPY
LRSVQNHNNKSVNESLNNLFITEEDYQALRTSIDAYDNFDNISLAQRLEKHELIEFRRIAAYLFKGNNRWKQSVELCKKD
SLYKDAMQYASESKDTELAEELLQWFLQEEKRECFGACLFTCYDLLRPDVVLETAWRHNIMDFAMPYFIQVMKEYLTKVD
KLDASESLRKEEEQATETQPIVYGQPQLMLTAGPSVAVPPQAPFGYGYTAPAYGQPQPGFGYSM
;
A,B,C
2 'polypeptide(L)'
;(UNK)(UNK)(UNK)(UNK)(UNK)(UNK)(UNK)(UNK)(UNK)(UNK)(UNK)(UNK)(UNK)(UNK)(UNK)(UNK)
(UNK)(UNK)(UNK)(UNK)(UNK)(UNK)(UNK)(UNK)(UNK)(UNK)(UNK)(UNK)(UNK)(UNK)(UNK)(UNK)
(UNK)(UNK)(UNK)(UNK)(UNK)(UNK)(UNK)(UNK)(UNK)(UNK)(UNK)(UNK)(UNK)(UNK)(UNK)(UNK)
(UNK)(UNK)(UNK)(UNK)(UNK)(UNK)(UNK)(UNK)(UNK)(UNK)(UNK)(UNK)(UNK)(UNK)(UNK)(UNK)
(UNK)(UNK)(UNK)(UNK)(UNK)(UNK)(UNK)(UNK)(UNK)IAQADRLTQEPESIRKWREEQRKRLQELDAASKVM
EQEWREKAKKDLEEWNQRQSEQVEKNKINNRIADKAFYQQPDADII(UNK)(UNK)(UNK)(UNK)(UNK)(UNK)
(UNK)(UNK)(UNK)(UNK)(UNK)(UNK)(UNK)(UNK)(UNK)(UNK)(UNK)(UNK)(UNK)(UNK)(UNK)(UNK)
(UNK)(UNK)(UNK)(UNK)(UNK)(UNK)(UNK)(UNK)(UNK)(UNK)(UNK)(UNK)(UNK)(UNK)
;
D,E,F
#
# COMPACT_ATOMS: atom_id res chain seq x y z
N ASN A 27 75.04 -6.88 -177.50
CA ASN A 27 75.41 -6.37 -176.17
C ASN A 27 75.18 -7.41 -175.07
N THR A 28 74.72 -8.60 -175.47
CA THR A 28 74.44 -9.66 -174.50
C THR A 28 75.69 -10.48 -174.21
N SER A 29 76.85 -9.85 -174.30
CA SER A 29 78.12 -10.51 -174.04
C SER A 29 79.27 -9.55 -173.76
N ALA A 30 79.26 -8.41 -174.47
CA ALA A 30 80.31 -7.42 -174.30
C ALA A 30 80.40 -7.02 -172.82
N VAL A 31 79.44 -7.48 -172.03
CA VAL A 31 79.38 -7.18 -170.59
C VAL A 31 79.80 -8.24 -169.59
N GLN A 32 79.12 -9.38 -169.63
CA GLN A 32 79.45 -10.52 -168.79
C GLN A 32 80.92 -10.90 -168.95
N VAL A 33 81.58 -10.33 -169.96
CA VAL A 33 82.98 -10.60 -170.23
C VAL A 33 83.82 -10.47 -168.95
N LEU A 34 83.27 -9.77 -167.97
CA LEU A 34 83.95 -9.60 -166.71
C LEU A 34 83.73 -11.00 -166.15
N ILE A 35 84.60 -11.92 -166.59
CA ILE A 35 84.68 -13.25 -165.99
C ILE A 35 86.16 -13.49 -165.60
N GLU A 36 86.42 -14.56 -164.85
CA GLU A 36 87.79 -14.93 -164.45
C GLU A 36 88.80 -15.09 -165.58
N HIS A 37 88.90 -16.31 -166.11
CA HIS A 37 89.72 -16.58 -167.29
C HIS A 37 89.13 -15.88 -168.52
N ILE A 38 88.40 -14.79 -168.30
CA ILE A 38 87.78 -14.04 -169.39
C ILE A 38 88.13 -12.56 -169.29
N GLY A 39 88.50 -12.12 -168.09
CA GLY A 39 88.87 -10.73 -167.86
C GLY A 39 89.72 -10.55 -166.62
N ASN A 40 89.41 -9.51 -165.83
CA ASN A 40 90.26 -9.22 -164.63
C ASN A 40 90.62 -7.76 -164.54
N LEU A 41 90.46 -7.16 -163.38
CA LEU A 41 90.79 -5.75 -163.14
C LEU A 41 90.50 -4.66 -164.16
N ASP A 42 91.48 -3.82 -164.45
CA ASP A 42 91.30 -2.72 -165.38
C ASP A 42 90.95 -3.27 -166.76
N ARG A 43 90.00 -4.21 -166.79
CA ARG A 43 89.52 -4.73 -168.04
C ARG A 43 87.99 -4.91 -167.81
N ALA A 44 87.62 -5.64 -166.78
CA ALA A 44 86.23 -6.03 -166.53
C ALA A 44 85.29 -4.85 -166.59
N TYR A 45 85.73 -3.73 -166.03
CA TYR A 45 84.92 -2.50 -166.01
C TYR A 45 85.32 -1.55 -167.13
N GLU A 46 86.08 -2.06 -168.10
CA GLU A 46 86.53 -1.26 -169.23
C GLU A 46 85.64 -1.46 -170.45
N PHE A 47 84.82 -2.50 -170.42
CA PHE A 47 83.91 -2.80 -171.52
C PHE A 47 82.47 -2.92 -171.04
N ALA A 48 82.12 -2.10 -170.03
CA ALA A 48 80.78 -2.11 -169.48
C ALA A 48 80.07 -0.79 -169.75
N GLU A 49 80.84 0.26 -170.00
CA GLU A 49 80.28 1.59 -170.28
C GLU A 49 79.70 1.65 -171.70
N ARG A 50 80.07 0.68 -172.53
CA ARG A 50 79.58 0.63 -173.91
C ARG A 50 78.20 -0.03 -173.99
N CYS A 51 77.96 -0.99 -173.09
CA CYS A 51 76.68 -1.69 -173.05
C CYS A 51 75.71 -1.02 -172.08
N ASN A 52 74.43 -1.34 -172.22
CA ASN A 52 73.41 -0.76 -171.32
C ASN A 52 72.74 -1.83 -170.77
N GLU A 53 72.97 -2.37 -172.00
CA GLU A 53 72.21 -3.29 -171.43
C GLU A 53 72.37 -4.73 -170.68
N PRO A 54 72.63 -4.73 -169.23
CA PRO A 54 72.79 -6.04 -169.75
C PRO A 54 72.31 -7.25 -169.06
N ALA A 55 73.22 -8.19 -168.74
CA ALA A 55 72.83 -9.41 -168.04
C ALA A 55 73.82 -9.76 -166.94
N VAL A 56 73.52 -10.81 -166.19
CA VAL A 56 74.40 -11.29 -165.09
C VAL A 56 74.85 -10.46 -163.88
N TRP A 57 73.89 -10.03 -163.08
CA TRP A 57 74.09 -9.03 -162.03
C TRP A 57 74.04 -9.61 -160.64
N SER A 58 73.30 -10.69 -160.48
CA SER A 58 73.19 -11.36 -159.19
C SER A 58 74.21 -12.50 -159.06
N GLN A 59 74.59 -13.07 -160.20
CA GLN A 59 75.57 -14.15 -160.21
C GLN A 59 76.99 -13.63 -160.37
N LEU A 60 77.11 -12.42 -160.91
CA LEU A 60 78.42 -11.79 -161.11
C LEU A 60 78.95 -11.20 -159.81
N ALA A 61 78.04 -10.82 -158.92
CA ALA A 61 78.41 -10.24 -157.63
C ALA A 61 78.86 -11.32 -156.66
N LYS A 62 78.39 -12.54 -156.88
CA LYS A 62 78.77 -13.66 -156.01
C LYS A 62 80.12 -14.25 -156.42
N ALA A 63 80.46 -14.12 -157.70
CA ALA A 63 81.72 -14.64 -158.21
C ALA A 63 82.82 -13.58 -158.14
N GLN A 64 82.43 -12.32 -158.28
CA GLN A 64 83.38 -11.21 -158.23
C GLN A 64 83.61 -10.75 -156.79
N LEU A 65 82.91 -11.37 -155.85
CA LEU A 65 83.04 -11.03 -154.44
C LEU A 65 83.79 -12.12 -153.68
N GLN A 66 83.90 -13.31 -154.28
CA GLN A 66 84.60 -14.42 -153.66
C GLN A 66 85.93 -14.70 -154.35
N LYS A 67 86.14 -14.05 -155.50
CA LYS A 67 87.38 -14.23 -156.26
C LYS A 67 88.02 -12.87 -156.58
N GLY A 68 88.89 -12.42 -155.68
CA GLY A 68 89.58 -11.15 -155.87
C GLY A 68 88.72 -9.96 -155.47
N MET A 69 89.30 -9.04 -154.71
CA MET A 69 88.58 -7.85 -154.26
C MET A 69 88.15 -6.98 -155.44
N VAL A 70 86.84 -6.80 -155.59
CA VAL A 70 86.30 -5.98 -156.67
C VAL A 70 85.00 -5.32 -156.22
N LYS A 71 83.97 -6.12 -156.01
CA LYS A 71 82.65 -5.61 -155.55
C LYS A 71 82.37 -4.10 -155.46
N GLU A 72 83.24 -3.41 -154.71
CA GLU A 72 83.24 -1.96 -154.66
C GLU A 72 83.21 -1.37 -156.08
N ALA A 73 83.85 -2.07 -157.02
CA ALA A 73 83.88 -1.62 -158.41
C ALA A 73 82.80 -2.32 -159.23
N ILE A 74 82.69 -3.64 -159.06
CA ILE A 74 81.69 -4.42 -159.77
C ILE A 74 80.29 -4.21 -159.19
N ASP A 75 80.22 -3.44 -158.10
CA ASP A 75 78.94 -3.17 -157.45
C ASP A 75 78.63 -1.67 -157.47
N SER A 76 79.47 -0.91 -158.17
CA SER A 76 79.29 0.54 -158.27
C SER A 76 79.23 0.98 -159.74
N TYR A 77 78.96 0.03 -160.63
CA TYR A 77 78.88 0.34 -162.06
C TYR A 77 77.89 -0.60 -162.76
N ILE A 78 77.02 -1.23 -161.97
CA ILE A 78 76.03 -2.10 -162.51
C ILE A 78 74.63 -2.06 -161.82
N LYS A 79 74.59 -1.73 -160.56
CA LYS A 79 73.32 -2.35 -159.91
C LYS A 79 72.26 -3.15 -160.84
N ALA A 80 71.80 -2.37 -161.82
CA ALA A 80 70.91 -2.81 -162.88
C ALA A 80 69.74 -3.75 -162.54
N ASP A 81 69.27 -3.67 -161.29
CA ASP A 81 68.01 -4.32 -160.89
C ASP A 81 68.45 -5.74 -160.69
N ASP A 82 68.13 -6.20 -159.49
CA ASP A 82 68.82 -7.39 -158.89
C ASP A 82 70.19 -6.71 -158.88
N PRO A 83 70.99 -7.01 -157.81
CA PRO A 83 70.35 -7.64 -156.61
C PRO A 83 69.66 -7.09 -155.37
N SER A 84 68.35 -6.77 -155.23
CA SER A 84 68.10 -6.33 -153.86
C SER A 84 67.93 -7.53 -152.93
N SER A 85 68.04 -7.27 -151.62
CA SER A 85 67.89 -8.33 -150.62
C SER A 85 66.62 -9.15 -150.88
N TYR A 86 66.68 -10.43 -150.53
CA TYR A 86 67.87 -11.02 -149.92
C TYR A 86 68.90 -11.41 -150.96
N MET A 87 70.16 -11.49 -150.55
CA MET A 87 70.53 -11.24 -149.16
C MET A 87 72.05 -11.14 -148.99
N GLU A 88 72.78 -12.00 -149.68
CA GLU A 88 74.27 -12.04 -149.64
C GLU A 88 75.13 -10.81 -149.90
N VAL A 89 75.06 -10.33 -151.15
CA VAL A 89 75.65 -9.05 -151.55
C VAL A 89 74.94 -7.89 -150.82
N VAL A 90 73.61 -7.89 -150.83
CA VAL A 90 72.83 -6.85 -150.17
C VAL A 90 73.38 -6.54 -148.78
N GLN A 91 73.19 -7.47 -147.85
CA GLN A 91 73.66 -7.29 -146.47
C GLN A 91 75.15 -6.95 -146.44
N ALA A 92 75.95 -7.75 -147.16
CA ALA A 92 77.40 -7.54 -147.21
C ALA A 92 77.73 -6.06 -147.36
N ALA A 93 77.15 -5.41 -148.37
CA ALA A 93 77.39 -4.00 -148.62
C ALA A 93 76.67 -3.12 -147.61
N ASN A 94 77.40 -2.67 -146.60
CA ASN A 94 76.84 -1.81 -145.55
C ASN A 94 77.83 -1.57 -144.42
N THR A 95 78.40 -2.64 -143.88
CA THR A 95 79.36 -2.53 -142.79
C THR A 95 80.67 -1.91 -143.26
N SER A 96 81.26 -2.50 -144.30
CA SER A 96 82.54 -2.01 -144.86
C SER A 96 82.79 -0.64 -144.90
N GLY A 97 81.84 -0.46 -145.76
CA GLY A 97 81.81 0.88 -145.87
C GLY A 97 81.16 1.35 -147.12
N ASN A 98 80.22 0.55 -147.61
CA ASN A 98 79.50 0.87 -148.83
C ASN A 98 78.14 1.45 -148.44
N TRP A 99 78.10 2.75 -148.14
CA TRP A 99 76.86 3.44 -147.84
C TRP A 99 76.29 4.10 -149.10
N GLU A 100 76.82 5.27 -149.44
CA GLU A 100 76.43 6.03 -150.66
C GLU A 100 75.85 5.35 -151.91
N GLU A 101 76.43 4.21 -152.24
CA GLU A 101 75.90 3.30 -153.26
C GLU A 101 74.94 2.31 -152.59
N LEU A 102 75.18 2.00 -151.32
CA LEU A 102 74.34 1.07 -150.57
C LEU A 102 72.90 1.57 -150.50
N VAL A 103 72.73 2.82 -150.07
CA VAL A 103 71.41 3.43 -149.96
C VAL A 103 70.68 3.41 -151.31
N LYS A 104 71.44 3.53 -152.39
CA LYS A 104 70.88 3.51 -153.74
C LYS A 104 70.50 2.09 -154.17
N TYR A 105 71.26 1.11 -153.69
CA TYR A 105 71.01 -0.28 -154.01
C TYR A 105 69.59 -0.69 -153.62
N LEU A 106 69.03 0.01 -152.63
CA LEU A 106 67.68 -0.28 -152.17
C LEU A 106 66.64 0.48 -152.99
N GLN A 107 67.03 1.64 -153.52
CA GLN A 107 66.14 2.45 -154.34
C GLN A 107 65.30 1.59 -155.28
N MET A 108 65.90 0.50 -155.76
CA MET A 108 65.21 -0.41 -156.66
C MET A 108 64.47 -1.50 -155.90
N ALA A 109 64.84 -1.70 -154.64
CA ALA A 109 64.23 -2.71 -153.77
C ALA A 109 62.71 -2.80 -153.79
N ARG A 110 62.06 -1.91 -153.02
CA ARG A 110 60.61 -1.81 -153.01
C ARG A 110 60.06 -1.71 -154.44
N LYS A 111 60.96 -1.46 -155.39
CA LYS A 111 60.54 -1.34 -156.76
C LYS A 111 60.09 -2.82 -157.79
N LYS A 112 58.91 -3.24 -158.44
CA LYS A 112 58.95 -4.73 -159.15
C LYS A 112 59.54 -5.51 -157.95
N ALA A 113 58.93 -5.31 -156.78
CA ALA A 113 59.36 -6.02 -155.57
C ALA A 113 58.73 -5.39 -154.33
N ARG A 114 58.18 -6.25 -153.47
CA ARG A 114 57.55 -5.81 -152.26
C ARG A 114 56.75 -6.98 -151.51
N GLU A 115 57.45 -7.93 -150.83
CA GLU A 115 57.02 -8.96 -149.79
C GLU A 115 58.09 -8.97 -148.66
N SER A 116 57.87 -9.82 -147.66
CA SER A 116 58.78 -9.98 -146.52
C SER A 116 60.01 -10.72 -147.00
N TYR A 117 60.90 -11.03 -146.07
CA TYR A 117 62.22 -11.59 -146.37
C TYR A 117 62.98 -10.79 -147.48
N VAL A 118 62.25 -10.01 -148.27
CA VAL A 118 62.79 -9.16 -149.35
C VAL A 118 62.58 -7.65 -149.11
N GLU A 119 61.38 -7.27 -148.65
CA GLU A 119 61.11 -5.90 -148.17
C GLU A 119 61.38 -5.88 -146.65
N THR A 120 60.89 -6.88 -145.89
CA THR A 120 61.16 -6.91 -144.45
C THR A 120 62.67 -6.92 -144.36
N GLU A 121 63.31 -7.25 -145.48
CA GLU A 121 64.76 -7.26 -145.56
C GLU A 121 65.20 -5.84 -145.87
N LEU A 122 64.45 -5.14 -146.73
CA LEU A 122 64.80 -3.76 -147.03
C LEU A 122 64.71 -3.03 -145.70
N ILE A 123 63.64 -3.30 -144.96
CA ILE A 123 63.43 -2.70 -143.65
C ILE A 123 64.66 -3.03 -142.80
N PHE A 124 64.85 -4.33 -142.56
CA PHE A 124 65.98 -4.82 -141.78
C PHE A 124 67.24 -4.10 -142.27
N ALA A 125 67.49 -4.19 -143.58
CA ALA A 125 68.64 -3.56 -144.20
C ALA A 125 68.64 -2.06 -143.92
N LEU A 126 67.52 -1.39 -144.22
CA LEU A 126 67.40 0.04 -143.98
C LEU A 126 67.73 0.34 -142.52
N ALA A 127 67.15 -0.44 -141.62
CA ALA A 127 67.39 -0.27 -140.19
C ALA A 127 68.89 -0.07 -139.98
N LYS A 128 69.69 -0.82 -140.73
CA LYS A 128 71.14 -0.71 -140.62
C LYS A 128 71.87 0.01 -141.77
N THR A 129 71.20 1.00 -142.34
CA THR A 129 71.67 1.69 -143.54
C THR A 129 72.83 2.66 -143.42
N ASN A 130 72.70 3.60 -142.49
CA ASN A 130 73.69 4.62 -142.26
C ASN A 130 73.12 5.67 -141.33
N ARG A 131 72.76 6.80 -141.98
CA ARG A 131 72.52 8.11 -141.35
C ARG A 131 71.93 9.11 -142.35
N LEU A 132 72.42 9.11 -143.58
CA LEU A 132 71.96 10.03 -144.67
C LEU A 132 70.57 10.04 -145.32
N ALA A 133 70.11 8.85 -145.69
CA ALA A 133 68.73 8.59 -146.13
C ALA A 133 67.99 7.95 -144.91
N GLU A 134 68.61 8.00 -143.73
CA GLU A 134 68.03 7.46 -142.51
C GLU A 134 66.98 8.38 -141.91
N LEU A 135 66.36 9.20 -142.75
CA LEU A 135 65.33 10.15 -142.31
C LEU A 135 64.42 10.51 -143.47
N GLU A 136 64.55 9.75 -144.56
CA GLU A 136 63.73 9.98 -145.75
C GLU A 136 62.73 8.85 -145.90
N GLU A 137 63.08 7.67 -145.41
CA GLU A 137 62.21 6.51 -145.50
C GLU A 137 61.53 6.19 -144.16
N PHE A 138 62.06 6.75 -143.07
CA PHE A 138 61.46 6.52 -141.75
C PHE A 138 60.08 7.17 -141.76
N ILE A 139 59.66 7.63 -142.94
CA ILE A 139 58.40 8.34 -143.10
C ILE A 139 57.51 7.63 -144.13
N ASN A 140 58.09 6.72 -144.91
CA ASN A 140 57.35 5.99 -145.93
C ASN A 140 57.76 4.53 -146.01
N GLY A 141 57.88 3.90 -144.84
CA GLY A 141 58.27 2.50 -144.77
C GLY A 141 57.27 1.64 -144.02
N PRO A 142 56.16 1.33 -144.67
CA PRO A 142 55.10 0.51 -144.09
C PRO A 142 54.82 -0.75 -144.89
N ASN A 143 54.30 -0.56 -146.11
CA ASN A 143 53.97 -1.69 -146.99
C ASN A 143 53.86 -3.00 -146.23
N ASN A 144 52.64 -3.37 -145.89
CA ASN A 144 52.37 -4.65 -145.17
C ASN A 144 53.51 -5.62 -144.96
N ALA A 145 53.85 -5.90 -143.71
CA ALA A 145 54.90 -6.87 -143.39
C ALA A 145 54.79 -7.31 -141.93
N HIS A 146 55.76 -8.10 -141.49
CA HIS A 146 55.77 -8.56 -140.13
C HIS A 146 56.96 -7.56 -139.68
N ILE A 147 56.76 -6.22 -139.65
CA ILE A 147 57.51 -5.06 -139.00
C ILE A 147 57.83 -5.51 -137.55
N GLN A 148 57.47 -6.74 -137.21
CA GLN A 148 57.77 -7.29 -135.90
C GLN A 148 59.27 -7.25 -135.62
N GLN A 149 60.06 -7.10 -136.68
CA GLN A 149 61.52 -7.04 -136.54
C GLN A 149 62.00 -5.59 -136.58
N VAL A 150 61.18 -4.71 -137.14
CA VAL A 150 61.51 -3.29 -137.21
C VAL A 150 61.79 -2.83 -135.79
N GLY A 151 60.74 -2.80 -134.97
CA GLY A 151 60.90 -2.37 -133.59
C GLY A 151 62.04 -3.09 -132.88
N ASP A 152 62.12 -4.40 -133.04
CA ASP A 152 63.16 -5.19 -132.41
C ASP A 152 64.55 -4.76 -132.86
N ARG A 153 64.77 -4.76 -134.17
CA ARG A 153 66.06 -4.35 -134.72
C ARG A 153 66.32 -2.89 -134.39
N CYS A 154 65.28 -2.06 -134.52
CA CYS A 154 65.41 -0.64 -134.21
C CYS A 154 65.80 -0.51 -132.73
N TYR A 155 65.26 -1.41 -131.92
CA TYR A 155 65.56 -1.43 -130.49
C TYR A 155 66.99 -1.94 -130.32
N ASP A 156 67.43 -2.76 -131.25
CA ASP A 156 68.78 -3.31 -131.22
C ASP A 156 69.74 -2.29 -131.81
N GLU A 157 69.19 -1.42 -132.66
CA GLU A 157 69.97 -0.38 -133.31
C GLU A 157 69.25 0.94 -133.04
N LYS A 158 69.55 1.54 -131.89
CA LYS A 158 68.91 2.78 -131.46
C LYS A 158 69.34 4.12 -132.06
N MET A 159 68.34 4.80 -132.61
CA MET A 159 68.47 6.11 -133.17
C MET A 159 67.01 6.36 -132.74
N TYR A 160 66.86 7.37 -131.88
CA TYR A 160 65.56 7.90 -131.45
C TYR A 160 64.75 8.78 -132.44
N ASP A 161 65.40 9.32 -133.47
CA ASP A 161 64.69 10.19 -134.41
C ASP A 161 63.59 9.53 -135.23
N ALA A 162 63.43 8.21 -135.10
CA ALA A 162 62.41 7.50 -135.85
C ALA A 162 61.56 6.55 -135.01
N ALA A 163 61.78 6.56 -133.70
CA ALA A 163 61.02 5.69 -132.81
C ALA A 163 59.65 6.28 -132.47
N LYS A 164 59.26 7.27 -133.27
CA LYS A 164 58.02 7.97 -133.07
C LYS A 164 57.50 7.96 -134.50
N LEU A 165 58.19 8.63 -135.40
CA LEU A 165 57.72 8.85 -136.76
C LEU A 165 57.35 7.51 -137.36
N LEU A 166 57.57 6.46 -136.56
CA LEU A 166 57.25 5.09 -136.95
C LEU A 166 56.42 4.46 -135.83
N TYR A 167 56.80 4.73 -134.59
CA TYR A 167 56.08 4.20 -133.44
C TYR A 167 54.67 4.80 -133.41
N ASN A 168 54.49 5.88 -134.14
CA ASN A 168 53.18 6.55 -134.24
C ASN A 168 52.48 5.99 -135.48
N ASN A 169 52.93 4.81 -135.89
CA ASN A 169 52.39 4.08 -137.03
C ASN A 169 52.70 2.63 -136.70
N VAL A 170 53.07 2.39 -135.45
CA VAL A 170 53.46 1.06 -135.00
C VAL A 170 53.16 0.84 -133.52
N SER A 171 53.90 -0.06 -132.87
CA SER A 171 53.71 -0.34 -131.46
C SER A 171 55.00 -0.44 -130.38
N ASN A 172 55.15 -1.52 -129.30
CA ASN A 172 56.54 -1.72 -128.36
C ASN A 172 57.52 -0.98 -127.33
N PHE A 173 56.93 -0.19 -126.52
CA PHE A 173 57.25 1.00 -125.66
C PHE A 173 58.27 0.99 -124.65
N GLY A 174 58.27 -0.07 -123.83
CA GLY A 174 59.26 -0.21 -122.78
C GLY A 174 60.59 -0.35 -123.50
N ARG A 175 60.51 -1.01 -124.65
CA ARG A 175 61.65 -1.23 -125.52
C ARG A 175 61.87 0.08 -126.28
N LEU A 176 61.40 1.17 -125.68
CA LEU A 176 61.51 2.51 -126.22
C LEU A 176 62.10 3.41 -125.13
N ALA A 177 61.67 3.17 -123.90
CA ALA A 177 62.15 3.96 -122.77
C ALA A 177 63.38 3.36 -122.11
N SER A 178 64.15 2.57 -122.88
CA SER A 178 65.28 1.88 -122.31
C SER A 178 66.43 2.02 -123.32
N THR A 179 66.33 1.45 -124.50
CA THR A 179 67.37 1.56 -125.51
C THR A 179 67.69 2.88 -126.24
N LEU A 180 68.67 3.60 -125.71
CA LEU A 180 69.22 4.85 -126.16
C LEU A 180 69.04 5.54 -124.80
N VAL A 181 69.66 6.69 -124.62
CA VAL A 181 69.58 7.39 -123.34
C VAL A 181 69.27 8.77 -123.88
N HIS A 182 69.38 9.78 -123.03
CA HIS A 182 68.99 11.14 -123.39
C HIS A 182 67.47 10.86 -123.33
N LEU A 183 67.20 9.59 -123.04
CA LEU A 183 65.87 9.02 -122.95
C LEU A 183 65.27 9.28 -124.31
N GLY A 184 63.94 9.24 -124.39
CA GLY A 184 63.30 9.58 -125.64
C GLY A 184 63.11 11.06 -125.40
N GLU A 185 63.68 11.48 -124.27
CA GLU A 185 63.64 12.84 -123.76
C GLU A 185 62.30 13.12 -123.09
N TYR A 186 61.95 14.40 -123.03
CA TYR A 186 60.65 14.83 -122.52
C TYR A 186 59.68 14.61 -123.69
N GLN A 187 60.12 13.82 -124.65
CA GLN A 187 59.34 13.47 -125.84
C GLN A 187 58.80 12.05 -125.80
N ALA A 188 58.83 11.41 -124.62
CA ALA A 188 58.32 10.06 -124.53
C ALA A 188 57.32 9.80 -123.38
N ALA A 189 56.99 10.87 -122.66
CA ALA A 189 56.15 10.75 -121.47
C ALA A 189 54.71 11.11 -121.81
N VAL A 190 54.54 12.21 -122.55
CA VAL A 190 53.21 12.65 -122.92
C VAL A 190 52.45 11.57 -123.73
N ASP A 191 53.12 10.44 -123.93
CA ASP A 191 52.62 9.35 -124.77
C ASP A 191 53.15 8.02 -124.22
N GLY A 192 53.64 8.06 -122.99
CA GLY A 192 54.17 6.85 -122.36
C GLY A 192 53.32 6.33 -121.22
N ALA A 193 53.51 6.88 -120.03
CA ALA A 193 52.74 6.44 -118.86
C ALA A 193 51.26 6.73 -119.06
N ARG A 194 50.93 7.34 -120.19
CA ARG A 194 49.54 7.67 -120.52
C ARG A 194 48.67 6.41 -120.55
N LYS A 195 49.20 5.34 -121.14
CA LYS A 195 48.47 4.07 -121.23
C LYS A 195 48.70 3.21 -120.00
N ALA A 196 49.96 3.08 -119.60
CA ALA A 196 50.34 2.28 -118.44
C ALA A 196 50.44 0.83 -118.81
N ASN A 197 51.56 0.35 -118.39
CA ASN A 197 51.80 -0.99 -118.77
C ASN A 197 52.19 -1.83 -117.56
N SER A 198 52.90 -2.93 -117.81
CA SER A 198 53.32 -3.82 -116.74
C SER A 198 54.49 -3.22 -115.95
N THR A 199 54.45 -3.39 -114.63
CA THR A 199 55.49 -2.88 -113.73
C THR A 199 56.92 -3.31 -114.07
N ARG A 200 57.83 -2.33 -114.10
CA ARG A 200 59.20 -2.62 -114.64
C ARG A 200 59.42 -1.83 -115.94
N THR A 201 60.71 -1.58 -116.22
CA THR A 201 61.18 -0.57 -117.18
C THR A 201 61.14 0.79 -116.43
N TRP A 202 60.39 0.82 -115.33
CA TRP A 202 60.28 2.02 -114.51
C TRP A 202 61.25 1.92 -113.34
N LYS A 203 61.32 0.73 -112.72
CA LYS A 203 62.26 0.51 -111.64
C LYS A 203 63.64 0.88 -112.18
N GLU A 204 63.65 1.30 -113.45
CA GLU A 204 64.88 1.68 -114.15
C GLU A 204 64.92 3.18 -114.44
N VAL A 205 63.99 3.65 -115.23
CA VAL A 205 63.83 5.08 -115.67
C VAL A 205 64.00 6.40 -114.89
N CYS A 206 63.11 6.58 -113.91
CA CYS A 206 63.23 7.61 -112.86
C CYS A 206 64.29 7.12 -111.83
N PHE A 207 64.59 5.84 -111.80
CA PHE A 207 65.63 5.34 -110.90
C PHE A 207 66.82 6.04 -111.45
N ALA A 208 67.21 5.64 -112.67
CA ALA A 208 68.36 6.19 -113.35
C ALA A 208 68.31 7.72 -113.55
N CYS A 209 67.24 8.33 -113.05
CA CYS A 209 67.02 9.78 -113.23
C CYS A 209 67.59 10.69 -112.14
N VAL A 210 67.14 10.47 -110.91
CA VAL A 210 67.62 11.20 -109.71
C VAL A 210 69.12 11.43 -109.53
N ASP A 211 69.90 10.38 -109.81
CA ASP A 211 71.36 10.50 -109.82
C ASP A 211 71.82 11.40 -110.97
N GLY A 212 71.34 11.12 -112.18
CA GLY A 212 71.70 11.92 -113.34
C GLY A 212 70.49 12.57 -113.99
N LYS A 213 70.68 13.76 -114.53
CA LYS A 213 69.60 14.50 -115.18
C LYS A 213 68.80 15.20 -114.09
N GLU A 214 69.35 16.29 -113.56
CA GLU A 214 68.67 17.09 -112.54
C GLU A 214 67.75 18.13 -113.20
N PHE A 215 67.10 17.73 -114.30
CA PHE A 215 66.17 18.61 -115.00
C PHE A 215 64.87 18.50 -114.24
N ARG A 216 64.84 17.51 -113.34
CA ARG A 216 63.66 17.22 -112.52
C ARG A 216 62.67 16.57 -113.48
N LEU A 217 63.19 15.78 -114.40
CA LEU A 217 62.36 15.03 -115.34
C LEU A 217 61.78 13.75 -114.71
N ALA A 218 61.96 13.59 -113.41
CA ALA A 218 61.50 12.38 -112.74
C ALA A 218 60.52 12.69 -111.62
N GLN A 219 59.78 13.78 -111.82
CA GLN A 219 58.75 14.23 -110.90
C GLN A 219 57.48 14.26 -111.74
N MET A 220 57.71 14.44 -113.04
CA MET A 220 56.63 14.45 -114.01
C MET A 220 56.42 12.96 -114.23
N CYS A 221 57.52 12.26 -114.48
CA CYS A 221 57.51 10.81 -114.70
C CYS A 221 57.18 10.13 -113.38
N GLY A 222 57.07 10.93 -112.32
CA GLY A 222 56.75 10.40 -111.00
C GLY A 222 55.31 9.94 -110.95
N LEU A 223 54.39 10.87 -110.69
CA LEU A 223 52.97 10.55 -110.63
C LEU A 223 52.62 9.87 -111.94
N HIS A 224 53.52 10.03 -112.90
CA HIS A 224 53.39 9.46 -114.24
C HIS A 224 53.41 7.94 -114.30
N ILE A 225 54.58 7.38 -113.95
CA ILE A 225 54.74 5.93 -113.88
C ILE A 225 53.97 5.30 -112.73
N VAL A 226 53.72 6.07 -111.67
CA VAL A 226 52.99 5.57 -110.51
C VAL A 226 51.56 5.17 -110.90
N VAL A 227 50.77 6.15 -111.36
CA VAL A 227 49.39 5.89 -111.75
C VAL A 227 49.02 4.43 -111.55
N HIS A 228 48.89 4.01 -110.29
CA HIS A 228 48.53 2.65 -109.96
C HIS A 228 47.61 2.60 -108.74
N ALA A 229 46.69 1.62 -108.74
CA ALA A 229 45.73 1.45 -107.66
C ALA A 229 46.48 0.40 -106.47
N ASP A 230 47.83 -0.05 -106.52
CA ASP A 230 48.64 -1.17 -105.56
C ASP A 230 50.17 -1.34 -105.62
N GLU A 231 50.83 -0.43 -106.34
CA GLU A 231 52.29 -0.47 -106.45
C GLU A 231 52.96 0.32 -105.33
N LEU A 232 54.27 0.53 -105.46
CA LEU A 232 55.03 1.30 -104.47
C LEU A 232 56.04 0.47 -103.67
N GLU A 233 56.15 -0.81 -103.99
CA GLU A 233 57.10 -1.69 -103.31
C GLU A 233 58.37 -1.80 -104.16
N GLU A 234 58.18 -2.02 -105.45
CA GLU A 234 59.25 -2.08 -106.42
C GLU A 234 59.83 -0.66 -106.49
N LEU A 235 59.03 0.31 -106.07
CA LEU A 235 59.39 1.72 -106.09
C LEU A 235 60.28 2.18 -104.93
N ILE A 236 60.93 1.25 -104.23
CA ILE A 236 61.79 1.65 -103.10
C ILE A 236 63.16 0.96 -103.00
N ASN A 237 63.84 0.84 -104.13
CA ASN A 237 65.17 0.24 -104.23
C ASN A 237 65.68 0.92 -105.49
N TYR A 238 64.92 1.94 -105.86
CA TYR A 238 65.14 2.69 -107.07
C TYR A 238 65.15 4.20 -106.79
N TYR A 239 64.78 4.56 -105.57
CA TYR A 239 64.73 5.95 -105.13
C TYR A 239 65.55 6.10 -103.86
N GLN A 240 66.36 5.09 -103.56
CA GLN A 240 67.17 5.09 -102.35
C GLN A 240 68.67 4.93 -102.60
N ASP A 241 69.09 3.72 -102.98
CA ASP A 241 70.50 3.43 -103.24
C ASP A 241 71.25 4.56 -103.93
N ARG A 242 70.56 5.33 -104.78
CA ARG A 242 71.19 6.44 -105.48
C ARG A 242 70.89 7.79 -104.84
N GLY A 243 71.08 7.89 -103.53
CA GLY A 243 70.85 9.14 -102.82
C GLY A 243 69.67 9.97 -103.29
N TYR A 244 68.50 9.77 -102.67
CA TYR A 244 67.30 10.51 -103.03
C TYR A 244 66.81 11.44 -101.93
N PHE A 245 65.60 11.19 -101.45
CA PHE A 245 65.02 11.96 -100.35
C PHE A 245 64.35 13.23 -100.85
N GLU A 246 64.59 14.35 -100.15
CA GLU A 246 64.00 15.62 -100.53
C GLU A 246 63.00 15.38 -101.66
N GLU A 247 63.52 15.27 -102.88
CA GLU A 247 62.66 15.08 -104.05
C GLU A 247 61.69 13.92 -103.83
N LEU A 248 62.08 12.96 -103.00
CA LEU A 248 61.25 11.81 -102.69
C LEU A 248 60.25 12.14 -101.59
N ILE A 249 60.69 12.93 -100.61
CA ILE A 249 59.82 13.33 -99.50
C ILE A 249 58.94 14.51 -99.92
N THR A 250 58.90 14.78 -101.23
CA THR A 250 58.10 15.87 -101.76
C THR A 250 57.20 15.41 -102.93
N MET A 251 57.31 14.13 -103.28
CA MET A 251 56.51 13.58 -104.38
C MET A 251 55.21 13.04 -103.79
N LEU A 252 55.35 12.20 -102.76
CA LEU A 252 54.20 11.62 -102.07
C LEU A 252 53.31 12.80 -101.70
N GLU A 253 53.94 13.96 -101.60
CA GLU A 253 53.26 15.21 -101.28
C GLU A 253 52.06 15.43 -102.18
N ALA A 254 51.93 14.64 -103.23
CA ALA A 254 50.81 14.79 -104.16
C ALA A 254 50.07 13.49 -104.37
N ALA A 255 50.82 12.42 -104.57
CA ALA A 255 50.27 11.09 -104.79
C ALA A 255 49.23 10.71 -103.73
N LEU A 256 49.37 11.27 -102.54
CA LEU A 256 48.45 10.96 -101.44
C LEU A 256 47.11 11.70 -101.56
N GLY A 257 47.06 12.73 -102.39
CA GLY A 257 45.83 13.48 -102.57
C GLY A 257 45.01 13.00 -103.75
N LEU A 258 45.64 12.18 -104.60
CA LEU A 258 44.99 11.63 -105.78
C LEU A 258 43.72 10.89 -105.40
N GLU A 259 42.87 10.60 -106.39
CA GLU A 259 41.64 9.91 -106.09
C GLU A 259 41.87 8.43 -105.69
N ARG A 260 43.16 8.05 -105.76
CA ARG A 260 43.57 6.63 -105.69
C ARG A 260 44.65 6.37 -104.65
N ALA A 261 44.55 7.07 -103.52
CA ALA A 261 45.55 6.98 -102.46
C ALA A 261 45.28 5.78 -101.55
N HIS A 262 46.34 5.08 -101.18
CA HIS A 262 46.22 3.90 -100.31
C HIS A 262 46.89 4.07 -98.94
N MET A 263 47.20 2.94 -98.31
CA MET A 263 47.82 2.94 -96.98
C MET A 263 49.35 3.07 -97.00
N GLY A 264 50.01 2.24 -97.80
CA GLY A 264 51.46 2.27 -97.89
C GLY A 264 52.08 3.66 -97.93
N MET A 265 51.48 4.56 -98.70
CA MET A 265 51.96 5.92 -98.85
C MET A 265 52.30 6.57 -97.50
N PHE A 266 51.24 6.92 -96.77
CA PHE A 266 51.38 7.56 -95.46
C PHE A 266 52.45 6.87 -94.63
N THR A 267 52.43 5.54 -94.64
CA THR A 267 53.39 4.73 -93.88
C THR A 267 54.84 5.05 -94.25
N GLU A 268 55.23 4.67 -95.47
CA GLU A 268 56.59 4.91 -95.94
C GLU A 268 56.95 6.38 -95.77
N LEU A 269 55.97 7.25 -96.01
CA LEU A 269 56.16 8.70 -95.87
C LEU A 269 56.75 9.01 -94.50
N ALA A 270 56.33 8.23 -93.51
CA ALA A 270 56.82 8.41 -92.14
C ALA A 270 58.27 7.98 -92.00
N ILE A 271 58.64 6.89 -92.65
CA ILE A 271 60.02 6.38 -92.60
C ILE A 271 60.98 7.52 -92.94
N LEU A 272 60.46 8.55 -93.60
CA LEU A 272 61.24 9.71 -93.99
C LEU A 272 61.13 10.76 -92.89
N TYR A 273 59.90 11.17 -92.57
CA TYR A 273 59.65 12.15 -91.53
C TYR A 273 60.33 11.75 -90.22
N SER A 274 60.65 10.47 -90.09
CA SER A 274 61.28 9.86 -88.88
C SER A 274 62.63 10.05 -88.17
N LYS A 275 63.65 9.52 -88.84
CA LYS A 275 65.05 9.75 -88.60
C LYS A 275 65.15 10.49 -89.96
N PHE A 276 64.77 11.77 -89.92
CA PHE A 276 65.16 12.88 -90.83
C PHE A 276 64.50 14.18 -90.30
N LYS A 277 63.53 14.68 -91.04
CA LYS A 277 62.82 15.91 -90.64
C LYS A 277 61.94 15.68 -89.42
N PRO A 278 62.40 16.11 -88.23
CA PRO A 278 61.62 15.93 -87.01
C PRO A 278 60.32 16.75 -87.11
N GLN A 279 60.38 17.97 -86.57
CA GLN A 279 59.27 18.93 -86.58
C GLN A 279 57.96 18.43 -87.22
N LYS A 280 57.89 18.53 -88.55
CA LYS A 280 56.72 18.13 -89.31
C LYS A 280 56.24 16.70 -89.01
N MET A 281 57.18 15.81 -88.73
CA MET A 281 56.85 14.42 -88.44
C MET A 281 55.59 14.26 -87.58
N ARG A 282 55.42 15.14 -86.59
CA ARG A 282 54.21 15.07 -85.75
C ARG A 282 53.04 15.56 -86.59
N GLU A 283 53.25 16.71 -87.24
CA GLU A 283 52.26 17.34 -88.10
C GLU A 283 51.48 16.26 -88.85
N HIS A 284 52.22 15.34 -89.46
CA HIS A 284 51.66 14.21 -90.24
C HIS A 284 50.75 13.25 -89.48
N LEU A 285 51.37 12.51 -88.55
CA LEU A 285 50.66 11.55 -87.71
C LEU A 285 49.31 12.08 -87.19
N GLU A 286 49.37 13.18 -86.45
CA GLU A 286 48.16 13.80 -85.89
C GLU A 286 47.05 13.84 -86.93
N LEU A 287 47.44 13.83 -88.20
CA LEU A 287 46.49 13.87 -89.31
C LEU A 287 46.17 12.47 -89.82
N PHE A 288 47.22 11.78 -90.25
CA PHE A 288 47.09 10.45 -90.82
C PHE A 288 47.54 9.36 -89.86
N TRP A 289 46.64 8.94 -88.98
CA TRP A 289 46.95 7.88 -88.01
C TRP A 289 46.17 6.60 -88.33
N SER A 290 44.97 6.76 -88.89
CA SER A 290 44.14 5.62 -89.25
C SER A 290 44.73 4.89 -90.46
N ARG A 291 44.93 5.64 -91.53
CA ARG A 291 45.47 5.10 -92.77
C ARG A 291 46.99 4.92 -92.66
N VAL A 292 47.41 3.89 -91.92
CA VAL A 292 48.84 3.63 -91.74
C VAL A 292 49.14 2.44 -90.83
N ASN A 293 50.34 1.89 -90.97
CA ASN A 293 50.81 0.76 -90.17
C ASN A 293 51.28 1.33 -88.83
N ILE A 294 51.57 0.46 -87.87
CA ILE A 294 52.03 0.92 -86.57
C ILE A 294 53.19 0.12 -85.96
N PRO A 295 53.16 -1.22 -86.07
CA PRO A 295 54.26 -2.01 -85.49
C PRO A 295 55.59 -1.70 -86.17
N LYS A 296 55.60 -1.75 -87.50
CA LYS A 296 56.80 -1.47 -88.28
C LYS A 296 57.30 -0.05 -88.00
N VAL A 297 56.37 0.90 -88.02
CA VAL A 297 56.70 2.31 -87.79
C VAL A 297 57.52 2.50 -86.52
N LEU A 298 57.22 1.73 -85.48
CA LEU A 298 57.94 1.84 -84.21
C LEU A 298 59.44 1.55 -84.32
N ARG A 299 59.86 0.87 -85.38
CA ARG A 299 61.28 0.59 -85.55
C ARG A 299 61.81 1.58 -86.57
N ALA A 300 61.02 2.65 -86.72
CA ALA A 300 61.32 3.78 -87.59
C ALA A 300 61.02 4.95 -86.66
N ALA A 301 60.39 4.59 -85.53
CA ALA A 301 60.03 5.53 -84.48
C ALA A 301 61.08 5.41 -83.39
N GLU A 302 61.28 4.20 -82.86
CA GLU A 302 62.30 4.01 -81.83
C GLU A 302 63.63 4.15 -82.57
N GLN A 303 63.53 4.22 -83.90
CA GLN A 303 64.66 4.39 -84.80
C GLN A 303 64.76 5.90 -85.05
N ALA A 304 63.94 6.64 -84.32
CA ALA A 304 63.91 8.06 -84.36
C ALA A 304 63.22 7.98 -82.98
N HIS A 305 63.87 8.63 -82.01
CA HIS A 305 63.34 8.94 -80.67
C HIS A 305 62.45 10.22 -80.62
N LEU A 306 61.51 10.32 -81.56
CA LEU A 306 60.60 11.47 -81.62
C LEU A 306 59.51 11.35 -80.56
N TRP A 307 59.89 10.95 -79.37
CA TRP A 307 58.98 10.81 -78.18
C TRP A 307 57.66 11.58 -78.02
N ALA A 308 57.72 12.86 -78.37
CA ALA A 308 56.54 13.72 -78.52
C ALA A 308 55.50 13.01 -79.42
N GLU A 309 55.92 12.60 -80.61
CA GLU A 309 55.02 11.91 -81.53
C GLU A 309 55.04 10.40 -81.28
N LEU A 310 56.23 9.87 -81.01
CA LEU A 310 56.38 8.43 -80.74
C LEU A 310 55.44 7.98 -79.64
N VAL A 311 55.15 8.88 -78.70
CA VAL A 311 54.27 8.58 -77.59
C VAL A 311 52.80 8.57 -78.04
N PHE A 312 52.40 9.63 -78.75
CA PHE A 312 51.03 9.74 -79.26
C PHE A 312 50.63 8.46 -80.00
N LEU A 313 51.58 7.89 -80.74
CA LEU A 313 51.34 6.66 -81.48
C LEU A 313 50.83 5.61 -80.49
N TYR A 314 51.66 5.29 -79.50
CA TYR A 314 51.29 4.31 -78.48
C TYR A 314 49.90 4.64 -77.93
N ASP A 315 49.70 5.92 -77.63
CA ASP A 315 48.41 6.40 -77.09
C ASP A 315 47.18 5.91 -77.84
N LYS A 316 47.04 6.36 -79.09
CA LYS A 316 45.93 5.92 -79.93
C LYS A 316 46.05 4.41 -80.18
N TYR A 317 47.28 3.92 -80.22
CA TYR A 317 47.54 2.50 -80.43
C TYR A 317 46.93 1.79 -79.22
N GLU A 318 46.76 2.56 -78.14
CA GLU A 318 46.19 2.07 -76.89
C GLU A 318 47.24 1.26 -76.11
N GLU A 319 48.50 1.44 -76.47
CA GLU A 319 49.60 0.74 -75.80
C GLU A 319 50.15 1.63 -74.68
N TYR A 320 49.26 2.26 -73.93
CA TYR A 320 49.61 3.11 -72.76
C TYR A 320 50.79 2.79 -71.84
N ASP A 321 50.83 1.53 -71.39
CA ASP A 321 51.98 0.98 -70.67
C ASP A 321 53.29 1.50 -71.26
N ASN A 322 53.37 1.58 -72.58
CA ASN A 322 54.57 2.07 -73.26
C ASN A 322 54.53 3.58 -73.46
N ALA A 323 53.36 4.10 -73.85
CA ALA A 323 53.19 5.54 -74.05
C ALA A 323 53.57 6.24 -72.75
N ILE A 324 53.05 5.72 -71.65
CA ILE A 324 53.34 6.27 -70.32
C ILE A 324 54.84 6.23 -70.05
N ILE A 325 55.47 5.11 -70.40
CA ILE A 325 56.90 4.92 -70.20
C ILE A 325 57.70 5.99 -70.95
N THR A 326 57.15 6.44 -72.08
CA THR A 326 57.83 7.45 -72.90
C THR A 326 57.96 8.79 -72.17
N MET A 327 57.48 8.84 -70.94
CA MET A 327 57.57 10.05 -70.12
C MET A 327 58.34 9.73 -68.84
N MET A 328 59.14 8.67 -68.90
CA MET A 328 59.94 8.24 -67.75
C MET A 328 61.41 8.54 -68.00
N ASN A 329 61.85 8.31 -69.24
CA ASN A 329 63.24 8.57 -69.64
C ASN A 329 63.20 9.62 -70.74
N HIS A 330 62.04 10.28 -70.88
CA HIS A 330 61.87 11.30 -71.92
C HIS A 330 60.94 12.40 -71.41
N PRO A 331 61.25 12.98 -70.22
CA PRO A 331 60.44 14.05 -69.62
C PRO A 331 60.14 15.23 -70.53
N THR A 332 61.08 16.19 -70.59
CA THR A 332 60.85 17.38 -71.35
C THR A 332 60.19 17.23 -72.75
N ASP A 333 60.32 16.03 -73.30
CA ASP A 333 60.14 15.71 -74.72
C ASP A 333 58.74 15.44 -75.17
N ALA A 334 57.99 14.67 -74.39
CA ALA A 334 56.61 14.35 -74.72
C ALA A 334 55.64 14.63 -73.58
N TRP A 335 56.14 14.60 -72.36
CA TRP A 335 55.32 14.85 -71.17
C TRP A 335 54.43 16.08 -71.38
N LYS A 336 53.27 16.07 -70.73
CA LYS A 336 52.33 17.18 -70.82
C LYS A 336 51.46 17.30 -69.57
N GLU A 337 52.09 17.68 -68.46
CA GLU A 337 51.38 17.82 -67.20
C GLU A 337 50.32 16.73 -67.02
N GLY A 338 49.08 17.04 -67.37
CA GLY A 338 47.99 16.09 -67.25
C GLY A 338 47.99 15.06 -68.36
N GLN A 339 48.67 15.38 -69.46
CA GLN A 339 48.75 14.47 -70.61
C GLN A 339 49.11 13.07 -70.13
N PHE A 340 49.85 13.01 -69.03
CA PHE A 340 50.29 11.74 -68.43
C PHE A 340 49.18 11.20 -67.52
N LYS A 341 48.28 12.09 -67.11
CA LYS A 341 47.17 11.74 -66.22
C LYS A 341 46.04 10.86 -66.80
N ASP A 342 45.82 10.93 -68.11
CA ASP A 342 44.73 10.17 -68.70
C ASP A 342 45.11 8.87 -69.42
N ILE A 343 46.36 8.45 -69.28
CA ILE A 343 46.82 7.22 -69.92
C ILE A 343 46.86 6.08 -68.90
N ILE A 344 47.55 6.33 -67.80
CA ILE A 344 47.73 5.36 -66.72
C ILE A 344 46.47 4.55 -66.36
N THR A 345 45.33 5.23 -66.23
CA THR A 345 44.07 4.59 -65.88
C THR A 345 43.67 3.45 -66.82
N LYS A 346 44.17 3.47 -68.04
CA LYS A 346 43.82 2.42 -69.01
C LYS A 346 44.89 1.33 -69.14
N VAL A 347 45.66 1.12 -68.09
CA VAL A 347 46.71 0.09 -68.08
C VAL A 347 46.26 -1.05 -67.18
N ALA A 348 46.76 -2.25 -67.44
CA ALA A 348 46.39 -3.43 -66.64
C ALA A 348 47.40 -3.71 -65.53
N ASN A 349 48.61 -3.16 -65.68
CA ASN A 349 49.67 -3.34 -64.70
C ASN A 349 49.77 -2.10 -63.81
N VAL A 350 49.56 -2.30 -62.51
CA VAL A 350 49.61 -1.19 -61.55
C VAL A 350 51.02 -0.85 -61.07
N GLU A 351 51.99 -1.68 -61.45
CA GLU A 351 53.38 -1.48 -61.03
C GLU A 351 53.92 -0.14 -61.54
N LEU A 352 53.77 0.10 -62.84
CA LEU A 352 54.26 1.33 -63.44
C LEU A 352 53.95 2.55 -62.57
N TYR A 353 52.76 2.58 -61.99
CA TYR A 353 52.34 3.69 -61.15
C TYR A 353 53.37 4.00 -60.06
N TYR A 354 53.55 3.06 -59.14
CA TYR A 354 54.51 3.21 -58.04
C TYR A 354 55.86 3.82 -58.42
N ARG A 355 56.51 3.24 -59.43
CA ARG A 355 57.76 3.80 -59.92
C ARG A 355 57.42 5.17 -60.50
N ALA A 356 56.20 5.31 -61.02
CA ALA A 356 55.75 6.57 -61.58
C ALA A 356 55.74 7.65 -60.50
N ILE A 357 55.08 7.37 -59.38
CA ILE A 357 55.02 8.33 -58.30
C ILE A 357 56.39 9.05 -58.29
N GLN A 358 57.43 8.31 -58.69
CA GLN A 358 58.79 8.81 -58.64
C GLN A 358 58.99 10.05 -59.48
N PHE A 359 58.75 9.89 -60.79
CA PHE A 359 58.87 11.01 -61.72
C PHE A 359 58.01 12.19 -61.26
N TYR A 360 57.01 11.91 -60.45
CA TYR A 360 56.08 12.93 -59.94
C TYR A 360 56.00 13.17 -58.43
N LEU A 361 55.99 12.08 -57.67
CA LEU A 361 56.10 12.13 -56.21
C LEU A 361 57.56 12.23 -55.80
N GLU A 362 58.41 11.38 -56.39
CA GLU A 362 59.83 11.40 -56.08
C GLU A 362 60.35 12.82 -55.97
N PHE A 363 60.18 13.60 -57.04
CA PHE A 363 60.62 14.99 -57.04
C PHE A 363 59.47 15.93 -57.40
N LYS A 364 58.47 15.41 -58.11
CA LYS A 364 57.32 16.20 -58.52
C LYS A 364 56.35 16.43 -57.38
N PRO A 365 56.46 17.58 -56.71
CA PRO A 365 55.58 17.91 -55.58
C PRO A 365 54.15 18.33 -55.92
N LEU A 366 53.79 19.56 -55.54
CA LEU A 366 52.46 20.10 -55.82
C LEU A 366 52.00 19.60 -57.20
N LEU A 367 50.84 18.93 -57.22
CA LEU A 367 50.39 18.40 -58.51
C LEU A 367 50.91 16.99 -58.81
N LEU A 368 51.45 16.36 -57.79
CA LEU A 368 51.68 14.91 -57.67
C LEU A 368 50.46 14.36 -56.88
N ASN A 369 50.03 15.10 -55.86
CA ASN A 369 48.86 14.71 -55.07
C ASN A 369 47.61 14.73 -55.94
N ASP A 370 47.46 15.75 -56.78
CA ASP A 370 46.32 15.82 -57.68
C ASP A 370 46.49 14.56 -58.53
N LEU A 371 47.74 14.10 -58.59
CA LEU A 371 48.14 12.90 -59.31
C LEU A 371 47.57 11.69 -58.57
N LEU A 372 47.49 11.81 -57.25
CA LEU A 372 46.97 10.75 -56.39
C LEU A 372 45.45 10.62 -56.54
N MET A 373 44.82 11.65 -57.08
CA MET A 373 43.33 11.70 -57.29
C MET A 373 42.39 10.74 -58.03
N VAL A 374 42.49 10.84 -59.36
CA VAL A 374 41.98 9.84 -60.33
C VAL A 374 42.24 8.35 -60.03
N LEU A 375 43.51 7.99 -59.84
CA LEU A 375 43.94 6.64 -59.37
C LEU A 375 43.21 5.94 -58.22
N SER A 376 42.99 6.69 -57.14
CA SER A 376 42.15 6.25 -56.03
C SER A 376 41.78 4.79 -56.14
N PRO A 377 40.64 4.49 -56.78
CA PRO A 377 40.18 3.11 -56.95
C PRO A 377 41.22 2.24 -57.65
N ARG A 378 41.59 1.12 -57.00
CA ARG A 378 42.58 0.28 -57.67
C ARG A 378 44.05 0.66 -57.40
N LEU A 379 44.29 1.11 -56.21
CA LEU A 379 45.54 1.17 -55.42
C LEU A 379 45.23 0.36 -54.10
N ASP A 380 46.30 -0.03 -53.40
CA ASP A 380 46.17 -0.78 -52.15
C ASP A 380 46.46 0.10 -50.95
N HIS A 381 46.83 1.35 -51.20
CA HIS A 381 47.14 2.31 -50.14
C HIS A 381 48.22 1.75 -49.19
N THR A 382 48.03 0.51 -48.75
CA THR A 382 48.97 -0.13 -47.84
C THR A 382 50.39 -0.09 -48.39
N ARG A 383 50.51 -0.10 -49.71
CA ARG A 383 51.82 -0.08 -50.36
C ARG A 383 52.16 1.31 -50.89
N ALA A 384 51.77 2.34 -50.13
CA ALA A 384 52.06 3.72 -50.52
C ALA A 384 52.57 4.53 -49.33
N VAL A 385 51.71 4.71 -48.33
CA VAL A 385 52.09 5.47 -47.13
C VAL A 385 53.47 5.02 -46.65
N ASN A 386 53.79 3.74 -46.89
CA ASN A 386 55.08 3.19 -46.49
C ASN A 386 56.24 3.88 -47.20
N TYR A 387 56.04 4.20 -48.47
CA TYR A 387 57.07 4.87 -49.26
C TYR A 387 57.18 6.35 -48.90
N PHE A 388 56.12 6.87 -48.28
CA PHE A 388 56.10 8.28 -47.88
C PHE A 388 56.79 8.46 -46.53
N SER A 389 56.37 7.70 -45.53
CA SER A 389 56.97 7.76 -44.17
C SER A 389 58.49 7.74 -44.03
N LYS A 390 59.11 6.74 -44.64
CA LYS A 390 60.57 6.65 -44.73
C LYS A 390 61.06 7.61 -45.83
N VAL A 391 60.31 8.69 -46.06
CA VAL A 391 60.67 9.69 -47.06
C VAL A 391 60.81 11.07 -46.45
N LYS A 392 60.23 11.26 -45.26
CA LYS A 392 60.28 12.55 -44.57
C LYS A 392 59.50 13.59 -45.37
N GLN A 393 58.62 13.09 -46.26
CA GLN A 393 57.80 14.01 -47.04
C GLN A 393 56.28 13.79 -47.15
N LEU A 394 55.83 12.86 -46.31
CA LEU A 394 54.50 12.24 -46.35
C LEU A 394 53.35 13.22 -46.27
N PRO A 395 53.54 14.34 -45.52
CA PRO A 395 52.47 15.34 -45.38
C PRO A 395 51.91 15.95 -46.66
N LEU A 396 52.65 15.87 -47.77
CA LEU A 396 52.13 16.41 -49.01
C LEU A 396 50.81 15.69 -49.20
N VAL A 397 50.82 14.39 -48.91
CA VAL A 397 49.64 13.55 -49.03
C VAL A 397 48.55 13.94 -48.03
N LYS A 398 48.80 15.00 -47.27
CA LYS A 398 47.83 15.48 -46.28
C LYS A 398 46.43 15.44 -46.88
N PRO A 399 46.21 16.18 -47.98
CA PRO A 399 44.89 16.19 -48.63
C PRO A 399 44.62 14.86 -49.32
N TYR A 400 45.70 14.16 -49.69
CA TYR A 400 45.57 12.85 -50.32
C TYR A 400 44.85 11.96 -49.32
N LEU A 401 44.89 12.38 -48.06
CA LEU A 401 44.26 11.65 -46.97
C LEU A 401 42.87 12.23 -46.68
N ARG A 402 42.52 13.30 -47.39
CA ARG A 402 41.21 14.00 -47.22
C ARG A 402 39.90 13.33 -47.63
N SER A 403 39.71 13.23 -48.94
CA SER A 403 38.61 12.45 -49.52
C SER A 403 38.80 10.96 -49.20
N VAL A 404 40.02 10.57 -48.88
CA VAL A 404 40.38 9.20 -48.53
C VAL A 404 40.25 9.29 -47.01
N GLN A 405 40.75 8.22 -46.36
CA GLN A 405 40.43 7.94 -44.93
C GLN A 405 38.98 7.47 -44.78
N ASN A 406 38.43 6.73 -45.69
CA ASN A 406 37.06 6.26 -45.58
C ASN A 406 37.46 4.81 -45.62
N HIS A 407 38.65 4.54 -46.19
CA HIS A 407 39.16 3.17 -46.28
C HIS A 407 39.46 2.61 -44.88
N ASN A 408 39.35 3.46 -43.87
CA ASN A 408 39.59 3.05 -42.49
C ASN A 408 41.01 2.47 -42.31
N ASN A 409 41.78 2.47 -43.38
CA ASN A 409 43.18 1.98 -43.37
C ASN A 409 44.04 2.49 -42.22
N LYS A 410 45.00 1.65 -41.80
CA LYS A 410 45.80 1.92 -40.61
C LYS A 410 46.84 2.99 -40.83
N SER A 411 47.63 2.82 -41.89
CA SER A 411 48.68 3.78 -42.23
C SER A 411 48.09 5.19 -42.23
N VAL A 412 46.81 5.29 -42.58
CA VAL A 412 46.08 6.58 -42.62
C VAL A 412 45.88 7.34 -41.32
N ASN A 413 45.08 6.76 -40.43
CA ASN A 413 44.92 7.20 -39.03
C ASN A 413 46.30 7.22 -38.34
N GLU A 414 46.94 6.06 -38.26
CA GLU A 414 48.30 5.85 -37.66
C GLU A 414 49.47 6.85 -37.69
N SER A 415 49.76 7.30 -38.91
CA SER A 415 50.65 8.46 -39.14
C SER A 415 49.74 9.72 -39.16
N LEU A 416 48.54 9.57 -39.72
CA LEU A 416 47.58 10.68 -39.80
C LEU A 416 47.50 11.35 -38.44
N ASN A 417 47.40 10.54 -37.40
CA ASN A 417 47.34 11.04 -36.03
C ASN A 417 48.70 11.67 -35.75
N ASN A 418 49.75 10.89 -36.00
CA ASN A 418 51.13 11.34 -35.81
C ASN A 418 51.25 12.74 -36.42
N LEU A 419 50.49 12.97 -37.49
CA LEU A 419 50.49 14.25 -38.18
C LEU A 419 49.77 15.28 -37.31
N PHE A 420 48.48 15.06 -37.07
CA PHE A 420 47.68 15.97 -36.25
C PHE A 420 48.31 16.20 -34.88
N ILE A 421 49.25 15.33 -34.50
CA ILE A 421 49.93 15.44 -33.20
C ILE A 421 51.06 16.47 -33.13
N THR A 422 52.07 16.28 -33.98
CA THR A 422 53.17 17.23 -34.07
C THR A 422 52.69 18.53 -34.73
N GLU A 423 51.62 18.45 -35.52
CA GLU A 423 51.11 19.64 -36.19
C GLU A 423 50.20 20.45 -35.27
N GLU A 424 49.75 19.82 -34.19
CA GLU A 424 48.88 20.47 -33.18
C GLU A 424 47.41 20.51 -33.56
N ASP A 425 47.00 19.72 -34.54
CA ASP A 425 45.61 19.69 -34.95
C ASP A 425 44.77 18.82 -34.02
N TYR A 426 43.67 19.39 -33.52
CA TYR A 426 42.76 18.69 -32.62
C TYR A 426 41.37 18.57 -33.21
N GLN A 427 40.90 19.63 -33.87
CA GLN A 427 39.58 19.60 -34.52
C GLN A 427 39.56 18.41 -35.47
N ALA A 428 40.46 18.43 -36.44
CA ALA A 428 40.55 17.35 -37.41
C ALA A 428 40.87 16.04 -36.68
N LEU A 429 42.04 15.97 -36.06
CA LEU A 429 42.45 14.77 -35.34
C LEU A 429 41.29 14.13 -34.57
N ARG A 430 40.52 14.95 -33.85
CA ARG A 430 39.38 14.46 -33.10
C ARG A 430 38.37 13.84 -34.05
N THR A 431 38.02 14.59 -35.10
CA THR A 431 37.06 14.12 -36.10
C THR A 431 37.73 13.09 -37.00
N SER A 432 39.05 13.17 -37.10
CA SER A 432 39.84 12.26 -37.90
C SER A 432 39.71 10.87 -37.31
N ILE A 433 39.11 10.80 -36.12
CA ILE A 433 38.89 9.55 -35.43
C ILE A 433 37.49 9.48 -34.83
N ASP A 434 36.65 10.47 -35.14
CA ASP A 434 35.28 10.49 -34.62
C ASP A 434 34.42 9.43 -35.30
N ALA A 435 35.05 8.61 -36.14
CA ALA A 435 34.32 7.56 -36.84
C ALA A 435 35.25 6.37 -37.04
N TYR A 436 36.25 6.54 -37.89
CA TYR A 436 37.19 5.47 -38.24
C TYR A 436 38.04 5.06 -37.04
N ASP A 437 37.73 3.89 -36.47
CA ASP A 437 38.48 3.42 -35.30
C ASP A 437 39.62 2.41 -35.50
N ASN A 438 40.26 2.47 -36.67
CA ASN A 438 41.28 1.50 -37.05
C ASN A 438 42.66 2.02 -36.71
N PHE A 439 43.16 1.67 -35.53
CA PHE A 439 44.48 2.14 -35.10
C PHE A 439 44.96 1.50 -33.81
N ASP A 440 46.14 1.92 -33.36
CA ASP A 440 46.72 1.39 -32.13
C ASP A 440 46.29 2.21 -30.92
N ASN A 441 45.12 1.89 -30.38
CA ASN A 441 44.60 2.59 -29.22
C ASN A 441 45.52 2.28 -28.04
N ILE A 442 46.69 2.92 -28.04
CA ILE A 442 47.63 2.80 -26.93
C ILE A 442 48.79 3.79 -27.07
N SER A 443 49.94 3.30 -27.52
CA SER A 443 51.11 4.14 -27.70
C SER A 443 50.74 5.53 -28.21
N LEU A 444 49.74 5.58 -29.09
CA LEU A 444 49.27 6.85 -29.64
C LEU A 444 49.09 7.91 -28.55
N ALA A 445 48.40 7.54 -27.48
CA ALA A 445 48.16 8.45 -26.37
C ALA A 445 49.40 8.58 -25.49
N GLN A 446 50.41 7.77 -25.77
CA GLN A 446 51.65 7.79 -24.99
C GLN A 446 52.49 9.03 -25.34
N ARG A 447 52.50 9.39 -26.62
CA ARG A 447 53.25 10.55 -27.08
C ARG A 447 52.51 11.83 -26.74
N LEU A 448 51.19 11.73 -26.58
CA LEU A 448 50.35 12.88 -26.26
C LEU A 448 50.55 13.30 -24.80
N GLU A 449 50.59 12.33 -23.90
CA GLU A 449 50.77 12.60 -22.48
C GLU A 449 52.08 13.34 -22.25
N LYS A 450 53.09 13.01 -23.06
CA LYS A 450 54.40 13.63 -22.94
C LYS A 450 54.40 15.11 -23.35
N HIS A 451 53.21 15.66 -23.59
CA HIS A 451 53.09 17.04 -24.04
C HIS A 451 53.00 18.03 -22.89
N GLU A 452 52.98 19.31 -23.25
CA GLU A 452 52.86 20.40 -22.29
C GLU A 452 51.49 21.02 -22.54
N LEU A 453 51.15 21.11 -23.82
CA LEU A 453 49.89 21.66 -24.26
C LEU A 453 48.78 20.63 -24.06
N ILE A 454 48.11 20.72 -22.92
CA ILE A 454 47.04 19.80 -22.55
C ILE A 454 46.05 19.41 -23.65
N GLU A 455 45.97 20.16 -24.73
CA GLU A 455 45.03 19.82 -25.81
C GLU A 455 45.03 18.32 -26.03
N PHE A 456 46.21 17.74 -26.20
CA PHE A 456 46.34 16.31 -26.43
C PHE A 456 46.51 15.56 -25.12
N ARG A 457 46.91 16.27 -24.07
CA ARG A 457 47.04 15.67 -22.74
C ARG A 457 45.62 15.58 -22.20
N ARG A 458 44.72 16.24 -22.92
CA ARG A 458 43.30 16.30 -22.57
C ARG A 458 42.58 15.22 -23.38
N ILE A 459 43.07 14.99 -24.60
CA ILE A 459 42.48 13.99 -25.48
C ILE A 459 43.18 12.65 -25.24
N ALA A 460 44.47 12.69 -24.93
CA ALA A 460 45.21 11.47 -24.66
C ALA A 460 44.46 10.88 -23.47
N ALA A 461 43.91 11.79 -22.66
CA ALA A 461 43.13 11.41 -21.49
C ALA A 461 41.90 10.70 -22.04
N TYR A 462 41.26 11.31 -23.04
CA TYR A 462 40.08 10.72 -23.66
C TYR A 462 40.50 9.44 -24.37
N LEU A 463 41.36 9.59 -25.36
CA LEU A 463 41.90 8.47 -26.16
C LEU A 463 42.20 7.20 -25.39
N PHE A 464 42.82 7.35 -24.22
CA PHE A 464 43.05 6.22 -23.33
C PHE A 464 41.74 5.72 -22.69
N LYS A 465 40.84 6.63 -22.35
CA LYS A 465 39.57 6.24 -21.75
C LYS A 465 38.64 5.61 -22.79
N GLY A 466 38.47 6.30 -23.92
CA GLY A 466 37.61 5.82 -24.99
C GLY A 466 36.55 4.77 -24.66
N ASN A 467 35.32 5.24 -24.47
CA ASN A 467 34.21 4.32 -24.16
C ASN A 467 34.61 3.33 -23.08
N ASN A 468 35.64 3.67 -22.34
CA ASN A 468 36.05 2.95 -21.14
C ASN A 468 36.48 3.99 -20.10
N ARG A 469 35.52 4.46 -19.31
CA ARG A 469 35.73 5.47 -18.25
C ARG A 469 36.68 5.25 -17.08
N TRP A 470 36.90 3.99 -16.74
CA TRP A 470 37.83 3.60 -15.67
C TRP A 470 39.28 4.09 -15.80
N LYS A 471 39.85 3.98 -17.00
CA LYS A 471 41.21 4.50 -17.21
C LYS A 471 41.36 5.98 -16.85
N GLN A 472 40.69 6.84 -17.60
CA GLN A 472 40.73 8.30 -17.38
C GLN A 472 40.76 8.88 -15.97
N SER A 473 39.94 8.32 -15.09
CA SER A 473 39.92 8.70 -13.67
C SER A 473 41.05 8.06 -12.85
N VAL A 474 41.17 6.74 -12.92
CA VAL A 474 42.20 6.01 -12.17
C VAL A 474 43.62 6.43 -12.56
N GLU A 475 43.71 7.47 -13.39
CA GLU A 475 45.01 8.00 -13.82
C GLU A 475 44.99 9.53 -13.75
N LEU A 476 45.09 10.07 -12.53
CA LEU A 476 45.03 11.55 -12.28
C LEU A 476 46.05 12.48 -11.61
N CYS A 477 46.03 12.42 -10.28
CA CYS A 477 47.03 12.95 -9.38
C CYS A 477 46.91 14.46 -9.44
N LYS A 478 47.77 15.19 -8.81
CA LYS A 478 47.74 16.63 -8.77
C LYS A 478 47.34 17.15 -10.17
N LYS A 479 48.27 16.99 -11.11
CA LYS A 479 48.06 17.43 -12.48
C LYS A 479 46.82 16.77 -13.08
N ASP A 480 46.33 17.32 -14.18
CA ASP A 480 45.15 16.76 -14.85
C ASP A 480 44.01 16.48 -13.88
N SER A 481 44.08 17.07 -12.69
CA SER A 481 43.05 16.85 -11.72
C SER A 481 42.55 18.21 -12.21
N LEU A 482 41.42 18.16 -12.91
CA LEU A 482 40.60 19.34 -13.24
C LEU A 482 39.31 19.31 -12.39
N TYR A 483 39.12 20.36 -11.59
CA TYR A 483 37.94 20.46 -10.74
C TYR A 483 36.69 20.34 -11.61
N LYS A 484 36.90 20.26 -12.92
CA LYS A 484 35.79 20.21 -13.90
C LYS A 484 35.23 18.94 -14.55
N ASP A 485 35.95 18.46 -15.57
CA ASP A 485 35.65 17.18 -16.20
C ASP A 485 35.81 15.98 -15.25
N ALA A 486 36.54 16.17 -14.15
CA ALA A 486 36.75 15.10 -13.18
C ALA A 486 35.46 14.84 -12.41
N MET A 487 34.59 15.84 -12.36
CA MET A 487 33.31 15.74 -11.67
C MET A 487 32.22 15.30 -12.64
N GLN A 488 32.64 14.88 -13.83
CA GLN A 488 31.67 14.44 -14.84
C GLN A 488 32.00 13.09 -15.49
N TYR A 489 33.29 12.71 -15.51
CA TYR A 489 33.64 11.43 -16.12
C TYR A 489 33.46 10.23 -15.19
N ALA A 490 33.12 10.51 -13.94
CA ALA A 490 32.88 9.45 -12.96
C ALA A 490 31.45 8.95 -13.14
N SER A 491 30.52 9.89 -13.18
CA SER A 491 29.08 9.62 -13.37
C SER A 491 28.61 8.45 -14.23
N GLU A 492 29.15 8.39 -15.44
CA GLU A 492 28.88 7.29 -16.38
C GLU A 492 29.48 5.94 -15.94
N SER A 493 30.41 5.96 -14.99
CA SER A 493 31.05 4.74 -14.51
C SER A 493 30.05 3.67 -14.05
N LYS A 494 30.56 2.49 -13.74
CA LYS A 494 29.73 1.37 -13.28
C LYS A 494 30.38 0.66 -12.09
N ASP A 495 31.68 0.92 -11.89
CA ASP A 495 32.40 0.29 -10.80
C ASP A 495 32.13 1.03 -9.49
N THR A 496 30.85 1.33 -9.26
CA THR A 496 30.37 2.02 -8.07
C THR A 496 31.44 2.45 -7.07
N GLU A 497 31.94 1.48 -6.32
CA GLU A 497 32.96 1.69 -5.30
C GLU A 497 34.01 2.76 -5.65
N LEU A 498 34.33 2.89 -6.93
CA LEU A 498 35.30 3.87 -7.37
C LEU A 498 34.91 5.25 -6.85
N ALA A 499 33.64 5.38 -6.46
CA ALA A 499 33.14 6.64 -5.91
C ALA A 499 33.86 6.83 -4.58
N GLU A 500 33.89 5.79 -3.76
CA GLU A 500 34.58 5.84 -2.48
C GLU A 500 36.06 6.12 -2.77
N GLU A 501 36.55 5.58 -3.88
CA GLU A 501 37.94 5.80 -4.28
C GLU A 501 38.12 7.30 -4.46
N LEU A 502 37.39 7.86 -5.42
CA LEU A 502 37.45 9.29 -5.71
C LEU A 502 37.17 10.12 -4.45
N LEU A 503 36.00 9.90 -3.86
CA LEU A 503 35.60 10.63 -2.66
C LEU A 503 36.64 10.56 -1.54
N GLN A 504 37.03 9.34 -1.16
CA GLN A 504 38.03 9.17 -0.10
C GLN A 504 39.20 10.11 -0.38
N TRP A 505 39.52 10.25 -1.66
CA TRP A 505 40.61 11.13 -2.12
C TRP A 505 40.30 12.62 -2.03
N PHE A 506 39.09 12.99 -2.49
CA PHE A 506 38.58 14.36 -2.37
C PHE A 506 38.88 14.90 -0.98
N LEU A 507 38.60 14.08 0.03
CA LEU A 507 38.82 14.45 1.42
C LEU A 507 40.27 14.81 1.76
N GLN A 508 41.21 13.91 1.44
CA GLN A 508 42.59 14.18 1.78
C GLN A 508 43.44 15.17 0.96
N GLU A 509 42.85 15.69 -0.13
CA GLU A 509 43.59 16.44 -1.16
C GLU A 509 42.81 17.60 -1.77
N GLU A 510 41.48 17.59 -1.63
CA GLU A 510 40.67 18.68 -2.17
C GLU A 510 39.49 19.06 -1.25
N LYS A 511 38.81 20.15 -1.60
CA LYS A 511 37.69 20.63 -0.81
C LYS A 511 36.34 20.67 -1.51
N ARG A 512 36.33 20.58 -2.83
CA ARG A 512 35.04 20.62 -3.52
C ARG A 512 34.23 19.36 -3.22
N GLU A 513 34.69 18.63 -2.20
CA GLU A 513 34.09 17.37 -1.78
C GLU A 513 32.59 17.51 -1.90
N CYS A 514 32.10 18.72 -1.66
CA CYS A 514 30.67 19.00 -1.75
C CYS A 514 30.18 18.47 -3.09
N PHE A 515 30.56 19.17 -4.16
CA PHE A 515 30.17 18.76 -5.50
C PHE A 515 30.55 17.29 -5.70
N GLY A 516 31.59 16.86 -5.00
CA GLY A 516 32.03 15.49 -5.09
C GLY A 516 30.97 14.59 -4.49
N ALA A 517 30.98 14.46 -3.16
CA ALA A 517 30.03 13.61 -2.48
C ALA A 517 28.55 13.76 -2.87
N CYS A 518 28.25 14.76 -3.68
CA CYS A 518 26.90 15.04 -4.15
C CYS A 518 26.54 14.54 -5.57
N LEU A 519 27.31 14.96 -6.58
CA LEU A 519 27.00 14.55 -7.94
C LEU A 519 27.06 13.03 -7.93
N PHE A 520 27.76 12.50 -6.94
CA PHE A 520 27.89 11.06 -6.75
C PHE A 520 26.48 10.51 -6.53
N THR A 521 25.85 10.94 -5.45
CA THR A 521 24.48 10.56 -5.02
C THR A 521 23.17 10.58 -5.79
N CYS A 522 22.85 11.75 -6.32
CA CYS A 522 21.77 12.02 -7.32
C CYS A 522 21.50 11.06 -8.47
N TYR A 523 22.55 10.45 -9.01
CA TYR A 523 22.41 9.37 -9.99
C TYR A 523 21.82 7.96 -9.19
N ASP A 524 20.55 7.31 -9.32
CA ASP A 524 19.88 6.07 -8.51
C ASP A 524 20.55 6.29 -7.16
N LEU A 525 21.39 5.36 -6.76
CA LEU A 525 22.07 5.48 -5.51
C LEU A 525 23.16 4.50 -5.98
N LEU A 526 24.40 5.01 -5.87
CA LEU A 526 25.65 4.25 -5.91
C LEU A 526 26.44 4.66 -4.64
N ARG A 527 25.98 5.72 -3.98
CA ARG A 527 26.62 6.24 -2.77
C ARG A 527 25.72 5.79 -1.61
N PRO A 528 25.92 4.57 -1.11
CA PRO A 528 25.15 3.98 -0.02
C PRO A 528 25.47 4.59 1.34
N ASP A 529 25.13 3.85 2.40
CA ASP A 529 25.38 4.26 3.77
C ASP A 529 26.89 4.20 3.96
N VAL A 530 27.46 3.10 3.47
CA VAL A 530 28.89 2.85 3.56
C VAL A 530 29.72 4.11 3.35
N VAL A 531 29.40 4.88 2.31
CA VAL A 531 30.13 6.11 2.01
C VAL A 531 29.69 7.31 2.85
N LEU A 532 28.38 7.46 3.03
CA LEU A 532 27.85 8.57 3.82
C LEU A 532 28.46 8.59 5.22
N GLU A 533 28.94 7.43 5.66
CA GLU A 533 29.56 7.32 6.99
C GLU A 533 31.08 7.48 6.90
N THR A 534 31.69 6.80 5.94
CA THR A 534 33.12 6.85 5.79
C THR A 534 33.57 8.29 6.11
N ALA A 535 32.70 9.25 5.85
CA ALA A 535 33.03 10.67 6.00
C ALA A 535 32.93 11.14 7.43
N TRP A 536 32.19 10.39 8.24
CA TRP A 536 32.01 10.72 9.66
C TRP A 536 33.25 10.35 10.46
N ARG A 537 33.58 9.06 10.44
CA ARG A 537 34.80 8.57 11.08
C ARG A 537 35.65 9.81 11.29
N HIS A 538 35.89 10.51 10.18
CA HIS A 538 36.67 11.73 10.17
C HIS A 538 35.77 12.93 10.51
N ASN A 539 35.64 13.86 9.58
CA ASN A 539 34.83 15.07 9.71
C ASN A 539 33.53 15.36 10.48
N ILE A 540 33.53 15.23 11.79
CA ILE A 540 32.48 15.75 12.66
C ILE A 540 31.84 16.94 11.94
N MET A 541 32.64 17.92 11.58
CA MET A 541 32.22 19.24 10.94
C MET A 541 32.50 19.00 9.44
N ASP A 542 31.87 19.67 8.55
CA ASP A 542 31.97 19.28 7.13
C ASP A 542 31.09 18.05 6.89
N PHE A 543 29.90 18.33 6.35
CA PHE A 543 29.02 17.29 5.81
C PHE A 543 27.70 17.89 5.34
N ALA A 544 27.30 19.00 5.97
CA ALA A 544 26.05 19.67 5.63
C ALA A 544 26.07 20.19 4.19
N MET A 545 25.08 19.77 3.40
CA MET A 545 24.99 20.19 2.00
C MET A 545 23.68 19.75 1.38
N PRO A 546 23.40 18.43 1.42
CA PRO A 546 22.18 17.88 0.86
C PRO A 546 21.36 18.67 -0.16
N TYR A 547 21.03 17.95 -1.23
CA TYR A 547 20.23 18.48 -2.25
C TYR A 547 19.61 17.06 -2.40
N PHE A 548 20.51 16.11 -2.55
CA PHE A 548 20.38 14.72 -3.03
C PHE A 548 19.85 13.72 -2.06
N ILE A 549 20.42 13.73 -0.85
CA ILE A 549 20.00 12.79 0.20
C ILE A 549 18.49 12.75 0.36
N GLN A 550 17.82 13.85 0.00
CA GLN A 550 16.38 13.92 0.11
C GLN A 550 15.74 13.53 -1.21
N VAL A 551 16.50 13.69 -2.30
CA VAL A 551 16.03 13.31 -3.62
C VAL A 551 15.69 11.84 -3.54
N MET A 552 16.51 11.11 -2.76
CA MET A 552 16.34 9.68 -2.55
C MET A 552 15.32 9.42 -1.45
N LYS A 553 15.10 10.43 -0.60
CA LYS A 553 14.14 10.31 0.51
C LYS A 553 12.67 10.13 0.15
N GLU A 554 12.06 11.14 -0.47
CA GLU A 554 10.70 10.98 -0.94
C GLU A 554 10.69 10.07 -2.17
N TYR A 555 11.88 9.77 -2.68
CA TYR A 555 12.01 8.87 -3.83
C TYR A 555 11.68 7.53 -3.18
N LEU A 556 12.26 7.32 -2.01
CA LEU A 556 12.05 6.11 -1.22
C LEU A 556 10.86 6.40 -0.32
N THR A 557 9.99 7.27 -0.80
CA THR A 557 8.78 7.68 -0.10
C THR A 557 7.68 7.78 -1.16
N LYS A 558 8.09 7.74 -2.43
CA LYS A 558 7.16 7.79 -3.54
C LYS A 558 7.01 6.39 -4.12
N VAL A 559 8.12 5.66 -4.22
CA VAL A 559 8.06 4.30 -4.72
C VAL A 559 7.21 3.60 -3.66
N ASP A 560 7.23 4.19 -2.47
CA ASP A 560 6.46 3.71 -1.33
C ASP A 560 4.99 4.11 -1.56
N LYS A 561 4.79 5.26 -2.18
CA LYS A 561 3.44 5.72 -2.52
C LYS A 561 2.75 4.67 -3.39
N LEU A 562 3.29 4.47 -4.59
CA LEU A 562 2.73 3.53 -5.55
C LEU A 562 2.65 2.12 -4.98
N ASP A 563 3.60 1.76 -4.11
CA ASP A 563 3.62 0.43 -3.52
C ASP A 563 2.45 0.22 -2.56
N ALA A 564 2.26 1.19 -1.67
CA ALA A 564 1.11 1.13 -0.76
C ALA A 564 -0.14 1.11 -1.63
N SER A 565 -0.08 1.84 -2.75
CA SER A 565 -1.19 1.90 -3.69
C SER A 565 -1.58 0.52 -4.20
N GLU A 566 -0.61 -0.25 -4.69
CA GLU A 566 -0.89 -1.59 -5.20
C GLU A 566 -1.23 -2.57 -4.08
N SER A 567 -0.72 -2.27 -2.89
CA SER A 567 -1.05 -3.07 -1.72
C SER A 567 -2.56 -2.95 -1.56
N LEU A 568 -3.06 -1.72 -1.57
CA LEU A 568 -4.50 -1.47 -1.45
C LEU A 568 -5.23 -2.05 -2.66
N ARG A 569 -4.61 -1.99 -3.83
CA ARG A 569 -5.17 -2.64 -5.01
C ARG A 569 -5.60 -4.03 -4.51
N LYS A 570 -4.59 -4.85 -4.20
CA LYS A 570 -4.82 -6.19 -3.67
C LYS A 570 -5.94 -6.21 -2.65
N GLU A 571 -5.74 -5.53 -1.52
CA GLU A 571 -6.74 -5.50 -0.44
C GLU A 571 -8.15 -5.37 -1.01
N GLU A 572 -8.41 -4.24 -1.65
CA GLU A 572 -9.67 -3.92 -2.36
C GLU A 572 -10.32 -4.99 -3.23
N GLU A 573 -9.55 -5.54 -4.17
CA GLU A 573 -10.09 -6.63 -4.98
C GLU A 573 -10.40 -7.88 -4.13
N GLN A 574 -9.47 -8.29 -3.28
CA GLN A 574 -9.67 -9.42 -2.37
C GLN A 574 -10.97 -9.32 -1.56
N ALA A 575 -11.02 -8.35 -0.66
CA ALA A 575 -12.23 -8.10 0.14
C ALA A 575 -13.51 -8.12 -0.69
N THR A 576 -13.44 -7.52 -1.88
CA THR A 576 -14.56 -7.53 -2.84
C THR A 576 -15.03 -8.91 -3.32
N GLU A 577 -14.20 -9.55 -4.13
CA GLU A 577 -14.47 -10.90 -4.62
C GLU A 577 -14.74 -11.90 -3.49
N THR A 578 -14.38 -11.55 -2.26
CA THR A 578 -14.61 -12.47 -1.14
C THR A 578 -14.76 -11.82 0.24
N GLN A 579 -15.62 -12.42 1.07
CA GLN A 579 -15.73 -11.98 2.46
C GLN A 579 -16.07 -13.15 3.41
N ASN B 27 -173.28 61.87 10.04
CA ASN B 27 -171.95 62.42 10.35
C ASN B 27 -170.87 61.86 9.43
N THR B 28 -171.27 61.00 8.49
CA THR B 28 -170.33 60.39 7.55
C THR B 28 -170.09 61.28 6.34
N SER B 29 -170.20 62.59 6.54
CA SER B 29 -170.00 63.55 5.47
C SER B 29 -169.73 64.97 5.96
N ALA B 30 -170.41 65.35 7.05
CA ALA B 30 -170.25 66.68 7.60
C ALA B 30 -168.77 66.93 7.92
N VAL B 31 -167.96 65.88 7.79
CA VAL B 31 -166.52 65.95 8.05
C VAL B 31 -165.54 66.00 6.87
N GLN B 32 -165.60 64.96 6.04
CA GLN B 32 -164.79 64.89 4.83
C GLN B 32 -165.00 66.13 3.97
N VAL B 33 -166.01 66.92 4.31
CA VAL B 33 -166.33 68.14 3.56
C VAL B 33 -165.05 68.89 3.19
N LEU B 34 -163.97 68.62 3.91
CA LEU B 34 -162.68 69.25 3.63
C LEU B 34 -162.03 68.64 2.40
N ILE B 35 -162.36 69.18 1.23
CA ILE B 35 -161.78 68.70 -0.02
C ILE B 35 -161.48 69.89 -0.93
N GLU B 36 -162.30 70.10 -1.95
CA GLU B 36 -162.14 71.24 -2.84
C GLU B 36 -163.47 71.98 -2.98
N HIS B 37 -164.25 71.61 -4.00
CA HIS B 37 -165.53 72.27 -4.23
C HIS B 37 -166.65 72.01 -3.21
N ILE B 38 -166.26 72.03 -1.92
CA ILE B 38 -167.12 71.59 -0.84
C ILE B 38 -166.87 72.35 0.45
N GLY B 39 -165.79 73.13 0.46
CA GLY B 39 -165.44 73.94 1.61
C GLY B 39 -164.01 74.44 1.56
N ASN B 40 -163.51 74.91 2.71
CA ASN B 40 -162.15 75.49 2.75
C ASN B 40 -161.88 76.24 4.04
N LEU B 41 -160.63 76.32 4.44
CA LEU B 41 -160.21 77.03 5.66
C LEU B 41 -161.02 76.99 6.94
N ASP B 42 -161.28 78.15 7.54
CA ASP B 42 -162.01 78.22 8.78
C ASP B 42 -163.41 77.67 8.58
N ARG B 43 -163.50 76.51 7.95
CA ARG B 43 -164.75 75.83 7.79
C ARG B 43 -164.42 74.32 7.99
N ALA B 44 -163.47 73.83 7.20
CA ALA B 44 -163.16 72.40 7.15
C ALA B 44 -162.93 71.80 8.53
N TYR B 45 -162.26 72.57 9.39
CA TYR B 45 -161.98 72.12 10.75
C TYR B 45 -162.98 72.71 11.75
N GLU B 46 -164.08 73.25 11.23
CA GLU B 46 -165.11 73.85 12.07
C GLU B 46 -166.25 72.87 12.32
N PHE B 47 -166.30 71.81 11.53
CA PHE B 47 -167.35 70.79 11.67
C PHE B 47 -166.74 69.40 11.86
N ALA B 48 -165.60 69.35 12.54
CA ALA B 48 -164.92 68.08 12.80
C ALA B 48 -164.93 67.74 14.28
N GLU B 49 -165.09 68.76 15.12
CA GLU B 49 -165.12 68.57 16.57
C GLU B 49 -166.44 67.95 17.02
N ARG B 50 -167.44 68.00 16.15
CA ARG B 50 -168.75 67.44 16.46
C ARG B 50 -168.80 65.93 16.21
N CYS B 51 -168.04 65.48 15.20
CA CYS B 51 -167.99 64.06 14.86
C CYS B 51 -166.90 63.35 15.66
N ASN B 52 -166.24 62.39 15.01
CA ASN B 52 -165.17 61.63 15.66
C ASN B 52 -164.77 60.41 14.85
N GLU B 53 -165.75 59.59 14.51
CA GLU B 53 -165.50 58.38 13.70
C GLU B 53 -166.15 58.58 12.33
N PRO B 54 -165.48 59.33 11.46
CA PRO B 54 -165.98 59.60 10.11
C PRO B 54 -165.51 58.65 9.05
N ALA B 55 -164.50 59.06 8.28
CA ALA B 55 -164.01 58.25 7.17
C ALA B 55 -163.01 59.04 6.32
N VAL B 56 -162.42 58.37 5.34
CA VAL B 56 -161.44 59.01 4.41
C VAL B 56 -160.15 59.73 4.84
N TRP B 57 -159.25 58.97 5.45
CA TRP B 57 -158.08 59.52 6.15
C TRP B 57 -156.79 59.27 5.43
N SER B 58 -156.74 58.17 4.68
CA SER B 58 -155.55 57.82 3.92
C SER B 58 -155.64 58.34 2.48
N GLN B 59 -156.86 58.49 1.99
CA GLN B 59 -157.08 59.00 0.64
C GLN B 59 -157.23 60.52 0.62
N LEU B 60 -157.60 61.08 1.77
CA LEU B 60 -157.77 62.52 1.89
C LEU B 60 -156.42 63.22 2.05
N ALA B 61 -155.44 62.51 2.60
CA ALA B 61 -154.12 63.06 2.81
C ALA B 61 -153.32 63.08 1.50
N LYS B 62 -153.69 62.20 0.58
CA LYS B 62 -153.02 62.12 -0.72
C LYS B 62 -153.57 63.16 -1.69
N ALA B 63 -154.83 63.53 -1.50
CA ALA B 63 -155.48 64.53 -2.36
C ALA B 63 -155.31 65.94 -1.80
N GLN B 64 -155.25 66.04 -0.47
CA GLN B 64 -155.08 67.34 0.19
C GLN B 64 -153.60 67.71 0.31
N LEU B 65 -152.73 66.82 -0.15
CA LEU B 65 -151.30 67.05 -0.09
C LEU B 65 -150.73 67.35 -1.49
N GLN B 66 -151.51 67.01 -2.52
CA GLN B 66 -151.09 67.25 -3.89
C GLN B 66 -151.89 68.39 -4.53
N LYS B 67 -152.92 68.84 -3.84
CA LYS B 67 -153.77 69.93 -4.33
C LYS B 67 -153.92 71.02 -3.27
N GLY B 68 -153.01 72.00 -3.31
CA GLY B 68 -153.05 73.10 -2.37
C GLY B 68 -152.17 72.86 -1.15
N MET B 69 -152.18 73.80 -0.22
CA MET B 69 -151.38 73.67 1.00
C MET B 69 -152.27 73.72 2.25
N VAL B 70 -152.22 72.64 3.03
CA VAL B 70 -153.13 72.51 4.20
C VAL B 70 -153.14 71.25 5.11
N LYS B 71 -152.32 70.30 4.78
CA LYS B 71 -151.82 69.16 5.61
C LYS B 71 -151.39 69.42 7.06
N GLU B 72 -150.54 70.42 7.27
CA GLU B 72 -150.19 70.91 8.59
C GLU B 72 -151.47 71.15 9.42
N ALA B 73 -152.55 71.57 8.75
CA ALA B 73 -153.82 71.81 9.43
C ALA B 73 -154.73 70.60 9.30
N ILE B 74 -154.82 70.04 8.09
CA ILE B 74 -155.67 68.88 7.84
C ILE B 74 -155.03 67.61 8.40
N ASP B 75 -153.81 67.74 8.91
CA ASP B 75 -153.08 66.60 9.48
C ASP B 75 -152.80 66.81 10.95
N SER B 76 -153.34 67.89 11.51
CA SER B 76 -153.15 68.20 12.93
C SER B 76 -154.48 68.37 13.64
N TYR B 77 -155.55 67.85 13.03
CA TYR B 77 -156.88 67.94 13.62
C TYR B 77 -157.74 66.73 13.23
N ILE B 78 -157.08 65.67 12.78
CA ILE B 78 -157.77 64.48 12.43
C ILE B 78 -157.05 63.13 12.81
N LYS B 79 -155.74 63.13 12.87
CA LYS B 79 -155.21 61.71 12.60
C LYS B 79 -156.26 60.49 12.40
N ALA B 80 -157.05 60.36 13.46
CA ALA B 80 -158.16 59.43 13.55
C ALA B 80 -157.88 57.96 13.17
N ASP B 81 -156.66 57.51 13.50
CA ASP B 81 -156.34 56.06 13.50
C ASP B 81 -156.12 55.78 12.04
N ASP B 82 -154.87 55.44 11.78
CA ASP B 82 -154.30 55.54 10.41
C ASP B 82 -154.16 57.07 10.46
N PRO B 83 -153.24 57.61 9.61
CA PRO B 83 -152.23 56.68 8.99
C PRO B 83 -150.86 56.19 9.44
N SER B 84 -150.44 54.91 9.59
CA SER B 84 -149.03 54.91 10.00
C SER B 84 -148.14 54.36 8.88
N SER B 85 -147.07 55.10 8.56
CA SER B 85 -146.14 54.68 7.53
C SER B 85 -146.12 53.17 7.26
N TYR B 86 -146.05 52.82 5.98
CA TYR B 86 -145.64 53.76 4.95
C TYR B 86 -146.87 54.57 4.47
N MET B 87 -146.61 55.71 3.86
CA MET B 87 -145.24 56.18 3.65
C MET B 87 -145.21 57.64 3.18
N GLU B 88 -146.13 57.99 2.29
CA GLU B 88 -146.24 59.36 1.73
C GLU B 88 -146.34 60.61 2.60
N VAL B 89 -147.45 60.68 3.35
CA VAL B 89 -147.63 61.69 4.40
C VAL B 89 -146.61 61.46 5.53
N VAL B 90 -146.49 60.22 5.99
CA VAL B 90 -145.56 59.89 7.07
C VAL B 90 -144.20 60.54 6.84
N GLN B 91 -143.45 60.05 5.86
CA GLN B 91 -142.14 60.58 5.55
C GLN B 91 -142.19 62.09 5.33
N ALA B 92 -143.12 62.54 4.49
CA ALA B 92 -143.27 63.95 4.20
C ALA B 92 -143.16 64.80 5.46
N ALA B 93 -143.95 64.47 6.47
CA ALA B 93 -143.93 65.20 7.73
C ALA B 93 -142.69 64.87 8.56
N ASN B 94 -141.69 65.73 8.48
CA ASN B 94 -140.45 65.54 9.22
C ASN B 94 -139.39 66.57 8.85
N THR B 95 -139.13 66.73 7.56
CA THR B 95 -138.14 67.68 7.08
C THR B 95 -138.67 69.11 7.16
N SER B 96 -139.67 69.40 6.34
CA SER B 96 -140.29 70.73 6.30
C SER B 96 -140.69 71.32 7.65
N GLY B 97 -141.76 70.77 8.22
CA GLY B 97 -142.21 71.17 9.54
C GLY B 97 -143.38 70.33 10.03
N ASN B 98 -143.12 69.07 10.35
CA ASN B 98 -144.15 68.17 10.84
C ASN B 98 -143.60 67.11 11.78
N TRP B 99 -143.04 67.56 12.90
CA TRP B 99 -142.47 66.65 13.90
C TRP B 99 -143.48 66.23 14.97
N GLU B 100 -143.73 67.12 15.91
CA GLU B 100 -144.73 66.91 16.98
C GLU B 100 -145.99 66.05 16.80
N GLU B 101 -146.59 66.19 15.61
CA GLU B 101 -147.66 65.30 15.15
C GLU B 101 -147.03 64.11 14.41
N LEU B 102 -145.88 64.33 13.79
CA LEU B 102 -145.17 63.28 13.05
C LEU B 102 -144.84 62.10 13.96
N VAL B 103 -144.18 62.40 15.09
CA VAL B 103 -143.80 61.37 16.05
C VAL B 103 -145.02 60.59 16.53
N LYS B 104 -146.16 61.27 16.61
CA LYS B 104 -147.40 60.63 17.05
C LYS B 104 -147.99 59.76 15.94
N TYR B 105 -147.79 60.18 14.69
CA TYR B 105 -148.30 59.43 13.55
C TYR B 105 -147.79 58.00 13.55
N LEU B 106 -146.64 57.79 14.18
CA LEU B 106 -146.04 56.46 14.25
C LEU B 106 -146.58 55.68 15.46
N GLN B 107 -146.96 56.41 16.50
CA GLN B 107 -147.49 55.78 17.71
C GLN B 107 -148.45 54.63 17.36
N MET B 108 -149.17 54.79 16.27
CA MET B 108 -150.12 53.76 15.82
C MET B 108 -149.67 53.13 14.50
N ALA B 109 -148.66 52.28 14.57
CA ALA B 109 -148.13 51.61 13.39
C ALA B 109 -148.15 50.09 13.57
N ARG B 110 -147.77 49.63 14.76
CA ARG B 110 -147.74 48.20 15.04
C ARG B 110 -149.11 47.70 15.50
N LYS B 111 -150.13 48.52 15.31
CA LYS B 111 -151.52 48.15 15.74
C LYS B 111 -152.16 48.34 14.33
N LYS B 112 -152.56 47.02 14.45
CA LYS B 112 -153.28 47.23 13.21
C LYS B 112 -152.48 47.24 11.91
N ALA B 113 -151.32 46.59 11.93
CA ALA B 113 -150.46 46.53 10.75
C ALA B 113 -149.06 46.06 11.12
N ARG B 114 -148.91 44.76 11.38
CA ARG B 114 -147.61 44.21 11.74
C ARG B 114 -147.08 43.29 10.64
N GLU B 115 -146.15 43.81 9.84
CA GLU B 115 -145.56 43.05 8.75
C GLU B 115 -144.60 43.90 7.94
N SER B 116 -143.57 43.26 7.39
CA SER B 116 -142.57 43.94 6.57
C SER B 116 -143.25 44.95 5.66
N TYR B 117 -142.44 45.67 4.88
CA TYR B 117 -142.94 46.76 4.03
C TYR B 117 -143.92 47.71 4.77
N VAL B 118 -144.52 47.24 5.86
CA VAL B 118 -145.46 48.01 6.72
C VAL B 118 -144.94 48.26 8.14
N GLU B 119 -144.34 47.23 8.76
CA GLU B 119 -143.60 47.40 10.02
C GLU B 119 -142.11 47.67 9.68
N THR B 120 -141.52 46.91 8.74
CA THR B 120 -140.13 47.16 8.36
C THR B 120 -140.15 48.61 7.89
N GLU B 121 -141.35 49.10 7.61
CA GLU B 121 -141.53 50.48 7.20
C GLU B 121 -141.60 51.34 8.45
N LEU B 122 -142.26 50.82 9.48
CA LEU B 122 -142.34 51.56 10.74
C LEU B 122 -140.90 51.70 11.20
N ILE B 123 -140.15 50.61 11.11
CA ILE B 123 -138.74 50.60 11.49
C ILE B 123 -138.05 51.68 10.65
N PHE B 124 -138.05 51.48 9.33
CA PHE B 124 -137.46 52.42 8.39
C PHE B 124 -137.88 53.83 8.80
N ALA B 125 -139.21 54.02 8.89
CA ALA B 125 -139.78 55.31 9.27
C ALA B 125 -139.24 55.77 10.61
N LEU B 126 -139.33 54.90 11.62
CA LEU B 126 -138.84 55.22 12.95
C LEU B 126 -137.38 55.63 12.86
N ALA B 127 -136.58 54.85 12.12
CA ALA B 127 -135.16 55.14 11.93
C ALA B 127 -135.03 56.63 11.66
N LYS B 128 -135.96 57.17 10.87
CA LYS B 128 -135.98 58.59 10.57
C LYS B 128 -137.11 59.28 11.34
N THR B 129 -137.18 59.00 12.64
CA THR B 129 -138.23 59.57 13.48
C THR B 129 -138.07 61.08 13.66
N ASN B 130 -136.97 61.48 14.29
CA ASN B 130 -136.70 62.89 14.55
C ASN B 130 -135.86 63.12 15.80
N ARG B 131 -136.31 64.01 16.67
CA ARG B 131 -135.59 64.31 17.91
C ARG B 131 -136.50 64.23 19.13
N LEU B 132 -137.24 63.13 19.26
CA LEU B 132 -138.15 62.93 20.37
C LEU B 132 -138.19 61.47 20.79
N ALA B 133 -139.17 61.11 21.61
CA ALA B 133 -139.30 59.73 22.08
C ALA B 133 -138.41 58.83 21.23
N GLU B 134 -137.27 59.37 20.83
CA GLU B 134 -136.32 58.68 19.96
C GLU B 134 -135.37 57.79 20.76
N LEU B 135 -135.81 57.36 21.93
CA LEU B 135 -135.00 56.49 22.78
C LEU B 135 -135.89 55.69 23.72
N GLU B 136 -137.19 55.71 23.43
CA GLU B 136 -138.18 54.99 24.23
C GLU B 136 -138.70 53.80 23.44
N GLU B 137 -138.70 53.93 22.11
CA GLU B 137 -139.19 52.87 21.24
C GLU B 137 -138.05 52.11 20.55
N PHE B 138 -136.85 52.70 20.56
CA PHE B 138 -135.70 52.04 19.96
C PHE B 138 -135.40 50.79 20.78
N ILE B 139 -136.30 50.50 21.72
CA ILE B 139 -136.13 49.38 22.63
C ILE B 139 -137.30 48.40 22.53
N ASN B 140 -138.39 48.84 21.91
CA ASN B 140 -139.59 48.00 21.77
C ASN B 140 -140.22 48.14 20.39
N GLY B 141 -139.38 48.43 19.39
CA GLY B 141 -139.85 48.59 18.02
C GLY B 141 -139.17 47.63 17.06
N PRO B 142 -139.49 46.35 17.17
CA PRO B 142 -138.92 45.31 16.31
C PRO B 142 -139.99 44.54 15.53
N ASN B 143 -140.65 43.62 16.21
CA ASN B 143 -141.70 42.81 15.60
C ASN B 143 -141.23 42.17 14.30
N ASN B 144 -141.16 40.85 14.28
CA ASN B 144 -140.76 40.10 13.07
C ASN B 144 -140.87 40.77 11.71
N ALA B 145 -139.75 41.18 11.15
CA ALA B 145 -139.73 41.82 9.84
C ALA B 145 -138.35 41.69 9.21
N HIS B 146 -137.96 42.71 8.44
CA HIS B 146 -136.66 42.73 7.79
C HIS B 146 -135.78 43.73 8.44
N ILE B 147 -134.99 43.09 9.36
CA ILE B 147 -134.15 44.03 10.08
C ILE B 147 -132.88 44.26 9.27
N GLN B 148 -132.74 43.52 8.18
CA GLN B 148 -131.57 43.64 7.32
C GLN B 148 -131.41 45.07 6.81
N GLN B 149 -132.49 45.86 6.91
CA GLN B 149 -132.45 47.25 6.47
C GLN B 149 -132.27 48.19 7.66
N VAL B 150 -132.61 47.69 8.85
CA VAL B 150 -132.45 48.47 10.07
C VAL B 150 -130.99 48.91 10.14
N GLY B 151 -130.09 47.95 10.34
CA GLY B 151 -128.68 48.25 10.42
C GLY B 151 -128.19 49.10 9.26
N ASP B 152 -128.60 48.74 8.04
CA ASP B 152 -128.20 49.48 6.85
C ASP B 152 -128.68 50.92 6.90
N ARG B 153 -129.98 51.11 7.09
CA ARG B 153 -130.55 52.45 7.16
C ARG B 153 -129.99 53.19 8.37
N CYS B 154 -129.88 52.48 9.49
CA CYS B 154 -129.34 53.07 10.71
C CYS B 154 -127.90 53.51 10.41
N TYR B 155 -127.21 52.71 9.60
CA TYR B 155 -125.84 53.02 9.21
C TYR B 155 -125.87 54.20 8.25
N ASP B 156 -126.97 54.32 7.52
CA ASP B 156 -127.15 55.42 6.57
C ASP B 156 -127.62 56.65 7.33
N GLU B 157 -128.27 56.41 8.47
CA GLU B 157 -128.77 57.48 9.32
C GLU B 157 -128.22 57.24 10.72
N LYS B 158 -127.01 57.74 10.95
CA LYS B 158 -126.31 57.55 12.22
C LYS B 158 -126.70 58.38 13.44
N MET B 159 -127.04 57.67 14.50
CA MET B 159 -127.37 58.21 15.79
C MET B 159 -126.79 56.93 16.39
N TYR B 160 -125.75 57.12 17.21
CA TYR B 160 -125.13 56.08 18.03
C TYR B 160 -125.87 55.60 19.30
N ASP B 161 -126.84 56.36 19.80
CA ASP B 161 -127.56 55.97 21.01
C ASP B 161 -128.40 54.69 20.90
N ALA B 162 -128.47 54.11 19.71
CA ALA B 162 -129.26 52.90 19.53
C ALA B 162 -128.54 51.80 18.74
N ALA B 163 -127.28 52.02 18.44
CA ALA B 163 -126.50 51.04 17.70
C ALA B 163 -125.95 49.94 18.62
N LYS B 164 -126.53 49.89 19.82
CA LYS B 164 -126.10 48.96 20.83
C LYS B 164 -127.46 48.43 21.26
N LEU B 165 -128.28 49.31 21.83
CA LEU B 165 -129.55 48.92 22.44
C LEU B 165 -130.34 48.09 21.44
N LEU B 166 -129.77 47.97 20.25
CA LEU B 166 -130.36 47.23 19.16
C LEU B 166 -129.31 46.25 18.62
N TYR B 167 -128.07 46.72 18.50
CA TYR B 167 -126.98 45.88 18.02
C TYR B 167 -126.74 44.74 19.02
N ASN B 168 -127.25 44.91 20.23
CA ASN B 168 -127.12 43.91 21.28
C ASN B 168 -128.38 43.04 21.24
N ASN B 169 -129.03 43.06 20.07
CA ASN B 169 -130.24 42.31 19.79
C ASN B 169 -130.20 42.11 18.27
N VAL B 170 -129.03 42.39 17.70
CA VAL B 170 -128.85 42.34 16.25
C VAL B 170 -127.43 42.07 15.72
N SER B 171 -127.15 42.43 14.42
CA SER B 171 -125.76 42.17 13.93
C SER B 171 -124.79 43.38 13.43
N ASN B 172 -124.00 43.26 12.17
CA ASN B 172 -123.26 44.55 11.45
C ASN B 172 -122.19 45.72 11.61
N PHE B 173 -121.20 45.42 12.37
CA PHE B 173 -120.16 46.11 13.21
C PHE B 173 -119.23 47.08 12.67
N GLY B 174 -118.63 46.73 11.54
CA GLY B 174 -117.70 47.63 10.88
C GLY B 174 -118.52 48.82 10.46
N ARG B 175 -119.76 48.53 10.10
CA ARG B 175 -120.72 49.54 9.70
C ARG B 175 -121.24 50.18 10.99
N LEU B 176 -120.42 50.09 12.03
CA LEU B 176 -120.72 50.65 13.35
C LEU B 176 -119.52 51.50 13.77
N ALA B 177 -118.33 51.01 13.46
CA ALA B 177 -117.11 51.72 13.81
C ALA B 177 -116.64 52.69 12.71
N SER B 178 -117.60 53.15 11.89
CA SER B 178 -117.25 54.00 10.77
C SER B 178 -118.29 55.13 10.72
N THR B 179 -119.55 54.84 10.47
CA THR B 179 -120.58 55.86 10.43
C THR B 179 -121.07 56.59 11.69
N LEU B 180 -120.49 57.75 11.93
CA LEU B 180 -120.74 58.68 13.02
C LEU B 180 -119.27 58.75 13.44
N VAL B 181 -118.91 59.72 14.27
CA VAL B 181 -117.53 59.88 14.69
C VAL B 181 -117.78 60.04 16.17
N HIS B 182 -116.77 60.48 16.92
CA HIS B 182 -116.85 60.55 18.37
C HIS B 182 -116.74 59.04 18.58
N LEU B 183 -116.67 58.36 17.44
CA LEU B 183 -116.60 56.91 17.32
C LEU B 183 -117.85 56.43 18.03
N GLY B 184 -117.85 55.16 18.43
CA GLY B 184 -118.97 54.67 19.19
C GLY B 184 -118.45 54.97 20.58
N GLU B 185 -117.30 55.65 20.57
CA GLU B 185 -116.54 56.06 21.74
C GLU B 185 -115.74 54.90 22.29
N TYR B 186 -115.43 54.98 23.58
CA TYR B 186 -114.77 53.91 24.30
C TYR B 186 -115.88 52.90 24.63
N GLN B 187 -117.01 53.07 23.95
CA GLN B 187 -118.18 52.22 24.11
C GLN B 187 -118.38 51.23 22.95
N ALA B 188 -117.34 51.05 22.13
CA ALA B 188 -117.46 50.13 21.02
C ALA B 188 -116.32 49.11 20.88
N ALA B 189 -115.38 49.14 21.84
CA ALA B 189 -114.19 48.31 21.78
C ALA B 189 -114.36 47.07 22.63
N VAL B 190 -114.87 47.28 23.85
CA VAL B 190 -115.07 46.15 24.75
C VAL B 190 -116.00 45.09 24.17
N ASP B 191 -116.46 45.34 22.95
CA ASP B 191 -117.44 44.52 22.26
C ASP B 191 -117.20 44.58 20.75
N GLY B 192 -116.01 45.04 20.38
CA GLY B 192 -115.64 45.15 18.97
C GLY B 192 -114.56 44.18 18.54
N ALA B 193 -113.30 44.54 18.76
CA ALA B 193 -112.19 43.68 18.38
C ALA B 193 -112.23 42.37 19.16
N ARG B 194 -113.21 42.25 20.06
CA ARG B 194 -113.37 41.06 20.86
C ARG B 194 -113.76 39.93 19.91
N LYS B 195 -112.82 39.56 19.04
CA LYS B 195 -113.01 38.43 18.14
C LYS B 195 -111.95 38.42 17.04
N ALA B 196 -112.09 39.31 16.07
CA ALA B 196 -111.15 39.41 14.96
C ALA B 196 -111.86 39.30 13.61
N ASN B 197 -112.37 40.43 13.13
CA ASN B 197 -113.06 40.47 11.85
C ASN B 197 -112.11 40.63 10.67
N SER B 198 -112.68 40.75 9.48
CA SER B 198 -111.88 40.90 8.26
C SER B 198 -111.07 42.20 8.30
N THR B 199 -109.82 42.12 7.88
CA THR B 199 -108.91 43.29 7.83
C THR B 199 -109.43 44.49 7.06
N ARG B 200 -109.35 45.68 7.67
CA ARG B 200 -110.03 46.86 7.06
C ARG B 200 -111.19 47.33 7.97
N THR B 201 -111.50 48.62 7.84
CA THR B 201 -112.30 49.39 8.81
C THR B 201 -111.32 49.80 9.95
N TRP B 202 -110.18 49.13 10.01
CA TRP B 202 -109.15 49.43 10.99
C TRP B 202 -108.09 50.32 10.36
N LYS B 203 -107.70 50.00 9.12
CA LYS B 203 -106.75 50.82 8.40
C LYS B 203 -107.31 52.24 8.41
N GLU B 204 -108.48 52.37 9.03
CA GLU B 204 -109.20 53.65 9.12
C GLU B 204 -109.20 54.19 10.56
N VAL B 205 -109.84 53.45 11.45
CA VAL B 205 -110.00 53.78 12.90
C VAL B 205 -109.02 54.37 13.93
N CYS B 206 -107.96 53.60 14.19
CA CYS B 206 -106.75 54.06 14.90
C CYS B 206 -105.90 54.90 13.91
N PHE B 207 -106.13 54.74 12.61
CA PHE B 207 -105.41 55.57 11.64
C PHE B 207 -105.91 56.94 12.01
N ALA B 208 -107.20 57.17 11.77
CA ALA B 208 -107.86 58.44 12.03
C ALA B 208 -107.77 58.89 13.49
N CYS B 209 -107.10 58.09 14.33
CA CYS B 209 -107.00 58.36 15.77
C CYS B 209 -105.81 59.19 16.22
N VAL B 210 -104.61 58.71 15.92
CA VAL B 210 -103.33 59.42 16.20
C VAL B 210 -103.23 60.91 15.90
N ASP B 211 -103.74 61.31 14.74
CA ASP B 211 -103.84 62.72 14.38
C ASP B 211 -104.84 63.45 15.29
N GLY B 212 -106.04 62.89 15.41
CA GLY B 212 -107.07 63.48 16.26
C GLY B 212 -107.50 62.55 17.38
N LYS B 213 -107.83 63.11 18.53
CA LYS B 213 -108.25 62.34 19.68
C LYS B 213 -107.00 61.82 20.38
N GLU B 214 -106.33 62.71 21.11
CA GLU B 214 -105.15 62.33 21.88
C GLU B 214 -105.53 61.79 23.26
N PHE B 215 -106.63 61.05 23.31
CA PHE B 215 -107.10 60.46 24.57
C PHE B 215 -106.28 59.20 24.72
N ARG B 216 -105.57 58.85 23.65
CA ARG B 216 -104.74 57.65 23.60
C ARG B 216 -105.72 56.49 23.51
N LEU B 217 -106.80 56.71 22.78
CA LEU B 217 -107.80 55.67 22.53
C LEU B 217 -107.36 54.71 21.41
N ALA B 218 -106.13 54.83 20.96
CA ALA B 218 -105.66 54.00 19.86
C ALA B 218 -104.43 53.20 20.25
N GLN B 219 -104.38 52.85 21.54
CA GLN B 219 -103.32 52.03 22.11
C GLN B 219 -104.05 50.85 22.70
N MET B 220 -105.31 51.11 23.05
CA MET B 220 -106.19 50.09 23.59
C MET B 220 -106.65 49.39 22.32
N CYS B 221 -107.10 50.19 21.36
CA CYS B 221 -107.57 49.71 20.07
C CYS B 221 -106.37 49.18 19.29
N GLY B 222 -105.18 49.36 19.86
CA GLY B 222 -103.96 48.89 19.23
C GLY B 222 -103.89 47.38 19.25
N LEU B 223 -103.39 46.81 20.35
CA LEU B 223 -103.30 45.36 20.51
C LEU B 223 -104.69 44.81 20.23
N HIS B 224 -105.66 45.70 20.27
CA HIS B 224 -107.07 45.38 20.05
C HIS B 224 -107.39 44.90 18.64
N ILE B 225 -107.23 45.81 17.68
CA ILE B 225 -107.44 45.49 16.27
C ILE B 225 -106.37 44.56 15.72
N VAL B 226 -105.18 44.59 16.30
CA VAL B 226 -104.08 43.74 15.87
C VAL B 226 -104.43 42.26 16.02
N VAL B 227 -104.64 41.83 17.26
CA VAL B 227 -104.97 40.44 17.56
C VAL B 227 -105.01 39.61 16.28
N HIS B 228 -103.83 39.36 15.70
CA HIS B 228 -103.73 38.61 14.38
C HIS B 228 -102.33 37.61 14.09
N ALA B 229 -101.17 38.07 13.50
CA ALA B 229 -99.83 37.09 13.39
C ALA B 229 -99.19 36.81 11.88
N ASP B 230 -99.89 35.94 10.86
CA ASP B 230 -99.46 35.77 9.28
C ASP B 230 -99.58 37.21 8.74
N GLU B 231 -100.11 38.10 9.58
CA GLU B 231 -100.26 39.50 9.20
C GLU B 231 -99.02 40.32 9.55
N LEU B 232 -99.12 41.65 9.45
CA LEU B 232 -98.02 42.54 9.79
C LEU B 232 -97.42 43.28 8.59
N GLU B 233 -98.00 43.07 7.41
CA GLU B 233 -97.52 43.75 6.20
C GLU B 233 -98.39 44.98 5.94
N GLU B 234 -99.70 44.78 6.04
CA GLU B 234 -100.69 45.83 5.89
C GLU B 234 -100.50 46.76 7.10
N LEU B 235 -99.87 46.20 8.14
CA LEU B 235 -99.62 46.91 9.40
C LEU B 235 -98.41 47.86 9.38
N ILE B 236 -97.91 48.23 8.19
CA ILE B 236 -96.76 49.13 8.13
C ILE B 236 -96.82 50.27 7.11
N ASN B 237 -97.97 50.94 7.06
CA ASN B 237 -98.21 52.07 6.16
C ASN B 237 -99.31 52.78 6.92
N TYR B 238 -99.46 52.32 8.16
CA TYR B 238 -100.51 52.76 9.05
C TYR B 238 -99.94 53.14 10.42
N TYR B 239 -98.66 52.83 10.61
CA TYR B 239 -97.95 53.12 11.86
C TYR B 239 -96.69 53.92 11.54
N GLN B 240 -96.61 54.43 10.31
CA GLN B 240 -95.44 55.18 9.87
C GLN B 240 -95.75 56.60 9.39
N ASP B 241 -96.37 56.71 8.22
CA ASP B 241 -96.71 58.00 7.64
C ASP B 241 -97.19 59.03 8.66
N ARG B 242 -97.85 58.58 9.73
CA ARG B 242 -98.33 59.51 10.76
C ARG B 242 -97.35 59.66 11.91
N GLY B 243 -96.11 59.23 11.70
CA GLY B 243 -95.09 59.35 12.73
C GLY B 243 -95.49 58.90 14.13
N TYR B 244 -95.66 57.59 14.31
CA TYR B 244 -96.05 57.04 15.61
C TYR B 244 -94.86 56.43 16.37
N PHE B 245 -94.16 55.51 15.72
CA PHE B 245 -92.98 54.88 16.31
C PHE B 245 -93.17 54.60 17.79
N GLU B 246 -92.31 55.16 18.64
CA GLU B 246 -92.40 54.95 20.07
C GLU B 246 -93.47 53.90 20.34
N GLU B 247 -94.74 54.33 20.34
CA GLU B 247 -95.84 53.43 20.63
C GLU B 247 -95.76 52.17 19.76
N LEU B 248 -95.16 52.30 18.59
CA LEU B 248 -95.01 51.18 17.67
C LEU B 248 -93.78 50.34 18.05
N ILE B 249 -92.71 51.01 18.47
CA ILE B 249 -91.48 50.33 18.87
C ILE B 249 -91.60 49.81 20.30
N THR B 250 -92.83 49.81 20.83
CA THR B 250 -93.09 49.35 22.18
C THR B 250 -94.24 48.33 22.23
N MET B 251 -94.84 48.06 21.07
CA MET B 251 -95.94 47.10 20.98
C MET B 251 -95.36 45.72 20.72
N LEU B 252 -94.52 45.64 19.69
CA LEU B 252 -93.86 44.39 19.33
C LEU B 252 -93.22 43.88 20.61
N GLU B 253 -92.94 44.82 21.50
CA GLU B 253 -92.35 44.53 22.80
C GLU B 253 -93.09 43.43 23.52
N ALA B 254 -94.26 43.05 23.02
CA ALA B 254 -95.05 42.00 23.66
C ALA B 254 -95.44 40.91 22.68
N ALA B 255 -95.89 41.33 21.50
CA ALA B 255 -96.31 40.40 20.46
C ALA B 255 -95.26 39.33 20.16
N LEU B 256 -94.00 39.64 20.41
CA LEU B 256 -92.91 38.71 20.17
C LEU B 256 -92.76 37.63 21.25
N GLY B 257 -93.40 37.86 22.39
CA GLY B 257 -93.34 36.89 23.48
C GLY B 257 -94.51 35.94 23.47
N LEU B 258 -95.54 36.30 22.71
CA LEU B 258 -96.75 35.49 22.61
C LEU B 258 -96.42 34.06 22.18
N GLU B 259 -97.37 33.14 22.35
CA GLU B 259 -97.11 31.77 21.98
C GLU B 259 -97.00 31.58 20.45
N ARG B 260 -97.24 32.70 19.74
CA ARG B 260 -97.47 32.69 18.29
C ARG B 260 -96.59 33.67 17.53
N ALA B 261 -95.35 33.80 18.00
CA ALA B 261 -94.40 34.75 17.42
C ALA B 261 -93.71 34.18 16.19
N HIS B 262 -93.55 35.00 15.16
CA HIS B 262 -92.92 34.57 13.92
C HIS B 262 -91.59 35.29 13.62
N MET B 263 -91.19 35.28 12.35
CA MET B 263 -89.95 35.91 11.92
C MET B 263 -90.07 37.41 11.63
N GLY B 264 -91.06 37.78 10.82
CA GLY B 264 -91.26 39.18 10.47
C GLY B 264 -91.10 40.17 11.61
N MET B 265 -91.64 39.83 12.77
CA MET B 265 -91.57 40.69 13.94
C MET B 265 -90.16 41.22 14.19
N PHE B 266 -89.28 40.34 14.67
CA PHE B 266 -87.90 40.68 14.98
C PHE B 266 -87.29 41.53 13.85
N THR B 267 -87.54 41.12 12.62
CA THR B 267 -87.02 41.82 11.45
C THR B 267 -87.46 43.30 11.42
N GLU B 268 -88.74 43.54 11.19
CA GLU B 268 -89.27 44.90 11.14
C GLU B 268 -88.86 45.67 12.39
N LEU B 269 -88.86 44.97 13.53
CA LEU B 269 -88.48 45.57 14.80
C LEU B 269 -87.12 46.25 14.67
N ALA B 270 -86.25 45.67 13.85
CA ALA B 270 -84.92 46.20 13.62
C ALA B 270 -84.98 47.48 12.78
N ILE B 271 -85.85 47.51 11.78
CA ILE B 271 -86.01 48.68 10.92
C ILE B 271 -86.20 49.92 11.79
N LEU B 272 -86.62 49.69 13.03
CA LEU B 272 -86.85 50.77 13.98
C LEU B 272 -85.56 50.99 14.79
N TYR B 273 -85.08 49.94 15.44
CA TYR B 273 -83.85 50.01 16.23
C TYR B 273 -82.70 50.58 15.39
N SER B 274 -82.84 50.51 14.09
CA SER B 274 -81.81 50.97 13.10
C SER B 274 -81.20 52.34 12.77
N LYS B 275 -82.03 53.15 12.11
CA LYS B 275 -81.86 54.56 11.90
C LYS B 275 -83.07 54.84 12.84
N PHE B 276 -82.77 54.84 14.14
CA PHE B 276 -83.48 55.50 15.26
C PHE B 276 -82.67 55.27 16.55
N LYS B 277 -83.23 54.46 17.44
CA LYS B 277 -82.56 54.14 18.71
C LYS B 277 -81.33 53.26 18.49
N PRO B 278 -80.13 53.85 18.53
CA PRO B 278 -78.89 53.08 18.34
C PRO B 278 -78.74 52.07 19.48
N GLN B 279 -77.99 52.49 20.50
CA GLN B 279 -77.74 51.70 21.71
C GLN B 279 -78.36 50.30 21.74
N LYS B 280 -79.63 50.23 22.11
CA LYS B 280 -80.36 48.96 22.21
C LYS B 280 -80.29 48.11 20.95
N MET B 281 -80.26 48.76 19.79
CA MET B 281 -80.19 48.06 18.52
C MET B 281 -79.28 46.83 18.55
N ARG B 282 -78.13 46.92 19.22
CA ARG B 282 -77.23 45.77 19.32
C ARG B 282 -77.86 44.77 20.28
N GLU B 283 -78.31 45.29 21.42
CA GLU B 283 -78.97 44.50 22.46
C GLU B 283 -79.83 43.42 21.80
N HIS B 284 -80.65 43.85 20.86
CA HIS B 284 -81.57 42.99 20.12
C HIS B 284 -80.95 41.86 19.30
N LEU B 285 -80.22 42.24 18.26
CA LEU B 285 -79.51 41.30 17.38
C LEU B 285 -78.80 40.20 18.15
N GLU B 286 -77.87 40.57 19.03
CA GLU B 286 -77.11 39.61 19.83
C GLU B 286 -78.04 38.54 20.38
N LEU B 287 -79.31 38.88 20.52
CA LEU B 287 -80.31 37.95 21.04
C LEU B 287 -81.05 37.23 19.92
N PHE B 288 -81.68 38.03 19.06
CA PHE B 288 -82.48 37.51 17.96
C PHE B 288 -81.77 37.65 16.60
N TRP B 289 -80.91 36.69 16.29
CA TRP B 289 -80.18 36.70 15.02
C TRP B 289 -80.66 35.58 14.10
N SER B 290 -81.09 34.47 14.69
CA SER B 290 -81.59 33.33 13.92
C SER B 290 -82.95 33.66 13.31
N ARG B 291 -83.89 34.04 14.18
CA ARG B 291 -85.25 34.38 13.77
C ARG B 291 -85.28 35.78 13.15
N VAL B 292 -84.78 35.90 11.93
CA VAL B 292 -84.77 37.21 11.24
C VAL B 292 -84.12 37.16 9.86
N ASN B 293 -84.45 38.17 9.05
CA ASN B 293 -83.90 38.31 7.70
C ASN B 293 -82.53 38.96 7.83
N ILE B 294 -81.77 39.00 6.74
CA ILE B 294 -80.45 39.60 6.79
C ILE B 294 -80.09 40.51 5.60
N PRO B 295 -80.43 40.08 4.37
CA PRO B 295 -80.11 40.93 3.20
C PRO B 295 -80.83 42.27 3.26
N LYS B 296 -82.13 42.24 3.48
CA LYS B 296 -82.95 43.45 3.57
C LYS B 296 -82.46 44.33 4.71
N VAL B 297 -82.22 43.72 5.87
CA VAL B 297 -81.77 44.45 7.04
C VAL B 297 -80.55 45.32 6.75
N LEU B 298 -79.65 44.83 5.90
CA LEU B 298 -78.45 45.59 5.56
C LEU B 298 -78.72 46.93 4.89
N ARG B 299 -79.92 47.11 4.34
CA ARG B 299 -80.26 48.39 3.72
C ARG B 299 -81.12 49.15 4.72
N ALA B 300 -81.00 48.71 5.96
CA ALA B 300 -81.68 49.30 7.12
C ALA B 300 -80.52 49.37 8.11
N ALA B 301 -79.43 48.70 7.73
CA ALA B 301 -78.20 48.63 8.50
C ALA B 301 -77.23 49.64 7.88
N GLU B 302 -76.95 49.49 6.58
CA GLU B 302 -76.07 50.44 5.92
C GLU B 302 -76.86 51.74 5.83
N GLN B 303 -78.15 51.63 6.19
CA GLN B 303 -79.09 52.74 6.21
C GLN B 303 -79.06 53.26 7.66
N ALA B 304 -78.14 52.70 8.42
CA ALA B 304 -77.92 53.08 9.78
C ALA B 304 -76.53 52.43 9.63
N HIS B 305 -75.52 53.26 9.87
CA HIS B 305 -74.11 52.88 10.04
C HIS B 305 -73.75 52.40 11.48
N LEU B 306 -74.57 51.51 12.02
CA LEU B 306 -74.34 50.96 13.35
C LEU B 306 -73.25 49.89 13.33
N TRP B 307 -72.17 50.18 12.61
CA TRP B 307 -70.98 49.30 12.51
C TRP B 307 -70.56 48.27 13.56
N ALA B 308 -70.68 48.68 14.81
CA ALA B 308 -70.58 47.80 15.98
C ALA B 308 -71.50 46.57 15.77
N GLU B 309 -72.78 46.82 15.51
CA GLU B 309 -73.74 45.74 15.30
C GLU B 309 -73.77 45.34 13.82
N LEU B 310 -73.70 46.33 12.94
CA LEU B 310 -73.71 46.06 11.50
C LEU B 310 -72.63 45.06 11.11
N VAL B 311 -71.52 45.07 11.85
CA VAL B 311 -70.42 44.15 11.60
C VAL B 311 -70.75 42.74 12.08
N PHE B 312 -71.22 42.64 13.32
CA PHE B 312 -71.58 41.35 13.91
C PHE B 312 -72.51 40.59 12.96
N LEU B 313 -73.42 41.31 12.31
CA LEU B 313 -74.35 40.71 11.37
C LEU B 313 -73.54 39.94 10.33
N TYR B 314 -72.69 40.67 9.60
CA TYR B 314 -71.84 40.06 8.58
C TYR B 314 -71.13 38.84 9.17
N ASP B 315 -70.57 39.01 10.37
CA ASP B 315 -69.86 37.93 11.06
C ASP B 315 -70.59 36.60 11.08
N LYS B 316 -71.71 36.55 11.80
CA LYS B 316 -72.53 35.34 11.85
C LYS B 316 -73.06 35.02 10.46
N TYR B 317 -73.29 36.06 9.67
CA TYR B 317 -73.78 35.90 8.30
C TYR B 317 -72.67 35.14 7.56
N GLU B 318 -71.47 35.22 8.11
CA GLU B 318 -70.28 34.58 7.56
C GLU B 318 -69.75 35.36 6.36
N GLU B 319 -70.17 36.62 6.25
CA GLU B 319 -69.72 37.49 5.16
C GLU B 319 -68.52 38.29 5.63
N TYR B 320 -67.59 37.63 6.31
CA TYR B 320 -66.32 38.23 6.78
C TYR B 320 -65.57 39.30 5.97
N ASP B 321 -65.35 38.99 4.69
CA ASP B 321 -64.84 39.94 3.71
C ASP B 321 -65.44 41.34 3.96
N ASN B 322 -66.73 41.40 4.28
CA ASN B 322 -67.40 42.67 4.54
C ASN B 322 -67.32 43.07 6.00
N ALA B 323 -67.50 42.10 6.89
CA ALA B 323 -67.43 42.34 8.33
C ALA B 323 -66.05 42.94 8.64
N ILE B 324 -65.02 42.32 8.05
CA ILE B 324 -63.65 42.78 8.24
C ILE B 324 -63.51 44.21 7.73
N ILE B 325 -64.10 44.48 6.57
CA ILE B 325 -64.05 45.81 5.97
C ILE B 325 -64.66 46.85 6.89
N THR B 326 -65.64 46.44 7.69
CA THR B 326 -66.31 47.35 8.61
C THR B 326 -65.36 47.88 9.69
N MET B 327 -64.11 47.48 9.63
CA MET B 327 -63.09 47.92 10.58
C MET B 327 -61.96 48.59 9.82
N MET B 328 -62.27 49.05 8.61
CA MET B 328 -61.29 49.74 7.76
C MET B 328 -61.61 51.22 7.68
N ASN B 329 -62.89 51.54 7.60
CA ASN B 329 -63.34 52.93 7.53
C ASN B 329 -64.23 53.17 8.75
N HIS B 330 -64.16 52.25 9.71
CA HIS B 330 -64.96 52.35 10.92
C HIS B 330 -64.19 51.79 12.11
N PRO B 331 -62.95 52.28 12.34
CA PRO B 331 -62.09 51.83 13.45
C PRO B 331 -62.75 51.86 14.83
N THR B 332 -62.70 53.03 15.48
CA THR B 332 -63.21 53.14 16.81
C THR B 332 -64.56 52.42 17.14
N ASP B 333 -65.33 52.18 16.07
CA ASP B 333 -66.77 51.89 16.10
C ASP B 333 -67.15 50.47 16.33
N ALA B 334 -66.46 49.55 15.66
CA ALA B 334 -66.74 48.13 15.79
C ALA B 334 -65.49 47.30 16.10
N TRP B 335 -64.33 47.81 15.69
CA TRP B 335 -63.06 47.12 15.92
C TRP B 335 -62.96 46.61 17.36
N LYS B 336 -62.23 45.52 17.55
CA LYS B 336 -62.06 44.93 18.87
C LYS B 336 -60.74 44.16 18.97
N GLU B 337 -59.63 44.89 18.93
CA GLU B 337 -58.31 44.29 19.01
C GLU B 337 -58.24 42.98 18.24
N GLY B 338 -58.43 41.86 18.95
CA GLY B 338 -58.40 40.54 18.34
C GLY B 338 -59.68 40.22 17.59
N GLN B 339 -60.75 40.94 17.91
CA GLN B 339 -62.05 40.73 17.27
C GLN B 339 -61.87 40.69 15.75
N PHE B 340 -60.86 41.40 15.28
CA PHE B 340 -60.55 41.47 13.85
C PHE B 340 -59.66 40.28 13.47
N LYS B 341 -59.03 39.67 14.46
CA LYS B 341 -58.13 38.53 14.25
C LYS B 341 -58.76 37.20 13.87
N ASP B 342 -60.02 36.96 14.26
CA ASP B 342 -60.65 35.68 13.96
C ASP B 342 -61.62 35.66 12.77
N ILE B 343 -61.66 36.75 12.00
CA ILE B 343 -62.56 36.82 10.85
C ILE B 343 -61.77 36.55 9.57
N ILE B 344 -60.70 37.31 9.39
CA ILE B 344 -59.83 37.23 8.22
C ILE B 344 -59.52 35.80 7.74
N THR B 345 -59.19 34.90 8.66
CA THR B 345 -58.86 33.51 8.34
C THR B 345 -59.95 32.78 7.56
N LYS B 346 -61.19 33.24 7.68
CA LYS B 346 -62.30 32.60 6.98
C LYS B 346 -62.72 33.30 5.69
N VAL B 347 -61.78 34.00 5.07
CA VAL B 347 -62.04 34.70 3.82
C VAL B 347 -61.33 33.97 2.69
N ALA B 348 -61.85 34.10 1.47
CA ALA B 348 -61.25 33.43 0.31
C ALA B 348 -60.30 34.35 -0.45
N ASN B 349 -60.44 35.64 -0.24
CA ASN B 349 -59.60 36.64 -0.90
C ASN B 349 -58.50 37.11 0.06
N VAL B 350 -57.25 36.88 -0.31
CA VAL B 350 -56.11 37.26 0.51
C VAL B 350 -55.69 38.73 0.35
N GLU B 351 -56.29 39.41 -0.62
CA GLU B 351 -55.96 40.80 -0.90
C GLU B 351 -56.25 41.70 0.31
N LEU B 352 -57.47 41.59 0.84
CA LEU B 352 -57.88 42.40 1.98
C LEU B 352 -56.77 42.49 3.03
N TYR B 353 -56.11 41.36 3.28
CA TYR B 353 -55.03 41.30 4.27
C TYR B 353 -54.01 42.41 4.05
N TYR B 354 -53.29 42.33 2.94
CA TYR B 354 -52.26 43.31 2.60
C TYR B 354 -52.63 44.77 2.88
N ARG B 355 -53.77 45.20 2.35
CA ARG B 355 -54.26 46.54 2.63
C ARG B 355 -54.54 46.61 4.13
N ALA B 356 -54.92 45.47 4.69
CA ALA B 356 -55.20 45.37 6.12
C ALA B 356 -53.96 45.70 6.93
N ILE B 357 -52.85 45.02 6.62
CA ILE B 357 -51.62 45.27 7.33
C ILE B 357 -51.59 46.78 7.62
N GLN B 358 -52.20 47.56 6.73
CA GLN B 358 -52.15 49.00 6.80
C GLN B 358 -52.78 49.53 8.07
N PHE B 359 -54.06 49.22 8.26
CA PHE B 359 -54.78 49.63 9.46
C PHE B 359 -54.05 49.17 10.72
N TYR B 360 -53.23 48.12 10.56
CA TYR B 360 -52.46 47.58 11.67
C TYR B 360 -50.96 47.85 11.49
N LEU B 361 -50.38 47.25 10.47
CA LEU B 361 -48.96 47.44 10.17
C LEU B 361 -48.65 48.87 9.79
N GLU B 362 -49.45 49.43 8.88
CA GLU B 362 -49.26 50.81 8.43
C GLU B 362 -48.94 51.72 9.61
N PHE B 363 -49.82 51.75 10.61
CA PHE B 363 -49.61 52.56 11.79
C PHE B 363 -49.70 51.73 13.07
N LYS B 364 -50.40 50.61 12.98
CA LYS B 364 -50.57 49.73 14.13
C LYS B 364 -49.32 48.89 14.39
N PRO B 365 -48.47 49.33 15.31
CA PRO B 365 -47.23 48.62 15.65
C PRO B 365 -47.37 47.36 16.49
N LEU B 366 -46.75 47.38 17.67
CA LEU B 366 -46.82 46.25 18.60
C LEU B 366 -48.23 45.63 18.53
N LEU B 367 -48.27 44.32 18.24
CA LEU B 367 -49.60 43.72 18.11
C LEU B 367 -50.20 43.79 16.70
N LEU B 368 -49.36 44.15 15.76
CA LEU B 368 -49.53 43.97 14.30
C LEU B 368 -48.74 42.65 13.97
N ASN B 369 -47.57 42.48 14.57
CA ASN B 369 -46.78 41.28 14.39
C ASN B 369 -47.53 40.06 14.92
N ASP B 370 -48.16 40.19 16.08
CA ASP B 370 -48.94 39.10 16.64
C ASP B 370 -50.01 38.88 15.58
N LEU B 371 -50.25 39.94 14.81
CA LEU B 371 -51.22 39.95 13.73
C LEU B 371 -50.67 39.09 12.59
N LEU B 372 -49.34 39.08 12.47
CA LEU B 372 -48.66 38.29 11.45
C LEU B 372 -48.70 36.80 11.77
N MET B 373 -48.99 36.48 13.02
CA MET B 373 -49.06 35.06 13.52
C MET B 373 -49.90 33.87 13.02
N VAL B 374 -51.19 33.95 13.35
CA VAL B 374 -52.29 33.15 12.75
C VAL B 374 -52.28 32.99 11.20
N LEU B 375 -52.27 34.10 10.50
CA LEU B 375 -52.09 34.14 9.01
C LEU B 375 -51.04 33.27 8.33
N SER B 376 -49.82 33.30 8.88
CA SER B 376 -48.74 32.39 8.48
C SER B 376 -49.09 31.61 7.22
N PRO B 377 -49.67 30.42 7.38
CA PRO B 377 -50.06 29.58 6.25
C PRO B 377 -50.99 30.32 5.28
N ARG B 378 -50.59 30.36 3.99
CA ARG B 378 -51.48 31.05 3.06
C ARG B 378 -51.27 32.58 2.96
N LEU B 379 -50.03 32.96 3.09
CA LEU B 379 -49.35 34.20 2.64
C LEU B 379 -48.17 33.70 1.70
N ASP B 380 -47.65 34.63 0.91
CA ASP B 380 -46.55 34.31 0.00
C ASP B 380 -45.22 34.88 0.50
N HIS B 381 -45.28 35.59 1.62
CA HIS B 381 -44.08 36.19 2.22
C HIS B 381 -43.35 37.07 1.22
N THR B 382 -43.12 36.55 0.02
CA THR B 382 -42.42 37.29 -1.03
C THR B 382 -43.07 38.66 -1.28
N ARG B 383 -44.38 38.74 -1.05
CA ARG B 383 -45.13 39.98 -1.27
C ARG B 383 -45.41 40.69 0.05
N ALA B 384 -44.44 40.63 0.97
CA ALA B 384 -44.59 41.28 2.27
C ALA B 384 -43.32 42.04 2.65
N VAL B 385 -42.23 41.30 2.86
CA VAL B 385 -40.96 41.89 3.24
C VAL B 385 -40.68 43.10 2.34
N ASN B 386 -41.16 43.03 1.10
CA ASN B 386 -40.98 44.12 0.14
C ASN B 386 -41.64 45.41 0.60
N TYR B 387 -42.83 45.28 1.22
CA TYR B 387 -43.55 46.45 1.71
C TYR B 387 -42.93 46.98 3.00
N PHE B 388 -42.15 46.13 3.67
CA PHE B 388 -41.49 46.52 4.92
C PHE B 388 -40.19 47.28 4.63
N SER B 389 -39.31 46.68 3.84
CA SER B 389 -38.02 47.30 3.45
C SER B 389 -38.00 48.75 2.98
N LYS B 390 -38.84 49.03 1.99
CA LYS B 390 -39.06 50.41 1.54
C LYS B 390 -40.00 51.14 2.52
N VAL B 391 -39.97 50.71 3.77
CA VAL B 391 -40.80 51.33 4.82
C VAL B 391 -39.96 51.87 5.96
N LYS B 392 -38.71 51.40 6.06
CA LYS B 392 -37.80 51.84 7.11
C LYS B 392 -38.34 51.36 8.46
N GLN B 393 -39.21 50.36 8.42
CA GLN B 393 -39.75 49.82 9.67
C GLN B 393 -39.78 48.30 9.89
N LEU B 394 -39.10 47.61 8.98
CA LEU B 394 -39.14 46.17 8.77
C LEU B 394 -38.79 45.35 10.00
N PRO B 395 -37.86 45.86 10.84
CA PRO B 395 -37.46 45.14 12.05
C PRO B 395 -38.57 44.75 13.03
N LEU B 396 -39.72 45.41 12.97
CA LEU B 396 -40.80 45.03 13.88
C LEU B 396 -41.00 43.55 13.60
N VAL B 397 -40.95 43.21 12.32
CA VAL B 397 -41.13 41.83 11.87
C VAL B 397 -39.99 40.93 12.35
N LYS B 398 -39.07 41.49 13.13
CA LYS B 398 -37.94 40.72 13.65
C LYS B 398 -38.44 39.35 14.11
N PRO B 399 -39.35 39.32 15.10
CA PRO B 399 -39.88 38.04 15.59
C PRO B 399 -40.77 37.39 14.55
N TYR B 400 -41.35 38.21 13.67
CA TYR B 400 -42.21 37.70 12.60
C TYR B 400 -41.33 36.78 11.77
N LEU B 401 -40.02 36.97 11.90
CA LEU B 401 -39.04 36.17 11.17
C LEU B 401 -38.54 35.03 12.05
N ARG B 402 -39.00 34.98 13.29
CA ARG B 402 -38.60 33.93 14.27
C ARG B 402 -39.02 32.47 14.07
N SER B 403 -40.32 32.23 14.29
CA SER B 403 -40.93 30.94 13.99
C SER B 403 -40.91 30.69 12.47
N VAL B 404 -40.77 31.76 11.70
CA VAL B 404 -40.71 31.72 10.25
C VAL B 404 -39.19 31.66 10.07
N GLN B 405 -38.79 31.84 8.79
CA GLN B 405 -37.41 31.50 8.34
C GLN B 405 -37.23 29.98 8.26
N ASN B 406 -38.22 29.22 7.90
CA ASN B 406 -38.09 27.77 7.82
C ASN B 406 -38.42 27.73 6.34
N HIS B 407 -39.12 28.78 5.88
CA HIS B 407 -39.49 28.88 4.48
C HIS B 407 -38.26 29.04 3.59
N ASN B 408 -37.10 29.20 4.22
CA ASN B 408 -35.84 29.35 3.49
C ASN B 408 -35.89 30.53 2.52
N ASN B 409 -37.00 31.26 2.51
CA ASN B 409 -37.19 32.45 1.66
C ASN B 409 -36.04 33.45 1.68
N LYS B 410 -35.86 34.13 0.55
CA LYS B 410 -34.70 35.01 0.35
C LYS B 410 -34.82 36.31 1.10
N SER B 411 -35.94 37.00 0.93
CA SER B 411 -36.18 38.26 1.62
C SER B 411 -35.88 38.11 3.10
N VAL B 412 -36.10 36.91 3.61
CA VAL B 412 -35.84 36.56 5.03
C VAL B 412 -34.41 36.63 5.56
N ASN B 413 -33.58 35.71 5.05
CA ASN B 413 -32.13 35.73 5.23
C ASN B 413 -31.56 37.06 4.73
N GLU B 414 -31.74 37.34 3.45
CA GLU B 414 -31.29 38.61 2.76
C GLU B 414 -31.23 40.00 3.38
N SER B 415 -32.36 40.39 3.97
CA SER B 415 -32.46 41.56 4.85
C SER B 415 -32.17 41.05 6.29
N LEU B 416 -32.65 39.85 6.60
CA LEU B 416 -32.45 39.25 7.92
C LEU B 416 -30.99 39.40 8.31
N ASN B 417 -30.10 39.09 7.36
CA ASN B 417 -28.67 39.22 7.58
C ASN B 417 -28.39 40.70 7.74
N ASN B 418 -28.86 41.48 6.77
CA ASN B 418 -28.70 42.94 6.77
C ASN B 418 -29.05 43.43 8.17
N LEU B 419 -30.00 42.74 8.81
CA LEU B 419 -30.42 43.10 10.16
C LEU B 419 -29.33 42.73 11.14
N PHE B 420 -29.04 41.44 11.25
CA PHE B 420 -28.00 40.95 12.16
C PHE B 420 -26.67 41.66 11.93
N ILE B 421 -26.53 42.30 10.78
CA ILE B 421 -25.29 43.03 10.43
C ILE B 421 -25.13 44.40 11.07
N THR B 422 -26.06 45.30 10.79
CA THR B 422 -26.08 46.63 11.39
C THR B 422 -26.44 46.53 12.88
N GLU B 423 -27.15 45.46 13.26
CA GLU B 423 -27.55 45.28 14.66
C GLU B 423 -26.42 44.68 15.48
N GLU B 424 -25.44 44.07 14.81
CA GLU B 424 -24.27 43.46 15.44
C GLU B 424 -24.51 42.05 15.97
N ASP B 425 -25.59 41.41 15.53
CA ASP B 425 -25.88 40.06 15.98
C ASP B 425 -25.06 39.03 15.21
N TYR B 426 -24.38 38.16 15.94
CA TYR B 426 -23.55 37.11 15.35
C TYR B 426 -24.05 35.72 15.74
N GLN B 427 -24.46 35.56 17.00
CA GLN B 427 -25.00 34.28 17.46
C GLN B 427 -26.14 33.88 16.55
N ALA B 428 -27.17 34.73 16.50
CA ALA B 428 -28.32 34.48 15.66
C ALA B 428 -27.88 34.42 14.20
N LEU B 429 -27.37 35.55 13.68
CA LEU B 429 -26.91 35.61 12.30
C LEU B 429 -26.18 34.34 11.86
N ARG B 430 -25.27 33.86 12.70
CA ARG B 430 -24.52 32.64 12.41
C ARG B 430 -25.50 31.48 12.29
N THR B 431 -26.36 31.33 13.30
CA THR B 431 -27.35 30.25 13.32
C THR B 431 -28.47 30.58 12.35
N SER B 432 -28.66 31.87 12.08
CA SER B 432 -29.68 32.34 11.16
C SER B 432 -29.34 31.83 9.77
N ILE B 433 -28.14 31.26 9.64
CA ILE B 433 -27.67 30.71 8.39
C ILE B 433 -26.99 29.36 8.59
N ASP B 434 -27.04 28.84 9.81
CA ASP B 434 -26.42 27.55 10.12
C ASP B 434 -27.21 26.40 9.49
N ALA B 435 -28.23 26.73 8.71
CA ALA B 435 -29.05 25.72 8.07
C ALA B 435 -29.54 26.28 6.72
N TYR B 436 -30.43 27.26 6.78
CA TYR B 436 -31.05 27.84 5.59
C TYR B 436 -30.01 28.56 4.72
N ASP B 437 -29.65 27.95 3.59
CA ASP B 437 -28.64 28.55 2.72
C ASP B 437 -29.11 29.36 1.50
N ASN B 438 -30.29 29.95 1.61
CA ASN B 438 -30.94 30.65 0.49
C ASN B 438 -30.61 32.13 0.52
N PHE B 439 -29.56 32.53 -0.18
CA PHE B 439 -29.16 33.94 -0.18
C PHE B 439 -28.05 34.24 -1.18
N ASP B 440 -27.63 35.51 -1.19
CA ASP B 440 -26.56 35.94 -2.09
C ASP B 440 -25.19 35.80 -1.44
N ASN B 441 -24.62 34.59 -1.53
CA ASN B 441 -23.31 34.33 -0.96
C ASN B 441 -22.30 35.15 -1.74
N ILE B 442 -22.27 36.45 -1.46
CA ILE B 442 -21.28 37.35 -2.05
C ILE B 442 -21.33 38.73 -1.41
N SER B 443 -21.95 39.68 -2.10
CA SER B 443 -22.07 41.04 -1.60
C SER B 443 -22.28 41.07 -0.09
N LEU B 444 -23.05 40.11 0.41
CA LEU B 444 -23.33 40.02 1.85
C LEU B 444 -22.05 40.18 2.67
N ALA B 445 -21.01 39.41 2.30
CA ALA B 445 -19.73 39.48 3.01
C ALA B 445 -18.95 40.74 2.61
N GLN B 446 -19.45 41.45 1.61
CA GLN B 446 -18.79 42.67 1.15
C GLN B 446 -18.97 43.82 2.15
N ARG B 447 -20.16 43.90 2.74
CA ARG B 447 -20.46 44.94 3.71
C ARG B 447 -19.83 44.60 5.06
N LEU B 448 -19.59 43.32 5.28
CA LEU B 448 -18.99 42.86 6.54
C LEU B 448 -17.50 43.20 6.60
N GLU B 449 -16.80 42.98 5.49
CA GLU B 449 -15.37 43.26 5.40
C GLU B 449 -15.12 44.74 5.70
N LYS B 450 -16.05 45.59 5.27
CA LYS B 450 -15.92 47.03 5.47
C LYS B 450 -16.06 47.44 6.94
N HIS B 451 -16.09 46.46 7.83
CA HIS B 451 -16.27 46.73 9.26
C HIS B 451 -14.96 46.95 9.98
N GLU B 452 -15.07 47.29 11.26
CA GLU B 452 -13.91 47.51 12.12
C GLU B 452 -13.94 46.37 13.13
N LEU B 453 -15.16 46.04 13.56
CA LEU B 453 -15.37 44.98 14.52
C LEU B 453 -15.28 43.63 13.82
N ILE B 454 -14.09 43.05 13.87
CA ILE B 454 -13.81 41.76 13.23
C ILE B 454 -14.88 40.67 13.34
N GLU B 455 -15.80 40.79 14.30
CA GLU B 455 -16.84 39.77 14.45
C GLU B 455 -17.34 39.32 13.07
N PHE B 456 -17.71 40.29 12.25
CA PHE B 456 -18.21 40.01 10.91
C PHE B 456 -17.08 39.98 9.90
N ARG B 457 -15.95 40.58 10.25
CA ARG B 457 -14.77 40.57 9.37
C ARG B 457 -14.14 39.20 9.58
N ARG B 458 -14.65 38.50 10.58
CA ARG B 458 -14.19 37.18 10.96
C ARG B 458 -15.13 36.16 10.32
N ILE B 459 -16.39 36.53 10.20
CA ILE B 459 -17.39 35.66 9.60
C ILE B 459 -17.47 35.95 8.10
N ALA B 460 -17.25 37.21 7.72
CA ALA B 460 -17.26 37.56 6.31
C ALA B 460 -16.15 36.71 5.73
N ALA B 461 -15.15 36.46 6.57
CA ALA B 461 -14.01 35.63 6.22
C ALA B 461 -14.57 34.24 5.99
N TYR B 462 -15.38 33.78 6.93
CA TYR B 462 -16.01 32.46 6.82
C TYR B 462 -16.98 32.48 5.65
N LEU B 463 -17.99 33.32 5.75
CA LEU B 463 -19.03 33.50 4.72
C LEU B 463 -18.53 33.43 3.27
N PHE B 464 -17.40 34.09 3.02
CA PHE B 464 -16.75 34.02 1.72
C PHE B 464 -16.12 32.65 1.48
N LYS B 465 -15.55 32.04 2.52
CA LYS B 465 -14.92 30.73 2.37
C LYS B 465 -15.98 29.63 2.26
N GLY B 466 -16.94 29.64 3.17
CA GLY B 466 -18.03 28.65 3.17
C GLY B 466 -17.79 27.35 2.41
N ASN B 467 -17.43 26.30 3.15
CA ASN B 467 -17.22 24.98 2.55
C ASN B 467 -16.36 25.11 1.28
N ASN B 468 -15.65 26.22 1.17
CA ASN B 468 -14.65 26.43 0.13
C ASN B 468 -13.46 27.17 0.79
N ARG B 469 -12.53 26.41 1.33
CA ARG B 469 -11.32 26.91 2.03
C ARG B 469 -10.30 27.79 1.32
N TRP B 470 -10.21 27.64 0.01
CA TRP B 470 -9.31 28.45 -0.83
C TRP B 470 -9.46 29.97 -0.74
N LYS B 471 -10.70 30.47 -0.76
CA LYS B 471 -10.93 31.90 -0.61
C LYS B 471 -10.31 32.49 0.67
N GLN B 472 -10.83 32.08 1.82
CA GLN B 472 -10.36 32.54 3.14
C GLN B 472 -8.87 32.76 3.39
N SER B 473 -8.04 31.83 2.92
CA SER B 473 -6.58 31.97 3.00
C SER B 473 -5.99 32.88 1.91
N VAL B 474 -6.31 32.61 0.65
CA VAL B 474 -5.78 33.41 -0.46
C VAL B 474 -6.20 34.88 -0.38
N GLU B 475 -6.83 35.25 0.74
CA GLU B 475 -7.27 36.63 0.97
C GLU B 475 -6.91 37.05 2.39
N LEU B 476 -5.63 37.34 2.63
CA LEU B 476 -5.11 37.70 3.98
C LEU B 476 -4.36 38.97 4.45
N CYS B 477 -3.07 38.97 4.13
CA CYS B 477 -2.14 40.07 4.16
C CYS B 477 -1.71 40.31 5.60
N LYS B 478 -1.27 41.46 5.96
CA LYS B 478 -0.94 41.84 7.32
C LYS B 478 -2.19 41.59 8.20
N LYS B 479 -3.21 42.41 7.97
CA LYS B 479 -4.47 42.29 8.71
C LYS B 479 -5.08 40.90 8.56
N ASP B 480 -6.01 40.57 9.44
CA ASP B 480 -6.68 39.26 9.36
C ASP B 480 -5.68 38.11 9.22
N SER B 481 -4.42 38.37 9.51
CA SER B 481 -3.43 37.35 9.41
C SER B 481 -3.61 37.24 10.92
N LEU B 482 -4.22 36.13 11.32
CA LEU B 482 -4.26 35.68 12.71
C LEU B 482 -3.32 34.46 12.88
N TYR B 483 -2.34 34.59 13.76
CA TYR B 483 -1.38 33.52 14.01
C TYR B 483 -2.17 32.26 14.42
N LYS B 484 -3.48 32.41 14.55
CA LYS B 484 -4.36 31.31 15.00
C LYS B 484 -5.19 30.40 14.08
N ASP B 485 -6.33 30.92 13.64
CA ASP B 485 -7.17 30.25 12.64
C ASP B 485 -6.47 30.09 11.28
N ALA B 486 -5.42 30.87 11.04
CA ALA B 486 -4.66 30.78 9.79
C ALA B 486 -3.86 29.48 9.74
N MET B 487 -3.55 28.95 10.92
CA MET B 487 -2.80 27.70 11.04
C MET B 487 -3.74 26.51 11.12
N GLN B 488 -5.02 26.76 10.84
CA GLN B 488 -6.01 25.70 10.90
C GLN B 488 -6.92 25.60 9.66
N TYR B 489 -7.12 26.71 8.96
CA TYR B 489 -7.98 26.67 7.77
C TYR B 489 -7.27 26.18 6.53
N ALA B 490 -5.96 25.96 6.62
CA ALA B 490 -5.18 25.46 5.50
C ALA B 490 -5.34 23.94 5.46
N SER B 491 -5.12 23.31 6.60
CA SER B 491 -5.24 21.85 6.79
C SER B 491 -6.27 21.05 5.99
N GLU B 492 -7.52 21.53 6.03
CA GLU B 492 -8.61 20.92 5.25
C GLU B 492 -8.48 21.11 3.74
N SER B 493 -7.62 22.03 3.31
CA SER B 493 -7.42 22.30 1.89
C SER B 493 -7.09 21.06 1.07
N LYS B 494 -7.04 21.22 -0.24
CA LYS B 494 -6.72 20.12 -1.16
C LYS B 494 -5.74 20.56 -2.24
N ASP B 495 -5.60 21.88 -2.40
CA ASP B 495 -4.70 22.42 -3.41
C ASP B 495 -3.26 22.40 -2.89
N THR B 496 -2.88 21.26 -2.30
CA THR B 496 -1.55 21.03 -1.75
C THR B 496 -0.58 22.21 -1.84
N GLU B 497 -0.06 22.42 -3.05
CA GLU B 497 0.90 23.49 -3.32
C GLU B 497 0.66 24.78 -2.55
N LEU B 498 -0.60 25.09 -2.26
CA LEU B 498 -0.92 26.31 -1.52
C LEU B 498 -0.11 26.33 -0.22
N ALA B 499 0.39 25.17 0.18
CA ALA B 499 1.20 25.06 1.40
C ALA B 499 2.48 25.84 1.12
N GLU B 500 3.08 25.60 -0.05
CA GLU B 500 4.30 26.30 -0.43
C GLU B 500 3.95 27.78 -0.52
N GLU B 501 2.72 28.08 -0.94
CA GLU B 501 2.25 29.45 -1.05
C GLU B 501 2.34 30.06 0.35
N LEU B 502 1.56 29.50 1.27
CA LEU B 502 1.53 29.95 2.65
C LEU B 502 2.94 29.95 3.26
N LEU B 503 3.57 28.78 3.26
CA LEU B 503 4.92 28.65 3.82
C LEU B 503 5.92 29.65 3.25
N GLN B 504 6.04 29.67 1.91
CA GLN B 504 6.96 30.60 1.27
C GLN B 504 6.76 31.99 1.89
N TRP B 505 5.51 32.32 2.18
CA TRP B 505 5.14 33.59 2.80
C TRP B 505 5.52 33.72 4.27
N PHE B 506 5.25 32.67 5.03
CA PHE B 506 5.65 32.57 6.44
C PHE B 506 7.09 33.05 6.59
N LEU B 507 7.95 32.57 5.70
CA LEU B 507 9.36 32.92 5.71
C LEU B 507 9.65 34.42 5.58
N GLN B 508 9.08 35.05 4.54
CA GLN B 508 9.36 36.46 4.34
C GLN B 508 8.67 37.55 5.21
N GLU B 509 7.75 37.09 6.08
CA GLU B 509 6.82 37.98 6.78
C GLU B 509 6.49 37.57 8.21
N GLU B 510 6.73 36.30 8.53
CA GLU B 510 6.47 35.80 9.89
C GLU B 510 7.52 34.83 10.39
N LYS B 511 7.45 34.48 11.67
CA LYS B 511 8.40 33.55 12.27
C LYS B 511 7.83 32.25 12.82
N ARG B 512 6.51 32.19 13.00
CA ARG B 512 5.93 30.96 13.51
C ARG B 512 5.98 29.90 12.42
N GLU B 513 6.92 30.08 11.50
CA GLU B 513 7.12 29.16 10.38
C GLU B 513 7.16 27.74 10.95
N CYS B 514 7.65 27.63 12.19
CA CYS B 514 7.74 26.34 12.87
C CYS B 514 6.37 25.69 12.77
N PHE B 515 5.41 26.24 13.52
CA PHE B 515 4.05 25.71 13.52
C PHE B 515 3.56 25.64 12.08
N GLY B 516 4.08 26.54 11.24
CA GLY B 516 3.70 26.56 9.84
C GLY B 516 4.22 25.30 9.18
N ALA B 517 5.50 25.31 8.79
CA ALA B 517 6.08 24.17 8.11
C ALA B 517 5.85 22.77 8.74
N CYS B 518 5.26 22.77 9.93
CA CYS B 518 4.95 21.55 10.65
C CYS B 518 3.50 21.02 10.57
N LEU B 519 2.54 21.85 10.95
CA LEU B 519 1.15 21.41 10.92
C LEU B 519 0.87 21.03 9.49
N PHE B 520 1.69 21.57 8.59
CA PHE B 520 1.60 21.28 7.16
C PHE B 520 1.83 19.78 6.99
N THR B 521 3.02 19.34 7.35
CA THR B 521 3.49 17.92 7.29
C THR B 521 2.83 16.65 7.82
N CYS B 522 2.56 16.66 9.12
CA CYS B 522 1.72 15.68 9.88
C CYS B 522 0.43 15.12 9.27
N TYR B 523 -0.30 15.95 8.51
CA TYR B 523 -1.44 15.48 7.72
C TYR B 523 -0.86 14.77 6.48
N ASP B 524 -1.00 13.44 6.46
CA ASP B 524 -0.34 12.65 5.43
C ASP B 524 0.95 13.40 5.15
N LEU B 525 1.11 13.88 3.93
CA LEU B 525 2.29 14.60 3.58
C LEU B 525 1.54 15.28 2.41
N LEU B 526 1.61 16.62 2.46
CA LEU B 526 1.34 17.53 1.33
C LEU B 526 2.57 18.47 1.22
N ARG B 527 3.44 18.41 2.22
CA ARG B 527 4.65 19.23 2.25
C ARG B 527 5.80 18.27 1.91
N PRO B 528 6.06 18.06 0.60
CA PRO B 528 7.12 17.17 0.11
C PRO B 528 8.53 17.73 0.30
N ASP B 529 9.46 17.18 -0.48
CA ASP B 529 10.84 17.62 -0.44
C ASP B 529 10.88 19.01 -1.04
N VAL B 530 10.15 19.16 -2.14
CA VAL B 530 10.05 20.42 -2.87
C VAL B 530 9.98 21.63 -1.94
N VAL B 531 9.14 21.55 -0.91
CA VAL B 531 8.98 22.65 0.03
C VAL B 531 10.04 22.68 1.12
N LEU B 532 10.38 21.51 1.66
CA LEU B 532 11.39 21.41 2.70
C LEU B 532 12.70 22.04 2.25
N GLU B 533 12.91 22.11 0.94
CA GLU B 533 14.11 22.69 0.37
C GLU B 533 13.91 24.17 0.05
N THR B 534 12.79 24.48 -0.61
CA THR B 534 12.50 25.84 -0.99
C THR B 534 13.03 26.77 0.11
N ALA B 535 13.02 26.26 1.34
CA ALA B 535 13.38 27.07 2.51
C ALA B 535 14.88 27.18 2.70
N TRP B 536 15.62 26.27 2.10
CA TRP B 536 17.08 26.26 2.18
C TRP B 536 17.68 27.30 1.27
N ARG B 537 17.40 27.19 -0.03
CA ARG B 537 17.83 28.18 -1.00
C ARG B 537 18.10 29.43 -0.17
N HIS B 538 17.49 29.45 1.02
CA HIS B 538 17.62 30.59 1.97
C HIS B 538 18.26 30.55 3.37
N ASN B 539 17.47 30.09 4.33
CA ASN B 539 17.87 29.70 5.70
C ASN B 539 18.79 28.56 6.16
N ILE B 540 20.07 28.62 5.86
CA ILE B 540 21.03 27.68 6.43
C ILE B 540 20.64 27.36 7.87
N MET B 541 20.50 28.38 8.70
CA MET B 541 20.09 28.26 10.15
C MET B 541 18.54 28.42 10.08
N ASP B 542 17.83 28.09 11.09
CA ASP B 542 16.36 27.97 10.96
C ASP B 542 16.01 26.76 10.12
N PHE B 543 15.53 25.73 10.83
CA PHE B 543 14.90 24.56 10.22
C PHE B 543 14.65 23.46 11.25
N ALA B 544 15.53 23.40 12.25
CA ALA B 544 15.42 22.39 13.30
C ALA B 544 14.09 22.53 14.06
N MET B 545 13.33 21.45 14.11
CA MET B 545 12.04 21.44 14.80
C MET B 545 11.47 20.03 14.87
N PRO B 546 11.28 19.39 13.71
CA PRO B 546 10.73 18.05 13.64
C PRO B 546 9.93 17.47 14.81
N TYR B 547 8.79 16.92 14.44
CA TYR B 547 7.96 16.28 15.36
C TYR B 547 7.59 15.27 14.22
N PHE B 548 7.20 15.86 13.11
CA PHE B 548 6.48 15.32 11.94
C PHE B 548 7.29 14.56 10.95
N ILE B 549 8.43 15.13 10.57
CA ILE B 549 9.33 14.49 9.60
C ILE B 549 9.60 13.02 9.94
N GLN B 550 9.50 12.70 11.23
CA GLN B 550 9.75 11.33 11.67
C GLN B 550 8.43 10.58 11.75
N VAL B 551 7.34 11.32 11.90
CA VAL B 551 6.00 10.73 11.94
C VAL B 551 5.84 9.99 10.63
N MET B 552 6.40 10.58 9.58
CA MET B 552 6.35 10.01 8.23
C MET B 552 7.48 8.99 8.05
N LYS B 553 8.51 9.08 8.89
CA LYS B 553 9.66 8.17 8.82
C LYS B 553 9.39 6.70 9.13
N GLU B 554 9.02 6.39 10.38
CA GLU B 554 8.64 5.02 10.69
C GLU B 554 7.27 4.72 10.09
N TYR B 555 6.61 5.77 9.57
CA TYR B 555 5.32 5.60 8.93
C TYR B 555 5.72 4.91 7.62
N LEU B 556 6.78 5.45 7.02
CA LEU B 556 7.34 4.91 5.80
C LEU B 556 8.39 3.87 6.21
N THR B 557 8.15 3.29 7.37
CA THR B 557 9.01 2.26 7.95
C THR B 557 8.08 1.21 8.56
N LYS B 558 6.80 1.56 8.65
CA LYS B 558 5.78 0.64 9.18
C LYS B 558 4.97 0.09 8.03
N VAL B 559 4.65 0.95 7.06
CA VAL B 559 3.91 0.49 5.89
C VAL B 559 4.90 -0.51 5.27
N ASP B 560 6.18 -0.29 5.57
CA ASP B 560 7.26 -1.14 5.11
C ASP B 560 7.23 -2.42 5.93
N LYS B 561 6.85 -2.31 7.20
CA LYS B 561 6.71 -3.48 8.06
C LYS B 561 5.72 -4.46 7.45
N LEU B 562 4.47 -4.02 7.35
CA LEU B 562 3.39 -4.86 6.80
C LEU B 562 3.70 -5.33 5.39
N ASP B 563 4.41 -4.51 4.62
CA ASP B 563 4.74 -4.85 3.24
C ASP B 563 5.74 -6.01 3.19
N ALA B 564 6.81 -5.90 3.97
CA ALA B 564 7.78 -6.99 4.05
C ALA B 564 7.03 -8.21 4.55
N SER B 565 6.06 -7.97 5.44
CA SER B 565 5.24 -9.04 6.00
C SER B 565 4.52 -9.82 4.90
N GLU B 566 3.83 -9.12 4.01
CA GLU B 566 3.08 -9.79 2.93
C GLU B 566 4.03 -10.37 1.88
N SER B 567 5.21 -9.76 1.77
CA SER B 567 6.24 -10.29 0.89
C SER B 567 6.55 -11.70 1.38
N LEU B 568 6.80 -11.82 2.69
CA LEU B 568 7.08 -13.12 3.29
C LEU B 568 5.85 -14.02 3.19
N ARG B 569 4.66 -13.44 3.31
CA ARG B 569 3.44 -14.19 3.08
C ARG B 569 3.70 -14.98 1.80
N LYS B 570 3.78 -14.25 0.69
CA LYS B 570 4.06 -14.84 -0.61
C LYS B 570 5.16 -15.90 -0.53
N GLU B 571 6.37 -15.48 -0.17
CA GLU B 571 7.51 -16.39 -0.07
C GLU B 571 7.10 -17.73 0.55
N GLU B 572 6.70 -17.67 1.82
CA GLU B 572 6.16 -18.79 2.60
C GLU B 572 5.18 -19.75 1.95
N GLU B 573 4.09 -19.19 1.42
CA GLU B 573 3.13 -20.04 0.69
C GLU B 573 3.80 -20.78 -0.49
N GLN B 574 4.50 -20.05 -1.34
CA GLN B 574 5.23 -20.65 -2.47
C GLN B 574 6.22 -21.69 -1.95
N ALA B 575 6.10 -22.07 -0.69
CA ALA B 575 7.00 -23.05 -0.07
C ALA B 575 6.31 -24.34 0.32
N THR B 576 5.01 -24.26 0.56
CA THR B 576 4.18 -25.44 0.87
C THR B 576 3.69 -26.27 -0.33
N GLU B 577 2.98 -25.60 -1.23
CA GLU B 577 2.51 -26.24 -2.46
C GLU B 577 3.65 -26.65 -3.40
N THR B 578 4.87 -26.19 -3.13
CA THR B 578 5.99 -26.54 -4.01
C THR B 578 7.41 -26.52 -3.44
N GLN B 579 7.54 -26.84 -2.15
CA GLN B 579 8.87 -26.90 -1.54
C GLN B 579 9.86 -27.77 -2.31
N ASN C 27 16.94 -144.10 127.63
CA ASN C 27 17.16 -142.86 126.86
C ASN C 27 17.40 -143.12 125.37
N THR C 28 17.34 -144.41 124.98
CA THR C 28 17.56 -144.79 123.60
C THR C 28 16.28 -144.70 122.77
N SER C 29 15.39 -143.78 123.16
CA SER C 29 14.12 -143.60 122.47
C SER C 29 13.46 -142.25 122.77
N ALA C 30 13.60 -141.80 124.01
CA ALA C 30 13.00 -140.54 124.42
C ALA C 30 13.51 -139.42 123.50
N VAL C 31 14.47 -139.74 122.66
CA VAL C 31 15.06 -138.79 121.71
C VAL C 31 14.67 -138.85 120.23
N GLN C 32 14.93 -140.00 119.61
CA GLN C 32 14.54 -140.25 118.23
C GLN C 32 13.04 -139.98 118.03
N VAL C 33 12.32 -139.82 119.14
CA VAL C 33 10.89 -139.56 119.09
C VAL C 33 10.48 -138.49 120.10
N LEU C 34 11.43 -137.60 120.42
CA LEU C 34 11.17 -136.52 121.36
C LEU C 34 10.17 -135.51 120.77
N ILE C 35 9.67 -135.82 119.58
CA ILE C 35 8.69 -135.00 118.91
C ILE C 35 7.67 -135.67 119.86
N GLU C 36 6.45 -135.13 119.78
CA GLU C 36 5.37 -135.15 120.78
C GLU C 36 4.30 -136.18 120.52
N HIS C 37 4.40 -137.27 121.27
CA HIS C 37 3.44 -138.37 121.15
C HIS C 37 3.95 -139.62 121.87
N ILE C 38 5.06 -139.49 122.56
CA ILE C 38 5.65 -140.59 123.30
C ILE C 38 6.78 -140.13 124.22
N GLY C 39 7.35 -138.97 123.88
CA GLY C 39 8.44 -138.41 124.68
C GLY C 39 7.96 -137.33 125.63
N ASN C 40 7.72 -137.71 126.88
CA ASN C 40 7.25 -136.78 127.90
C ASN C 40 8.15 -135.54 127.98
N LEU C 41 9.32 -135.61 127.35
CA LEU C 41 10.27 -134.51 127.36
C LEU C 41 11.11 -134.52 128.63
N ASP C 42 10.88 -133.54 129.50
CA ASP C 42 11.62 -133.44 130.73
C ASP C 42 12.26 -134.78 131.06
N ARG C 43 12.90 -135.39 130.07
CA ARG C 43 13.62 -136.61 130.28
C ARG C 43 14.89 -136.47 129.39
N ALA C 44 14.69 -136.22 128.11
CA ALA C 44 15.78 -136.22 127.13
C ALA C 44 16.95 -135.37 127.56
N TYR C 45 16.65 -134.22 128.17
CA TYR C 45 17.69 -133.32 128.64
C TYR C 45 17.93 -133.48 130.14
N GLU C 46 17.43 -134.59 130.69
CA GLU C 46 17.60 -134.87 132.12
C GLU C 46 18.76 -135.82 132.36
N PHE C 47 19.23 -136.47 131.30
CA PHE C 47 20.34 -137.41 131.40
C PHE C 47 21.47 -137.03 130.44
N ALA C 48 21.65 -135.73 130.23
CA ALA C 48 22.70 -135.25 129.33
C ALA C 48 23.78 -134.48 130.10
N GLU C 49 23.42 -133.99 131.28
CA GLU C 49 24.34 -133.24 132.11
C GLU C 49 25.36 -134.17 132.78
N ARG C 50 25.06 -135.46 132.78
CA ARG C 50 25.94 -136.46 133.38
C ARG C 50 25.90 -137.76 132.59
N CYS C 51 25.50 -137.67 131.33
CA CYS C 51 25.42 -138.86 130.47
C CYS C 51 25.66 -138.49 129.01
N ASN C 52 26.13 -139.46 128.23
CA ASN C 52 26.40 -139.23 126.81
C ASN C 52 25.12 -139.15 125.98
N GLU C 53 25.11 -139.82 124.83
CA GLU C 53 23.95 -139.82 123.95
C GLU C 53 24.09 -140.89 122.87
N PRO C 54 23.12 -140.95 121.98
CA PRO C 54 23.11 -141.92 120.87
C PRO C 54 23.05 -141.26 119.51
N ALA C 55 22.14 -141.74 118.66
CA ALA C 55 21.98 -141.19 117.32
C ALA C 55 21.41 -139.77 117.36
N VAL C 56 20.21 -139.59 116.83
CA VAL C 56 19.56 -138.29 116.81
C VAL C 56 20.58 -137.17 116.70
N TRP C 57 20.86 -136.73 115.48
CA TRP C 57 21.82 -135.66 115.24
C TRP C 57 21.24 -134.56 114.36
N SER C 58 20.74 -134.94 113.19
CA SER C 58 20.17 -133.97 112.26
C SER C 58 18.73 -133.63 112.63
N GLN C 59 18.05 -134.57 113.30
CA GLN C 59 16.67 -134.37 113.72
C GLN C 59 16.60 -133.78 115.13
N LEU C 60 17.67 -133.99 115.89
CA LEU C 60 17.73 -133.47 117.26
C LEU C 60 18.06 -131.97 117.27
N ALA C 61 18.77 -131.52 116.23
CA ALA C 61 19.15 -130.11 116.13
C ALA C 61 17.97 -129.26 115.67
N LYS C 62 17.03 -129.89 114.97
CA LYS C 62 15.85 -129.18 114.48
C LYS C 62 14.78 -129.07 115.55
N ALA C 63 14.78 -130.01 116.49
CA ALA C 63 13.81 -130.01 117.58
C ALA C 63 14.35 -129.27 118.80
N GLN C 64 15.68 -129.32 118.98
CA GLN C 64 16.32 -128.65 120.10
C GLN C 64 16.64 -127.19 119.77
N LEU C 65 16.34 -126.80 118.54
CA LEU C 65 16.60 -125.43 118.08
C LEU C 65 15.30 -124.64 117.96
N GLN C 66 14.17 -125.35 117.93
CA GLN C 66 12.86 -124.70 117.82
C GLN C 66 12.09 -124.80 119.14
N LYS C 67 12.62 -125.58 120.07
CA LYS C 67 11.98 -125.75 121.38
C LYS C 67 12.87 -125.34 122.54
N GLY C 68 12.50 -124.13 123.10
CA GLY C 68 13.44 -123.65 124.11
C GLY C 68 14.64 -122.98 123.44
N MET C 69 15.70 -122.76 124.20
CA MET C 69 16.90 -122.12 123.69
C MET C 69 18.16 -122.61 124.41
N VAL C 70 19.17 -123.00 123.64
CA VAL C 70 20.42 -123.50 124.20
C VAL C 70 21.50 -123.65 123.13
N LYS C 71 21.06 -123.75 121.88
CA LYS C 71 21.99 -123.87 120.72
C LYS C 71 23.50 -123.98 120.92
N GLU C 72 24.04 -122.99 121.64
CA GLU C 72 25.43 -123.03 122.10
C GLU C 72 25.74 -124.39 122.75
N ALA C 73 24.75 -124.97 123.42
CA ALA C 73 24.93 -126.26 124.07
C ALA C 73 24.41 -127.39 123.18
N ILE C 74 23.24 -127.20 122.60
CA ILE C 74 22.65 -128.20 121.72
C ILE C 74 23.33 -128.21 120.35
N ASP C 75 24.26 -127.27 120.15
CA ASP C 75 24.99 -127.18 118.89
C ASP C 75 26.49 -127.40 119.10
N SER C 76 26.86 -127.76 120.33
CA SER C 76 28.26 -128.02 120.66
C SER C 76 28.45 -129.40 121.27
N TYR C 77 27.47 -130.29 121.04
CA TYR C 77 27.53 -131.64 121.56
C TYR C 77 26.81 -132.62 120.62
N ILE C 78 26.57 -132.19 119.39
CA ILE C 78 25.89 -133.02 118.40
C ILE C 78 26.57 -132.94 117.04
N LYS C 79 27.56 -132.06 116.93
CA LYS C 79 28.29 -131.89 115.71
C LYS C 79 29.26 -133.05 115.99
N ALA C 80 28.75 -134.26 115.76
CA ALA C 80 29.57 -135.50 115.64
C ALA C 80 30.26 -135.46 114.37
N ASP C 81 29.12 -135.00 113.94
CA ASP C 81 29.63 -134.98 112.68
C ASP C 81 29.33 -133.72 111.94
N ASP C 82 28.43 -132.92 112.51
CA ASP C 82 28.00 -131.67 111.88
C ASP C 82 26.72 -131.14 112.51
N PRO C 83 26.11 -130.16 111.85
CA PRO C 83 24.86 -129.56 112.33
C PRO C 83 23.70 -129.76 111.36
N SER C 84 24.02 -130.29 110.17
CA SER C 84 22.99 -130.53 109.16
C SER C 84 21.93 -129.43 109.31
N SER C 85 20.67 -129.83 109.18
CA SER C 85 19.61 -128.97 109.07
C SER C 85 19.43 -128.40 107.43
N TYR C 86 20.64 -127.55 107.42
CA TYR C 86 20.77 -126.65 106.17
C TYR C 86 20.21 -125.18 106.61
N MET C 87 19.50 -124.60 105.66
CA MET C 87 18.99 -123.25 105.78
C MET C 87 18.52 -122.95 107.19
N GLU C 88 17.86 -123.91 107.80
CA GLU C 88 17.33 -123.79 109.19
C GLU C 88 18.21 -123.38 110.38
N VAL C 89 19.19 -124.24 110.68
CA VAL C 89 20.23 -123.93 111.65
C VAL C 89 21.12 -122.78 111.12
N VAL C 90 21.55 -122.89 109.87
CA VAL C 90 22.38 -121.87 109.24
C VAL C 90 21.89 -120.45 109.51
N GLN C 91 20.75 -120.11 108.93
CA GLN C 91 20.15 -118.78 109.13
C GLN C 91 19.93 -118.49 110.61
N ALA C 92 19.33 -119.44 111.32
CA ALA C 92 19.06 -119.28 112.75
C ALA C 92 20.27 -118.68 113.48
N ALA C 93 21.43 -119.30 113.30
CA ALA C 93 22.65 -118.83 113.94
C ALA C 93 23.18 -117.56 113.26
N ASN C 94 22.88 -116.42 113.85
CA ASN C 94 23.33 -115.13 113.30
C ASN C 94 22.74 -113.94 114.06
N THR C 95 21.41 -113.95 114.21
CA THR C 95 20.72 -112.87 114.91
C THR C 95 21.03 -112.91 116.41
N SER C 96 20.80 -114.05 117.03
CA SER C 96 21.05 -114.21 118.46
C SER C 96 22.49 -113.88 118.81
N GLY C 97 23.18 -114.83 119.45
CA GLY C 97 24.56 -114.65 119.84
C GLY C 97 25.39 -115.91 119.66
N ASN C 98 26.30 -115.88 118.71
CA ASN C 98 27.17 -117.02 118.43
C ASN C 98 27.63 -116.92 116.98
N TRP C 99 28.43 -115.89 116.69
CA TRP C 99 29.02 -115.72 115.37
C TRP C 99 30.43 -116.34 115.34
N GLU C 100 31.40 -115.60 115.84
CA GLU C 100 32.82 -116.05 115.92
C GLU C 100 33.22 -117.52 116.01
N GLU C 101 32.44 -118.27 116.80
CA GLU C 101 32.52 -119.72 116.85
C GLU C 101 31.55 -120.31 115.79
N LEU C 102 30.47 -119.59 115.51
CA LEU C 102 29.47 -120.03 114.52
C LEU C 102 30.12 -120.21 113.15
N VAL C 103 30.82 -119.18 112.69
CA VAL C 103 31.50 -119.23 111.39
C VAL C 103 32.47 -120.41 111.32
N LYS C 104 33.08 -120.74 112.46
CA LYS C 104 34.03 -121.85 112.52
C LYS C 104 33.31 -123.20 112.51
N TYR C 105 32.11 -123.22 113.09
CA TYR C 105 31.32 -124.45 113.15
C TYR C 105 31.07 -125.00 111.74
N LEU C 106 31.09 -124.12 110.75
CA LEU C 106 30.87 -124.52 109.37
C LEU C 106 32.17 -124.97 108.70
N GLN C 107 33.29 -124.41 109.18
CA GLN C 107 34.60 -124.76 108.63
C GLN C 107 34.72 -126.25 108.37
N MET C 108 34.08 -127.05 109.23
CA MET C 108 34.11 -128.50 109.09
C MET C 108 32.82 -129.02 108.44
N ALA C 109 31.74 -128.28 108.62
CA ALA C 109 30.46 -128.66 108.04
C ALA C 109 30.52 -128.75 106.52
N ARG C 110 31.38 -127.92 105.93
CA ARG C 110 31.54 -127.91 104.48
C ARG C 110 31.95 -129.29 103.96
N LYS C 111 32.83 -129.95 104.69
CA LYS C 111 33.31 -131.27 104.32
C LYS C 111 32.15 -132.25 104.20
N LYS C 112 31.03 -131.93 104.84
CA LYS C 112 29.85 -132.78 104.79
C LYS C 112 28.83 -132.26 103.79
N ALA C 113 28.25 -131.10 104.07
CA ALA C 113 27.24 -130.48 103.20
C ALA C 113 27.71 -129.49 102.14
N ARG C 114 27.86 -128.24 102.57
CA ARG C 114 28.42 -127.19 101.72
C ARG C 114 27.53 -126.89 100.53
N GLU C 115 26.92 -125.70 100.54
CA GLU C 115 26.04 -125.27 99.46
C GLU C 115 25.51 -123.87 99.71
N SER C 116 26.12 -122.90 99.04
CA SER C 116 25.68 -121.47 99.15
C SER C 116 24.95 -120.80 100.31
N TYR C 117 23.65 -121.11 100.39
CA TYR C 117 22.81 -120.82 101.56
C TYR C 117 23.40 -121.41 102.88
N VAL C 118 24.34 -122.34 102.76
CA VAL C 118 25.04 -122.98 103.91
C VAL C 118 26.56 -122.68 103.95
N GLU C 119 27.22 -122.74 102.79
CA GLU C 119 28.60 -122.25 102.64
C GLU C 119 28.54 -120.77 102.20
N THR C 120 27.69 -120.42 101.22
CA THR C 120 27.58 -119.02 100.80
C THR C 120 27.19 -118.30 102.08
N GLU C 121 26.72 -119.08 103.06
CA GLU C 121 26.36 -118.52 104.35
C GLU C 121 27.64 -118.44 105.18
N LEU C 122 28.49 -119.44 105.07
CA LEU C 122 29.76 -119.41 105.80
C LEU C 122 30.47 -118.16 105.29
N ILE C 123 30.46 -117.99 103.97
CA ILE C 123 31.08 -116.83 103.35
C ILE C 123 30.45 -115.59 103.95
N PHE C 124 29.14 -115.44 103.74
CA PHE C 124 28.38 -114.32 104.27
C PHE C 124 28.77 -114.13 105.74
N ALA C 125 28.63 -115.21 106.50
CA ALA C 125 28.97 -115.20 107.92
C ALA C 125 30.42 -114.77 108.13
N LEU C 126 31.34 -115.44 107.44
CA LEU C 126 32.76 -115.10 107.55
C LEU C 126 32.95 -113.62 107.25
N ALA C 127 32.32 -113.15 106.16
CA ALA C 127 32.42 -111.75 105.77
C ALA C 127 32.24 -110.90 107.03
N LYS C 128 31.32 -111.32 107.89
CA LYS C 128 31.07 -110.59 109.13
C LYS C 128 31.59 -111.22 110.42
N THR C 129 32.73 -111.90 110.31
CA THR C 129 33.29 -112.72 111.41
C THR C 129 34.44 -112.28 112.32
N ASN C 130 35.65 -112.52 111.84
CA ASN C 130 36.91 -112.07 112.47
C ASN C 130 37.17 -110.66 111.91
N ARG C 131 38.27 -110.08 112.41
CA ARG C 131 38.57 -108.62 112.29
C ARG C 131 40.02 -108.70 112.24
N LEU C 132 40.19 -109.95 111.52
CA LEU C 132 41.61 -110.54 111.59
C LEU C 132 42.65 -111.06 110.63
N ALA C 133 42.80 -112.39 110.66
CA ALA C 133 43.54 -113.14 109.63
C ALA C 133 42.49 -113.75 108.66
N GLU C 134 41.24 -113.31 108.76
CA GLU C 134 40.14 -113.79 107.92
C GLU C 134 40.18 -113.15 106.53
N LEU C 135 41.36 -112.73 106.10
CA LEU C 135 41.54 -112.12 104.79
C LEU C 135 42.98 -112.27 104.33
N GLU C 136 43.73 -113.12 105.02
CA GLU C 136 45.12 -113.38 104.70
C GLU C 136 45.26 -114.78 104.11
N GLU C 137 44.38 -115.68 104.53
CA GLU C 137 44.40 -117.06 104.05
C GLU C 137 43.30 -117.33 103.02
N PHE C 138 42.30 -116.45 102.95
CA PHE C 138 41.23 -116.63 101.97
C PHE C 138 41.84 -116.47 100.58
N ILE C 139 43.18 -116.38 100.55
CA ILE C 139 43.91 -116.16 99.31
C ILE C 139 44.92 -117.28 99.06
N ASN C 140 45.19 -118.07 100.09
CA ASN C 140 46.16 -119.17 99.98
C ASN C 140 45.50 -120.46 99.48
N GLY C 141 44.40 -120.29 98.73
CA GLY C 141 43.68 -121.43 98.20
C GLY C 141 42.18 -121.26 98.30
N PRO C 142 41.62 -120.31 97.54
CA PRO C 142 40.19 -120.00 97.51
C PRO C 142 39.54 -120.46 96.21
N ASN C 143 38.21 -120.47 96.24
CA ASN C 143 37.45 -121.26 95.26
C ASN C 143 36.07 -121.63 95.84
N ASN C 144 35.81 -121.17 97.05
CA ASN C 144 34.59 -121.50 97.83
C ASN C 144 33.56 -120.43 98.12
N ALA C 145 34.04 -119.28 98.57
CA ALA C 145 33.20 -118.09 98.74
C ALA C 145 32.41 -117.76 97.45
N HIS C 146 31.08 -117.84 97.56
CA HIS C 146 30.17 -117.55 96.47
C HIS C 146 30.22 -116.04 96.23
N ILE C 147 31.40 -115.54 95.90
CA ILE C 147 31.56 -114.17 95.40
C ILE C 147 30.30 -113.33 95.33
N GLN C 148 29.27 -113.68 94.57
CA GLN C 148 28.15 -112.74 94.57
C GLN C 148 28.03 -112.04 95.92
N GLN C 149 27.01 -112.42 96.69
CA GLN C 149 26.79 -111.83 98.00
C GLN C 149 28.08 -111.27 98.57
N VAL C 150 29.21 -111.75 98.06
CA VAL C 150 30.51 -111.27 98.48
C VAL C 150 30.53 -109.76 98.29
N GLY C 151 30.50 -109.33 97.03
CA GLY C 151 30.50 -107.91 96.74
C GLY C 151 29.45 -107.15 97.51
N ASP C 152 28.23 -107.68 97.55
CA ASP C 152 27.12 -107.04 98.27
C ASP C 152 27.43 -106.89 99.76
N ARG C 153 27.76 -108.00 100.40
CA ARG C 153 28.09 -107.98 101.83
C ARG C 153 29.34 -107.15 102.06
N CYS C 154 30.33 -107.31 101.18
CA CYS C 154 31.56 -106.56 101.29
C CYS C 154 31.21 -105.08 101.18
N TYR C 155 30.24 -104.78 100.32
CA TYR C 155 29.77 -103.40 100.12
C TYR C 155 29.02 -102.98 101.36
N ASP C 156 28.43 -103.95 102.06
CA ASP C 156 27.68 -103.67 103.28
C ASP C 156 28.59 -103.73 104.50
N GLU C 157 29.91 -103.82 104.26
CA GLU C 157 30.88 -103.88 105.34
C GLU C 157 31.77 -102.63 105.35
N LYS C 158 32.98 -102.78 105.88
CA LYS C 158 33.93 -101.67 105.96
C LYS C 158 35.37 -102.17 105.99
N MET C 159 35.66 -103.20 105.22
CA MET C 159 37.01 -103.76 105.15
C MET C 159 37.57 -103.65 103.73
N TYR C 160 38.86 -103.31 103.62
CA TYR C 160 39.48 -103.16 102.32
C TYR C 160 40.70 -104.01 101.94
N ASP C 161 41.40 -104.58 102.93
CA ASP C 161 42.59 -105.37 102.65
C ASP C 161 42.38 -106.65 101.85
N ALA C 162 41.12 -106.99 101.57
CA ALA C 162 40.82 -108.21 100.81
C ALA C 162 39.81 -108.01 99.68
N ALA C 163 39.44 -106.75 99.43
CA ALA C 163 38.49 -106.46 98.36
C ALA C 163 39.19 -106.38 97.00
N LYS C 164 40.42 -106.90 96.97
CA LYS C 164 41.23 -106.87 95.79
C LYS C 164 41.68 -108.33 95.78
N LEU C 165 42.46 -108.72 96.79
CA LEU C 165 43.12 -110.02 96.82
C LEU C 165 42.07 -111.09 96.58
N LEU C 166 40.82 -110.63 96.45
CA LEU C 166 39.68 -111.50 96.20
C LEU C 166 38.92 -110.95 95.00
N TYR C 167 38.77 -109.63 94.95
CA TYR C 167 38.07 -108.98 93.84
C TYR C 167 38.85 -109.20 92.55
N ASN C 168 40.13 -109.57 92.70
CA ASN C 168 40.99 -109.85 91.55
C ASN C 168 40.93 -111.35 91.28
N ASN C 169 39.84 -111.94 91.76
CA ASN C 169 39.55 -113.37 91.61
C ASN C 169 38.03 -113.44 91.68
N VAL C 170 37.40 -112.27 91.58
CA VAL C 170 35.94 -112.16 91.71
C VAL C 170 35.40 -110.98 90.90
N SER C 171 34.24 -110.47 91.32
CA SER C 171 33.59 -109.35 90.64
C SER C 171 33.64 -108.06 91.43
N ASN C 172 34.12 -107.17 90.50
CA ASN C 172 33.96 -106.01 91.42
C ASN C 172 34.09 -104.55 92.03
N PHE C 173 34.75 -103.75 91.29
CA PHE C 173 35.56 -102.48 91.42
C PHE C 173 35.03 -101.26 91.98
N GLY C 174 33.82 -100.90 91.53
CA GLY C 174 33.16 -99.71 92.04
C GLY C 174 32.90 -99.99 93.50
N ARG C 175 32.63 -101.25 93.77
CA ARG C 175 32.40 -101.75 95.12
C ARG C 175 33.76 -101.91 95.77
N LEU C 176 34.72 -101.15 95.25
CA LEU C 176 36.11 -101.15 95.74
C LEU C 176 36.51 -99.70 95.99
N ALA C 177 36.05 -98.81 95.10
CA ALA C 177 36.37 -97.40 95.22
C ALA C 177 35.34 -96.62 96.04
N SER C 178 34.62 -97.34 96.91
CA SER C 178 33.55 -96.71 97.67
C SER C 178 33.67 -97.21 99.12
N THR C 179 33.50 -98.48 99.38
CA THR C 179 33.63 -99.01 100.74
C THR C 179 34.99 -99.12 101.46
N LEU C 180 35.31 -98.11 102.26
CA LEU C 180 36.57 -98.10 103.01
C LEU C 180 37.11 -96.67 103.14
N VAL C 181 36.63 -95.96 104.15
CA VAL C 181 37.07 -94.59 104.38
C VAL C 181 38.58 -94.44 104.19
N HIS C 182 39.06 -93.19 104.19
CA HIS C 182 40.47 -92.91 104.02
C HIS C 182 40.86 -92.94 102.54
N LEU C 183 39.87 -93.18 101.67
CA LEU C 183 40.11 -93.23 100.24
C LEU C 183 41.40 -93.98 99.92
N GLY C 184 41.27 -95.23 99.52
CA GLY C 184 42.43 -96.05 99.18
C GLY C 184 43.71 -95.24 99.07
N GLU C 185 43.65 -93.98 99.45
CA GLU C 185 44.78 -93.06 99.40
C GLU C 185 45.17 -92.78 97.96
N TYR C 186 46.42 -92.41 97.78
CA TYR C 186 47.00 -92.22 96.46
C TYR C 186 47.34 -93.63 95.96
N GLN C 187 46.75 -94.62 96.63
CA GLN C 187 46.95 -96.04 96.31
C GLN C 187 45.73 -96.65 95.61
N ALA C 188 44.82 -95.81 95.12
CA ALA C 188 43.65 -96.34 94.45
C ALA C 188 43.33 -95.72 93.08
N ALA C 189 44.21 -94.81 92.64
CA ALA C 189 43.97 -94.06 91.40
C ALA C 189 44.74 -94.69 90.26
N VAL C 190 46.01 -95.03 90.51
CA VAL C 190 46.84 -95.63 89.48
C VAL C 190 46.25 -96.94 88.95
N ASP C 191 45.08 -97.30 89.49
CA ASP C 191 44.40 -98.57 89.21
C ASP C 191 42.90 -98.37 89.32
N GLY C 192 42.47 -97.10 89.31
CA GLY C 192 41.06 -96.78 89.42
C GLY C 192 40.46 -96.21 88.15
N ALA C 193 40.61 -94.91 87.95
CA ALA C 193 40.04 -94.27 86.76
C ALA C 193 40.74 -94.81 85.49
N ARG C 194 41.70 -95.71 85.69
CA ARG C 194 42.41 -96.31 84.57
C ARG C 194 41.45 -97.03 83.63
N LYS C 195 40.49 -97.75 84.21
CA LYS C 195 39.51 -98.49 83.40
C LYS C 195 38.24 -97.66 83.18
N ALA C 196 38.25 -96.42 83.69
CA ALA C 196 37.08 -95.45 83.59
C ALA C 196 35.32 -96.25 83.64
N ASN C 197 34.25 -96.82 84.36
CA ASN C 197 32.58 -97.48 84.46
C ASN C 197 31.39 -96.62 84.32
N SER C 198 30.22 -97.13 84.70
CA SER C 198 29.00 -96.35 84.59
C SER C 198 29.07 -95.06 85.41
N THR C 199 28.93 -93.92 84.75
CA THR C 199 28.92 -92.61 85.45
C THR C 199 28.26 -92.62 86.83
N ARG C 200 28.96 -92.04 87.82
CA ARG C 200 28.51 -92.20 89.23
C ARG C 200 29.53 -93.03 90.02
N THR C 201 29.54 -92.79 91.34
CA THR C 201 30.63 -93.17 92.26
C THR C 201 31.71 -92.06 92.12
N TRP C 202 31.63 -91.30 91.04
CA TRP C 202 32.55 -90.20 90.79
C TRP C 202 31.91 -88.89 91.24
N LYS C 203 30.63 -88.73 90.91
CA LYS C 203 29.90 -87.54 91.34
C LYS C 203 30.08 -87.46 92.87
N GLU C 204 30.79 -88.45 93.40
CA GLU C 204 31.03 -88.57 94.83
C GLU C 204 32.50 -88.31 95.17
N VAL C 205 33.38 -89.16 94.67
CA VAL C 205 34.86 -89.13 94.88
C VAL C 205 35.85 -87.94 94.92
N CYS C 206 35.98 -87.29 93.76
CA CYS C 206 36.62 -85.97 93.63
C CYS C 206 35.64 -84.89 94.16
N PHE C 207 34.35 -85.21 94.23
CA PHE C 207 33.40 -84.25 94.78
C PHE C 207 33.92 -84.12 96.21
N ALA C 208 33.79 -85.22 96.95
CA ALA C 208 34.20 -85.29 98.35
C ALA C 208 35.69 -84.97 98.56
N CYS C 209 36.39 -84.65 97.49
CA CYS C 209 37.84 -84.40 97.54
C CYS C 209 38.26 -82.95 97.77
N VAL C 210 37.84 -82.06 96.88
CA VAL C 210 38.09 -80.61 96.98
C VAL C 210 37.90 -79.91 98.32
N ASP C 211 36.81 -80.26 99.00
CA ASP C 211 36.56 -79.78 100.37
C ASP C 211 37.61 -80.36 101.33
N GLY C 212 37.78 -81.68 101.31
CA GLY C 212 38.75 -82.34 102.17
C GLY C 212 39.82 -83.07 101.38
N LYS C 213 41.03 -83.10 101.92
CA LYS C 213 42.15 -83.77 101.26
C LYS C 213 42.71 -82.81 100.21
N GLU C 214 43.45 -81.81 100.67
CA GLU C 214 44.09 -80.85 99.78
C GLU C 214 45.45 -81.38 99.30
N PHE C 215 45.53 -82.69 99.06
CA PHE C 215 46.76 -83.31 98.59
C PHE C 215 46.77 -83.07 97.09
N ARG C 216 45.61 -82.61 96.61
CA ARG C 216 45.41 -82.34 95.18
C ARG C 216 45.29 -83.71 94.53
N LEU C 217 44.68 -84.64 95.25
CA LEU C 217 44.42 -85.98 94.72
C LEU C 217 43.20 -86.03 93.79
N ALA C 218 42.66 -84.86 93.46
CA ALA C 218 41.47 -84.81 92.62
C ALA C 218 41.70 -84.01 91.36
N GLN C 219 42.94 -84.06 90.89
CA GLN C 219 43.37 -83.41 89.66
C GLN C 219 43.92 -84.54 88.82
N MET C 220 44.37 -85.57 89.52
CA MET C 220 44.90 -86.77 88.90
C MET C 220 43.63 -87.52 88.58
N CYS C 221 42.77 -87.63 89.60
CA CYS C 221 41.49 -88.31 89.48
C CYS C 221 40.58 -87.46 88.59
N GLY C 222 41.06 -86.28 88.21
CA GLY C 222 40.30 -85.40 87.36
C GLY C 222 40.19 -85.95 85.95
N LEU C 223 41.22 -85.69 85.14
CA LEU C 223 41.24 -86.18 83.76
C LEU C 223 41.03 -87.69 83.85
N HIS C 224 41.22 -88.21 85.04
CA HIS C 224 41.08 -89.63 85.34
C HIS C 224 39.67 -90.18 85.19
N ILE C 225 38.77 -89.69 86.04
CA ILE C 225 37.36 -90.06 85.99
C ILE C 225 36.65 -89.48 84.76
N VAL C 226 37.15 -88.36 84.25
CA VAL C 226 36.55 -87.73 83.08
C VAL C 226 36.62 -88.64 81.86
N VAL C 227 37.84 -88.97 81.43
CA VAL C 227 38.04 -89.84 80.28
C VAL C 227 36.71 -90.26 79.66
N HIS C 228 35.78 -89.30 79.56
CA HIS C 228 34.47 -89.55 79.00
C HIS C 228 34.35 -88.98 77.59
N ALA C 229 33.21 -88.39 77.29
CA ALA C 229 32.97 -87.79 75.97
C ALA C 229 31.63 -87.07 75.93
N ASP C 230 30.65 -87.69 75.26
CA ASP C 230 29.33 -87.10 75.14
C ASP C 230 28.83 -86.56 76.48
N GLU C 231 29.43 -87.04 77.56
CA GLU C 231 29.05 -86.61 78.91
C GLU C 231 29.54 -85.20 79.19
N LEU C 232 28.79 -84.46 80.00
CA LEU C 232 29.14 -83.09 80.35
C LEU C 232 28.01 -82.31 81.04
N GLU C 233 26.89 -82.99 81.28
CA GLU C 233 25.75 -82.35 81.96
C GLU C 233 25.81 -82.71 83.44
N GLU C 234 26.01 -83.99 83.71
CA GLU C 234 26.18 -84.51 85.07
C GLU C 234 27.48 -83.91 85.61
N LEU C 235 28.33 -83.50 84.68
CA LEU C 235 29.65 -82.92 84.99
C LEU C 235 29.63 -81.45 85.42
N ILE C 236 28.48 -80.91 85.79
CA ILE C 236 28.42 -79.50 86.21
C ILE C 236 27.61 -79.19 87.48
N ASN C 237 27.79 -80.00 88.50
CA ASN C 237 27.13 -79.83 89.80
C ASN C 237 28.13 -80.54 90.69
N TYR C 238 29.28 -80.80 90.09
CA TYR C 238 30.35 -81.54 90.70
C TYR C 238 31.69 -80.80 90.57
N TYR C 239 31.67 -79.73 89.80
CA TYR C 239 32.85 -78.90 89.56
C TYR C 239 32.51 -77.45 89.88
N GLN C 240 31.39 -77.25 90.57
CA GLN C 240 30.94 -75.90 90.90
C GLN C 240 30.73 -75.67 92.40
N ASP C 241 29.66 -76.27 92.95
CA ASP C 241 29.34 -76.13 94.37
C ASP C 241 30.57 -76.11 95.29
N ARG C 242 31.62 -76.84 94.92
CA ARG C 242 32.83 -76.88 95.72
C ARG C 242 33.95 -75.99 95.19
N GLY C 243 34.02 -75.89 93.86
CA GLY C 243 35.03 -75.05 93.23
C GLY C 243 36.31 -75.75 92.80
N TYR C 244 36.77 -75.44 91.59
CA TYR C 244 37.99 -76.05 91.04
C TYR C 244 38.52 -75.32 89.81
N PHE C 245 37.77 -75.42 88.71
CA PHE C 245 38.13 -74.74 87.47
C PHE C 245 39.53 -75.10 87.02
N GLU C 246 40.44 -74.12 87.05
CA GLU C 246 41.81 -74.34 86.63
C GLU C 246 41.92 -75.75 86.05
N GLU C 247 42.04 -76.75 86.92
CA GLU C 247 42.18 -78.13 86.48
C GLU C 247 41.10 -78.49 85.46
N LEU C 248 39.95 -77.84 85.57
CA LEU C 248 38.84 -78.08 84.65
C LEU C 248 39.02 -77.30 83.35
N ILE C 249 39.53 -76.07 83.47
CA ILE C 249 39.75 -75.22 82.32
C ILE C 249 41.07 -75.60 81.64
N THR C 250 41.62 -76.75 82.02
CA THR C 250 42.87 -77.23 81.45
C THR C 250 42.76 -78.68 80.97
N MET C 251 41.59 -79.29 81.15
CA MET C 251 41.37 -80.67 80.73
C MET C 251 40.83 -80.64 79.30
N LEU C 252 39.78 -79.85 79.09
CA LEU C 252 39.16 -79.70 77.77
C LEU C 252 40.31 -79.37 76.83
N GLU C 253 41.36 -78.80 77.41
CA GLU C 253 42.56 -78.42 76.70
C GLU C 253 43.09 -79.57 75.85
N ALA C 254 42.56 -80.76 76.05
CA ALA C 254 43.02 -81.92 75.29
C ALA C 254 41.86 -82.66 74.63
N ALA C 255 40.79 -82.85 75.39
CA ALA C 255 39.61 -83.55 74.90
C ALA C 255 39.09 -82.98 73.59
N LEU C 256 39.37 -81.70 73.33
CA LEU C 256 38.92 -81.04 72.12
C LEU C 256 39.78 -81.38 70.89
N GLY C 257 40.97 -81.93 71.14
CA GLY C 257 41.85 -82.28 70.04
C GLY C 257 41.70 -83.74 69.64
N LEU C 258 41.05 -84.52 70.49
CA LEU C 258 40.83 -85.94 70.24
C LEU C 258 40.15 -86.15 68.89
N GLU C 259 40.15 -87.40 68.41
CA GLU C 259 39.54 -87.67 67.13
C GLU C 259 37.99 -87.57 67.20
N ARG C 260 37.51 -87.33 68.42
CA ARG C 260 36.09 -87.47 68.77
C ARG C 260 35.50 -86.25 69.45
N ALA C 261 35.96 -85.08 69.02
CA ALA C 261 35.53 -83.81 69.62
C ALA C 261 34.19 -83.33 69.04
N HIS C 262 33.33 -82.84 69.92
CA HIS C 262 32.01 -82.35 69.52
C HIS C 262 31.81 -80.84 69.71
N MET C 263 30.55 -80.43 69.79
CA MET C 263 30.20 -79.01 69.95
C MET C 263 30.20 -78.54 71.40
N GLY C 264 29.50 -79.27 72.26
CA GLY C 264 29.42 -78.90 73.66
C GLY C 264 30.71 -78.42 74.30
N MET C 265 31.81 -79.11 73.99
CA MET C 265 33.13 -78.77 74.53
C MET C 265 33.44 -77.27 74.41
N PHE C 266 33.70 -76.82 73.19
CA PHE C 266 34.03 -75.43 72.92
C PHE C 266 33.07 -74.49 73.67
N THR C 267 31.79 -74.82 73.62
CA THR C 267 30.75 -74.03 74.26
C THR C 267 31.00 -73.85 75.75
N GLU C 268 30.87 -74.94 76.52
CA GLU C 268 31.08 -74.90 77.96
C GLU C 268 32.44 -74.28 78.27
N LEU C 269 33.43 -74.61 77.43
CA LEU C 269 34.78 -74.09 77.59
C LEU C 269 34.73 -72.56 77.73
N ALA C 270 33.80 -71.95 77.00
CA ALA C 270 33.62 -70.50 77.02
C ALA C 270 33.05 -70.02 78.35
N ILE C 271 32.10 -70.78 78.89
CA ILE C 271 31.47 -70.43 80.16
C ILE C 271 32.55 -70.18 81.21
N LEU C 272 33.74 -70.71 80.93
CA LEU C 272 34.89 -70.55 81.83
C LEU C 272 35.69 -69.32 81.39
N TYR C 273 36.11 -69.30 80.13
CA TYR C 273 36.86 -68.18 79.59
C TYR C 273 36.12 -66.86 79.80
N SER C 274 34.82 -66.95 80.04
CA SER C 274 33.92 -65.78 80.23
C SER C 274 33.82 -64.67 81.29
N LYS C 275 33.35 -65.10 82.46
CA LYS C 275 33.40 -64.39 83.71
C LYS C 275 34.41 -65.46 84.27
N PHE C 276 35.68 -65.23 83.91
CA PHE C 276 36.92 -65.68 84.58
C PHE C 276 38.13 -65.08 83.82
N LYS C 277 38.87 -65.95 83.15
CA LYS C 277 40.04 -65.52 82.37
C LYS C 277 39.62 -64.71 81.14
N PRO C 278 39.73 -63.37 81.21
CA PRO C 278 39.36 -62.52 80.07
C PRO C 278 40.30 -62.81 78.90
N GLN C 279 41.36 -62.01 78.80
CA GLN C 279 42.39 -62.14 77.77
C GLN C 279 42.17 -63.24 76.74
N LYS C 280 42.57 -64.46 77.09
CA LYS C 280 42.45 -65.63 76.21
C LYS C 280 41.05 -65.83 75.64
N MET C 281 40.04 -65.49 76.42
CA MET C 281 38.64 -65.65 75.99
C MET C 281 38.43 -65.28 74.52
N ARG C 282 39.07 -64.22 74.05
CA ARG C 282 38.93 -63.83 72.64
C ARG C 282 39.70 -64.84 71.81
N GLU C 283 40.93 -65.11 72.24
CA GLU C 283 41.84 -66.06 71.59
C GLU C 283 41.01 -67.24 71.07
N HIS C 284 40.18 -67.80 71.95
CA HIS C 284 39.32 -68.95 71.65
C HIS C 284 38.29 -68.77 70.53
N LEU C 285 37.32 -67.88 70.79
CA LEU C 285 36.27 -67.55 69.83
C LEU C 285 36.79 -67.36 68.41
N GLU C 286 37.69 -66.40 68.24
CA GLU C 286 38.28 -66.10 66.94
C GLU C 286 38.66 -67.39 66.22
N LEU C 287 38.90 -68.45 66.99
CA LEU C 287 39.26 -69.76 66.44
C LEU C 287 38.04 -70.66 66.28
N PHE C 288 37.37 -70.90 67.40
CA PHE C 288 36.21 -71.77 67.44
C PHE C 288 34.89 -71.01 67.54
N TRP C 289 34.37 -70.57 66.39
CA TRP C 289 33.11 -69.84 66.35
C TRP C 289 32.01 -70.67 65.69
N SER C 290 32.40 -71.51 64.74
CA SER C 290 31.44 -72.37 64.05
C SER C 290 30.94 -73.47 64.98
N ARG C 291 31.89 -74.23 65.52
CA ARG C 291 31.59 -75.34 66.42
C ARG C 291 31.25 -74.81 67.82
N VAL C 292 30.05 -74.24 67.96
CA VAL C 292 29.63 -73.70 69.26
C VAL C 292 28.24 -73.06 69.22
N ASN C 293 27.63 -72.94 70.41
CA ASN C 293 26.32 -72.32 70.56
C ASN C 293 26.53 -70.81 70.60
N ILE C 294 25.44 -70.04 70.55
CA ILE C 294 25.56 -68.59 70.57
C ILE C 294 24.54 -67.86 71.47
N PRO C 295 23.27 -68.28 71.44
CA PRO C 295 22.28 -67.61 72.29
C PRO C 295 22.60 -67.75 73.77
N LYS C 296 22.85 -68.98 74.20
CA LYS C 296 23.19 -69.28 75.59
C LYS C 296 24.45 -68.54 76.00
N VAL C 297 25.47 -68.62 75.15
CA VAL C 297 26.76 -67.97 75.41
C VAL C 297 26.59 -66.49 75.78
N LEU C 298 25.64 -65.81 75.16
CA LEU C 298 25.41 -64.40 75.44
C LEU C 298 25.01 -64.10 76.88
N ARG C 299 24.53 -65.11 77.60
CA ARG C 299 24.18 -64.91 79.00
C ARG C 299 25.31 -65.46 79.84
N ALA C 300 26.46 -65.58 79.18
CA ALA C 300 27.72 -66.02 79.75
C ALA C 300 28.67 -64.98 79.19
N ALA C 301 28.14 -64.21 78.24
CA ALA C 301 28.86 -63.13 77.57
C ALA C 301 28.40 -61.82 78.22
N GLU C 302 27.09 -61.56 78.22
CA GLU C 302 26.58 -60.36 78.86
C GLU C 302 26.76 -60.59 80.35
N GLN C 303 27.13 -61.83 80.68
CA GLN C 303 27.38 -62.28 82.03
C GLN C 303 28.90 -62.12 82.24
N ALA C 304 29.53 -61.53 81.24
CA ALA C 304 30.92 -61.24 81.25
C ALA C 304 30.61 -60.19 80.16
N HIS C 305 30.98 -58.94 80.48
CA HIS C 305 31.03 -57.79 79.56
C HIS C 305 32.34 -57.73 78.72
N LEU C 306 32.74 -58.86 78.13
CA LEU C 306 33.95 -58.90 77.31
C LEU C 306 33.69 -58.30 75.93
N TRP C 307 33.01 -57.17 75.91
CA TRP C 307 32.70 -56.40 74.67
C TRP C 307 33.53 -56.46 73.38
N ALA C 308 34.85 -56.46 73.58
CA ALA C 308 35.82 -56.77 72.52
C ALA C 308 35.42 -58.07 71.81
N GLU C 309 35.26 -59.15 72.57
CA GLU C 309 34.86 -60.43 72.01
C GLU C 309 33.34 -60.55 71.92
N LEU C 310 32.65 -60.07 72.95
CA LEU C 310 31.19 -60.11 72.98
C LEU C 310 30.60 -59.49 71.73
N VAL C 311 31.29 -58.50 71.18
CA VAL C 311 30.84 -57.82 69.97
C VAL C 311 31.06 -58.69 68.73
N PHE C 312 32.28 -59.21 68.60
CA PHE C 312 32.62 -60.06 67.46
C PHE C 312 31.57 -61.18 67.29
N LEU C 313 31.11 -61.71 68.42
CA LEU C 313 30.09 -62.76 68.41
C LEU C 313 28.90 -62.25 67.60
N TYR C 314 28.30 -61.15 68.05
CA TYR C 314 27.16 -60.54 67.36
C TYR C 314 27.48 -60.40 65.88
N ASP C 315 28.67 -59.87 65.60
CA ASP C 315 29.14 -59.65 64.23
C ASP C 315 28.89 -60.87 63.35
N LYS C 316 29.67 -61.93 63.56
CA LYS C 316 29.52 -63.15 62.78
C LYS C 316 28.11 -63.69 62.93
N TYR C 317 27.53 -63.48 64.11
CA TYR C 317 26.16 -63.92 64.38
C TYR C 317 25.27 -63.16 63.41
N GLU C 318 25.79 -62.04 62.93
CA GLU C 318 25.09 -61.17 61.99
C GLU C 318 24.04 -60.32 62.71
N GLU C 319 24.17 -60.21 64.03
CA GLU C 319 23.26 -59.43 64.83
C GLU C 319 23.82 -58.03 65.03
N TYR C 320 24.35 -57.47 63.95
CA TYR C 320 24.88 -56.07 63.92
C TYR C 320 24.26 -54.93 64.74
N ASP C 321 22.94 -54.80 64.61
CA ASP C 321 22.14 -53.92 65.46
C ASP C 321 22.66 -53.94 66.90
N ASN C 322 23.02 -55.12 67.39
CA ASN C 322 23.53 -55.26 68.75
C ASN C 322 25.05 -55.11 68.81
N ALA C 323 25.74 -55.69 67.83
CA ALA C 323 27.20 -55.59 67.77
C ALA C 323 27.57 -54.12 67.73
N ILE C 324 26.86 -53.37 66.88
CA ILE C 324 27.07 -51.93 66.73
C ILE C 324 26.84 -51.24 68.06
N ILE C 325 25.77 -51.62 68.75
CA ILE C 325 25.42 -51.05 70.04
C ILE C 325 26.55 -51.25 71.05
N THR C 326 27.29 -52.35 70.90
CA THR C 326 28.38 -52.66 71.82
C THR C 326 29.50 -51.63 71.75
N MET C 327 29.33 -50.62 70.91
CA MET C 327 30.32 -49.56 70.75
C MET C 327 29.66 -48.22 71.06
N MET C 328 28.57 -48.28 71.82
CA MET C 328 27.83 -47.08 72.21
C MET C 328 28.04 -46.79 73.69
N ASN C 329 28.06 -47.85 74.49
CA ASN C 329 28.26 -47.73 75.93
C ASN C 329 29.53 -48.52 76.27
N HIS C 330 30.30 -48.85 75.23
CA HIS C 330 31.53 -49.61 75.41
C HIS C 330 32.57 -49.16 74.38
N PRO C 331 32.85 -47.84 74.31
CA PRO C 331 33.84 -47.28 73.38
C PRO C 331 35.21 -47.93 73.42
N THR C 332 36.07 -47.47 74.33
CA THR C 332 37.41 -47.96 74.38
C THR C 332 37.64 -49.50 74.20
N ASP C 333 36.57 -50.25 74.47
CA ASP C 333 36.59 -51.69 74.75
C ASP C 333 36.56 -52.60 73.57
N ALA C 334 35.71 -52.28 72.60
CA ALA C 334 35.60 -53.09 71.39
C ALA C 334 35.71 -52.27 70.11
N TRP C 335 35.36 -50.98 70.20
CA TRP C 335 35.42 -50.09 69.05
C TRP C 335 36.74 -50.25 68.29
N LYS C 336 36.70 -50.01 66.98
CA LYS C 336 37.88 -50.13 66.14
C LYS C 336 37.80 -49.21 64.93
N GLU C 337 37.86 -47.90 65.17
CA GLU C 337 37.79 -46.92 64.09
C GLU C 337 36.79 -47.34 63.02
N GLY C 338 37.29 -47.96 61.97
CA GLY C 338 36.44 -48.41 60.87
C GLY C 338 35.68 -49.69 61.20
N GLN C 339 36.17 -50.41 62.21
CA GLN C 339 35.53 -51.66 62.63
C GLN C 339 34.03 -51.45 62.80
N PHE C 340 33.65 -50.21 63.14
CA PHE C 340 32.26 -49.83 63.35
C PHE C 340 31.64 -49.45 61.99
N LYS C 341 32.49 -49.14 61.02
CA LYS C 341 32.05 -48.74 59.69
C LYS C 341 31.45 -49.82 58.79
N ASP C 342 31.81 -51.08 58.99
CA ASP C 342 31.30 -52.15 58.14
C ASP C 342 30.15 -53.00 58.70
N ILE C 343 29.60 -52.58 59.83
CA ILE C 343 28.50 -53.33 60.45
C ILE C 343 27.17 -52.65 60.14
N ILE C 344 27.11 -51.36 60.46
CA ILE C 344 25.91 -50.54 60.25
C ILE C 344 25.17 -50.78 58.93
N THR C 345 25.91 -50.85 57.83
CA THR C 345 25.32 -51.07 56.51
C THR C 345 24.44 -52.32 56.40
N LYS C 346 24.69 -53.29 57.27
CA LYS C 346 23.92 -54.54 57.23
C LYS C 346 22.80 -54.60 58.27
N VAL C 347 22.29 -53.43 58.65
CA VAL C 347 21.19 -53.34 59.62
C VAL C 347 19.92 -52.93 58.88
N ALA C 348 18.77 -53.30 59.42
CA ALA C 348 17.49 -52.95 58.80
C ALA C 348 16.88 -51.68 59.40
N ASN C 349 17.34 -51.32 60.60
CA ASN C 349 16.84 -50.13 61.28
C ASN C 349 17.84 -48.99 61.12
N VAL C 350 17.39 -47.90 60.50
CA VAL C 350 18.25 -46.74 60.26
C VAL C 350 18.34 -45.78 61.45
N GLU C 351 17.52 -46.03 62.47
CA GLU C 351 17.50 -45.18 63.65
C GLU C 351 18.86 -45.16 64.36
N LEU C 352 19.40 -46.35 64.63
CA LEU C 352 20.69 -46.47 65.31
C LEU C 352 21.70 -45.47 64.77
N TYR C 353 21.72 -45.30 63.45
CA TYR C 353 22.65 -44.37 62.81
C TYR C 353 22.61 -42.99 63.45
N TYR C 354 21.49 -42.31 63.31
CA TYR C 354 21.31 -40.96 63.86
C TYR C 354 21.85 -40.76 65.28
N ARG C 355 21.45 -41.63 66.20
CA ARG C 355 21.99 -41.57 67.55
C ARG C 355 23.48 -41.88 67.44
N ALA C 356 23.84 -42.70 66.46
CA ALA C 356 25.24 -43.06 66.22
C ALA C 356 26.06 -41.81 65.90
N ILE C 357 25.59 -41.04 64.91
CA ILE C 357 26.29 -39.83 64.54
C ILE C 357 26.85 -39.25 65.83
N GLN C 358 26.14 -39.48 66.94
CA GLN C 358 26.48 -38.89 68.22
C GLN C 358 27.85 -39.31 68.71
N PHE C 359 28.01 -40.62 68.88
CA PHE C 359 29.30 -41.18 69.32
C PHE C 359 30.42 -40.75 68.38
N TYR C 360 30.05 -40.38 67.16
CA TYR C 360 31.01 -39.93 66.17
C TYR C 360 30.84 -38.44 65.87
N LEU C 361 29.71 -38.08 65.28
CA LEU C 361 29.41 -36.69 64.95
C LEU C 361 29.29 -35.83 66.21
N GLU C 362 28.53 -36.32 67.18
CA GLU C 362 28.34 -35.59 68.43
C GLU C 362 29.65 -35.00 68.92
N PHE C 363 30.66 -35.85 69.11
CA PHE C 363 31.98 -35.39 69.55
C PHE C 363 33.07 -35.85 68.60
N LYS C 364 32.81 -36.93 67.87
CA LYS C 364 33.79 -37.48 66.93
C LYS C 364 33.83 -36.66 65.64
N PRO C 365 34.80 -35.74 65.55
CA PRO C 365 34.96 -34.89 64.38
C PRO C 365 35.56 -35.54 63.13
N LEU C 366 36.70 -35.01 62.69
CA LEU C 366 37.41 -35.56 61.54
C LEU C 366 37.28 -37.09 61.53
N LEU C 367 36.74 -37.61 60.42
CA LEU C 367 36.54 -39.07 60.40
C LEU C 367 35.19 -39.53 60.96
N LEU C 368 34.31 -38.57 61.14
CA LEU C 368 32.84 -38.72 61.29
C LEU C 368 32.25 -38.49 59.87
N ASN C 369 32.78 -37.51 59.15
CA ASN C 369 32.34 -37.23 57.79
C ASN C 369 32.66 -38.41 56.88
N ASP C 370 33.85 -39.00 57.04
CA ASP C 370 34.22 -40.16 56.24
C ASP C 370 33.17 -41.19 56.64
N LEU C 371 32.63 -40.96 57.83
CA LEU C 371 31.58 -41.80 58.41
C LEU C 371 30.30 -41.57 57.62
N LEU C 372 30.13 -40.35 57.13
CA LEU C 372 28.96 -39.97 56.34
C LEU C 372 29.00 -40.60 54.96
N MET C 373 30.18 -41.05 54.53
CA MET C 373 30.41 -41.67 53.20
C MET C 373 29.73 -42.88 52.53
N VAL C 374 30.09 -44.06 53.04
CA VAL C 374 29.39 -45.35 52.86
C VAL C 374 27.84 -45.33 52.99
N LEU C 375 27.35 -44.86 54.11
CA LEU C 375 25.90 -44.62 54.35
C LEU C 375 25.03 -43.94 53.28
N SER C 376 25.53 -42.83 52.75
CA SER C 376 24.94 -42.18 51.58
C SER C 376 23.58 -42.73 51.24
N PRO C 377 23.54 -43.74 50.36
CA PRO C 377 22.27 -44.37 49.95
C PRO C 377 21.48 -44.89 51.14
N ARG C 378 20.22 -44.45 51.27
CA ARG C 378 19.46 -44.97 52.39
C ARG C 378 19.64 -44.18 53.72
N LEU C 379 19.80 -42.89 53.57
CA LEU C 379 19.56 -41.76 54.51
C LEU C 379 18.52 -40.83 53.77
N ASP C 380 17.89 -39.96 54.55
CA ASP C 380 16.90 -39.03 54.01
C ASP C 380 17.47 -37.60 53.93
N HIS C 381 18.70 -37.44 54.38
CA HIS C 381 19.37 -36.14 54.35
C HIS C 381 18.52 -35.08 55.06
N THR C 382 17.24 -35.00 54.71
CA THR C 382 16.33 -34.03 55.30
C THR C 382 16.35 -34.10 56.83
N ARG C 383 16.62 -35.28 57.36
CA ARG C 383 16.66 -35.48 58.81
C ARG C 383 18.10 -35.53 59.33
N ALA C 384 18.97 -34.71 58.74
CA ALA C 384 20.37 -34.65 59.15
C ALA C 384 20.85 -33.20 59.28
N VAL C 385 20.89 -32.49 58.15
CA VAL C 385 21.33 -31.10 58.14
C VAL C 385 20.66 -30.35 59.28
N ASN C 386 19.44 -30.77 59.64
CA ASN C 386 18.70 -30.13 60.72
C ASN C 386 19.41 -30.27 62.07
N TYR C 387 20.03 -31.43 62.29
CA TYR C 387 20.76 -31.69 63.53
C TYR C 387 22.10 -30.97 63.53
N PHE C 388 22.58 -30.60 62.34
CA PHE C 388 23.85 -29.90 62.22
C PHE C 388 23.68 -28.40 62.45
N SER C 389 22.76 -27.78 61.73
CA SER C 389 22.46 -26.35 61.85
C SER C 389 22.26 -25.75 63.24
N LYS C 390 21.36 -26.36 64.02
CA LYS C 390 21.18 -26.02 65.42
C LYS C 390 22.31 -26.65 66.26
N VAL C 391 23.46 -26.85 65.64
CA VAL C 391 24.63 -27.43 66.32
C VAL C 391 25.83 -26.48 66.28
N LYS C 392 25.80 -25.52 65.36
CA LYS C 392 26.89 -24.56 65.21
C LYS C 392 28.14 -25.30 64.74
N GLN C 393 27.94 -26.49 64.18
CA GLN C 393 29.08 -27.25 63.67
C GLN C 393 29.03 -27.88 62.27
N LEU C 394 27.98 -27.46 61.56
CA LEU C 394 27.51 -28.05 60.30
C LEU C 394 28.55 -28.09 59.20
N PRO C 395 29.45 -27.09 59.16
CA PRO C 395 30.50 -27.04 58.13
C PRO C 395 31.42 -28.26 58.02
N LEU C 396 31.51 -29.06 59.07
CA LEU C 396 32.37 -30.24 58.99
C LEU C 396 31.82 -30.98 57.77
N VAL C 397 30.50 -31.02 57.67
CA VAL C 397 29.81 -31.69 56.58
C VAL C 397 30.07 -31.01 55.24
N LYS C 398 30.92 -29.98 55.25
CA LYS C 398 31.26 -29.25 54.03
C LYS C 398 31.48 -30.25 52.89
N PRO C 399 32.47 -31.16 53.05
CA PRO C 399 32.73 -32.15 52.00
C PRO C 399 31.60 -33.19 51.94
N TYR C 400 30.91 -33.36 53.06
CA TYR C 400 29.80 -34.29 53.12
C TYR C 400 28.78 -33.80 52.10
N LEU C 401 28.90 -32.53 51.75
CA LEU C 401 28.01 -31.90 50.78
C LEU C 401 28.64 -31.91 49.39
N ARG C 402 29.87 -32.41 49.30
CA ARG C 402 30.63 -32.50 48.02
C ARG C 402 30.19 -33.43 46.90
N SER C 403 30.39 -34.73 47.14
CA SER C 403 29.86 -35.77 46.26
C SER C 403 28.32 -35.77 46.31
N VAL C 404 27.76 -35.20 47.36
CA VAL C 404 26.32 -35.10 47.57
C VAL C 404 26.09 -33.71 46.95
N GLN C 405 24.86 -33.21 47.21
CA GLN C 405 24.32 -32.05 46.45
C GLN C 405 23.96 -32.46 45.02
N ASN C 406 23.49 -33.65 44.77
CA ASN C 406 23.14 -34.09 43.43
C ASN C 406 21.69 -34.34 43.79
N HIS C 407 21.45 -34.57 45.09
CA HIS C 407 20.10 -34.80 45.58
C HIS C 407 19.21 -33.56 45.41
N ASN C 408 19.83 -32.46 45.00
CA ASN C 408 19.11 -31.20 44.79
C ASN C 408 18.37 -30.74 46.05
N ASN C 409 18.53 -31.49 47.12
CA ASN C 409 17.92 -31.17 48.43
C ASN C 409 18.09 -29.73 48.89
N LYS C 410 17.10 -29.25 49.65
CA LYS C 410 17.03 -27.84 50.03
C LYS C 410 18.02 -27.49 51.11
N SER C 411 18.01 -28.25 52.20
CA SER C 411 18.92 -28.02 53.31
C SER C 411 20.34 -27.86 52.79
N VAL C 412 20.63 -28.56 51.69
CA VAL C 412 21.96 -28.51 51.03
C VAL C 412 22.45 -27.19 50.44
N ASN C 413 21.75 -26.75 49.39
CA ASN C 413 21.88 -25.41 48.81
C ASN C 413 21.62 -24.35 49.88
N GLU C 414 20.43 -24.36 50.45
CA GLU C 414 19.97 -23.43 51.54
C GLU C 414 20.83 -22.87 52.67
N SER C 415 21.52 -23.78 53.35
CA SER C 415 22.61 -23.47 54.27
C SER C 415 23.92 -23.47 53.45
N LEU C 416 24.01 -24.38 52.49
CA LEU C 416 25.19 -24.50 51.63
C LEU C 416 25.55 -23.10 51.13
N ASN C 417 24.55 -22.36 50.68
CA ASN C 417 24.74 -20.99 50.21
C ASN C 417 25.17 -20.17 51.41
N ASN C 418 24.37 -20.26 52.48
CA ASN C 418 24.63 -19.55 53.73
C ASN C 418 26.11 -19.76 54.07
N LEU C 419 26.64 -20.92 53.68
CA LEU C 419 28.04 -21.25 53.92
C LEU C 419 28.92 -20.42 53.00
N PHE C 420 28.76 -20.64 51.69
CA PHE C 420 29.54 -19.92 50.69
C PHE C 420 29.41 -18.41 50.86
N ILE C 421 28.39 -17.98 51.61
CA ILE C 421 28.15 -16.55 51.84
C ILE C 421 29.03 -15.90 52.91
N THR C 422 28.94 -16.41 54.12
CA THR C 422 29.79 -15.95 55.22
C THR C 422 31.24 -16.38 55.00
N GLU C 423 31.44 -17.46 54.24
CA GLU C 423 32.79 -17.95 53.98
C GLU C 423 33.45 -17.18 52.84
N GLU C 424 32.65 -16.48 52.05
CA GLU C 424 33.13 -15.67 50.93
C GLU C 424 33.39 -16.45 49.65
N ASP C 425 32.87 -17.67 49.57
CA ASP C 425 33.07 -18.48 48.38
C ASP C 425 32.10 -18.10 47.27
N TYR C 426 32.64 -17.82 46.09
CA TYR C 426 31.84 -17.43 44.93
C TYR C 426 31.98 -18.44 43.79
N GLN C 427 33.20 -18.94 43.58
CA GLN C 427 33.43 -19.94 42.54
C GLN C 427 32.49 -21.12 42.79
N ALA C 428 32.63 -21.72 43.96
CA ALA C 428 31.78 -22.85 44.33
C ALA C 428 30.33 -22.40 44.37
N LEU C 429 30.01 -21.48 45.29
CA LEU C 429 28.65 -20.97 45.43
C LEU C 429 27.97 -20.76 44.07
N ARG C 430 28.69 -20.15 43.13
CA ARG C 430 28.14 -19.91 41.79
C ARG C 430 27.84 -21.25 41.14
N THR C 431 28.83 -22.14 41.15
CA THR C 431 28.68 -23.47 40.55
C THR C 431 27.82 -24.35 41.45
N SER C 432 27.80 -24.00 42.74
CA SER C 432 27.02 -24.72 43.73
C SER C 432 25.54 -24.54 43.39
N ILE C 433 25.28 -23.65 42.44
CA ILE C 433 23.92 -23.37 41.98
C ILE C 433 23.86 -23.26 40.47
N ASP C 434 24.96 -23.56 39.78
CA ASP C 434 25.00 -23.50 38.33
C ASP C 434 24.20 -24.65 37.71
N ALA C 435 23.53 -25.43 38.55
CA ALA C 435 22.72 -26.54 38.07
C ALA C 435 21.53 -26.72 39.00
N TYR C 436 21.79 -27.16 40.21
CA TYR C 436 20.75 -27.45 41.20
C TYR C 436 20.00 -26.18 41.61
N ASP C 437 18.76 -26.03 41.12
CA ASP C 437 17.98 -24.83 41.44
C ASP C 437 16.94 -24.90 42.57
N ASN C 438 17.20 -25.76 43.54
CA ASN C 438 16.24 -26.04 44.61
C ASN C 438 16.55 -25.18 45.82
N PHE C 439 15.90 -24.02 45.91
CA PHE C 439 16.15 -23.12 47.03
C PHE C 439 15.20 -21.92 47.07
N ASP C 440 15.41 -21.05 48.05
CA ASP C 440 14.57 -19.86 48.20
C ASP C 440 15.13 -18.68 47.42
N ASN C 441 14.81 -18.61 46.14
CA ASN C 441 15.29 -17.53 45.29
C ASN C 441 14.65 -16.24 45.78
N ILE C 442 15.16 -15.74 46.89
CA ILE C 442 14.71 -14.44 47.43
C ILE C 442 15.60 -13.99 48.59
N SER C 443 15.11 -14.18 49.80
CA SER C 443 15.87 -13.78 51.00
C SER C 443 17.36 -14.03 50.82
N LEU C 444 17.70 -15.14 50.16
CA LEU C 444 19.09 -15.49 49.92
C LEU C 444 19.90 -14.29 49.42
N ALA C 445 19.36 -13.61 48.42
CA ALA C 445 20.03 -12.44 47.85
C ALA C 445 19.85 -11.21 48.75
N GLN C 446 19.02 -11.35 49.78
CA GLN C 446 18.76 -10.26 50.71
C GLN C 446 19.97 -10.03 51.63
N ARG C 447 20.60 -11.12 52.06
CA ARG C 447 21.76 -11.04 52.95
C ARG C 447 23.00 -10.65 52.15
N LEU C 448 22.97 -10.93 50.85
CA LEU C 448 24.10 -10.62 49.98
C LEU C 448 24.17 -9.12 49.70
N GLU C 449 23.03 -8.50 49.43
CA GLU C 449 22.96 -7.07 49.17
C GLU C 449 23.52 -6.28 50.35
N LYS C 450 23.28 -6.80 51.55
CA LYS C 450 23.74 -6.14 52.76
C LYS C 450 25.26 -6.18 52.93
N HIS C 451 25.96 -6.63 51.89
CA HIS C 451 27.41 -6.75 51.94
C HIS C 451 28.13 -5.49 51.51
N GLU C 452 29.46 -5.51 51.62
CA GLU C 452 30.31 -4.40 51.23
C GLU C 452 31.09 -4.92 50.02
N LEU C 453 31.48 -6.19 50.11
CA LEU C 453 32.24 -6.83 49.06
C LEU C 453 31.30 -7.24 47.94
N ILE C 454 31.20 -6.36 46.93
CA ILE C 454 30.33 -6.57 45.79
C ILE C 454 30.26 -7.98 45.19
N GLU C 455 31.25 -8.82 45.47
CA GLU C 455 31.24 -10.19 44.92
C GLU C 455 29.83 -10.75 44.96
N PHE C 456 29.20 -10.68 46.13
CA PHE C 456 27.85 -11.19 46.30
C PHE C 456 26.81 -10.11 46.03
N ARG C 457 27.24 -8.85 46.08
CA ARG C 457 26.34 -7.73 45.78
C ARG C 457 26.27 -7.67 44.26
N ARG C 458 27.15 -8.47 43.64
CA ARG C 458 27.27 -8.57 42.20
C ARG C 458 26.47 -9.79 41.75
N ILE C 459 26.46 -10.81 42.59
CA ILE C 459 25.73 -12.03 42.29
C ILE C 459 24.32 -11.94 42.86
N ALA C 460 24.17 -11.24 43.99
CA ALA C 460 22.84 -11.05 44.57
C ALA C 460 22.09 -10.32 43.47
N ALA C 461 22.84 -9.53 42.71
CA ALA C 461 22.30 -8.78 41.59
C ALA C 461 21.84 -9.82 40.58
N TYR C 462 22.70 -10.79 40.31
CA TYR C 462 22.37 -11.86 39.38
C TYR C 462 21.25 -12.70 39.98
N LEU C 463 21.54 -13.31 41.12
CA LEU C 463 20.58 -14.15 41.86
C LEU C 463 19.14 -13.66 41.87
N PHE C 464 18.97 -12.35 42.08
CA PHE C 464 17.66 -11.71 42.01
C PHE C 464 17.15 -11.65 40.56
N LYS C 465 18.05 -11.39 39.60
CA LYS C 465 17.65 -11.32 38.20
C LYS C 465 17.36 -12.71 37.64
N GLY C 466 18.28 -13.64 37.85
CA GLY C 466 18.13 -15.02 37.38
C GLY C 466 17.14 -15.27 36.24
N ASN C 467 17.66 -15.37 35.02
CA ASN C 467 16.81 -15.64 33.86
C ASN C 467 15.57 -14.75 33.87
N ASN C 468 15.64 -13.67 34.63
CA ASN C 468 14.63 -12.61 34.61
C ASN C 468 15.39 -11.27 34.71
N ARG C 469 15.76 -10.73 33.56
CA ARG C 469 16.49 -9.44 33.43
C ARG C 469 15.92 -8.13 33.96
N TRP C 470 14.61 -8.05 34.03
CA TRP C 470 13.91 -6.86 34.56
C TRP C 470 14.29 -6.43 35.99
N LYS C 471 14.38 -7.38 36.92
CA LYS C 471 14.81 -7.05 38.27
C LYS C 471 16.15 -6.32 38.33
N GLN C 472 17.22 -7.00 37.95
CA GLN C 472 18.59 -6.45 37.94
C GLN C 472 18.83 -5.00 37.54
N SER C 473 18.18 -4.58 36.46
CA SER C 473 18.25 -3.18 36.01
C SER C 473 17.33 -2.22 36.80
N VAL C 474 16.05 -2.57 36.90
CA VAL C 474 15.08 -1.73 37.62
C VAL C 474 15.45 -1.55 39.11
N GLU C 475 16.63 -2.04 39.49
CA GLU C 475 17.13 -1.93 40.85
C GLU C 475 18.60 -1.50 40.85
N LEU C 476 18.84 -0.22 40.57
CA LEU C 476 20.23 0.34 40.45
C LEU C 476 20.90 1.49 41.23
N CYS C 477 20.54 2.71 40.78
CA CYS C 477 20.77 3.97 41.45
C CYS C 477 22.26 4.22 41.38
N LYS C 478 22.75 5.23 42.01
CA LYS C 478 24.15 5.61 41.99
C LYS C 478 25.00 4.32 42.07
N LYS C 479 24.96 3.70 43.25
CA LYS C 479 25.71 2.47 43.50
C LYS C 479 25.31 1.39 42.50
N ASP C 480 26.15 0.35 42.40
CA ASP C 480 25.84 -0.76 41.48
C ASP C 480 25.48 -0.28 40.10
N SER C 481 25.77 0.97 39.79
CA SER C 481 25.45 1.51 38.51
C SER C 481 26.91 1.23 38.20
N LEU C 482 27.12 0.21 37.35
CA LEU C 482 28.41 -0.06 36.72
C LEU C 482 28.31 0.32 35.22
N TYR C 483 29.18 1.25 34.81
CA TYR C 483 29.20 1.70 33.41
C TYR C 483 29.40 0.49 32.51
N LYS C 484 29.59 -0.67 33.12
CA LYS C 484 29.85 -1.93 32.38
C LYS C 484 28.81 -2.99 32.04
N ASP C 485 28.49 -3.84 33.04
CA ASP C 485 27.41 -4.82 32.93
C ASP C 485 26.03 -4.17 32.76
N ALA C 486 25.91 -2.88 33.11
CA ALA C 486 24.64 -2.18 32.96
C ALA C 486 24.34 -1.93 31.50
N MET C 487 25.38 -1.91 30.68
CA MET C 487 25.24 -1.69 29.24
C MET C 487 25.13 -3.02 28.52
N GLN C 488 24.94 -4.10 29.28
CA GLN C 488 24.83 -5.42 28.68
C GLN C 488 23.63 -6.24 29.18
N TYR C 489 23.15 -5.95 30.39
CA TYR C 489 22.00 -6.71 30.89
C TYR C 489 20.65 -6.19 30.40
N ALA C 490 20.67 -5.07 29.68
CA ALA C 490 19.45 -4.50 29.13
C ALA C 490 19.14 -5.21 27.83
N SER C 491 20.14 -5.31 26.97
CA SER C 491 20.06 -5.99 25.66
C SER C 491 19.15 -7.21 25.47
N GLU C 492 19.31 -8.18 26.37
CA GLU C 492 18.47 -9.38 26.39
C GLU C 492 17.00 -9.12 26.79
N SER C 493 16.74 -7.95 27.37
CA SER C 493 15.38 -7.60 27.79
C SER C 493 14.34 -7.74 26.68
N LYS C 494 13.07 -7.57 27.05
CA LYS C 494 11.96 -7.66 26.10
C LYS C 494 10.96 -6.53 26.33
N ASP C 495 11.04 -5.89 27.48
CA ASP C 495 10.12 -4.80 27.82
C ASP C 495 10.57 -3.50 27.14
N THR C 496 10.94 -3.62 25.87
CA THR C 496 11.39 -2.50 25.03
C THR C 496 11.50 -1.11 25.64
N GLU C 497 10.34 -0.54 25.97
CA GLU C 497 10.23 0.77 26.61
C GLU C 497 11.25 1.01 27.73
N LEU C 498 11.62 -0.05 28.44
CA LEU C 498 12.59 0.09 29.54
C LEU C 498 13.85 0.78 29.02
N ALA C 499 14.01 0.77 27.70
CA ALA C 499 15.15 1.43 27.06
C ALA C 499 14.98 2.92 27.34
N GLU C 500 13.78 3.43 27.08
CA GLU C 500 13.49 4.84 27.33
C GLU C 500 13.70 5.10 28.81
N GLU C 501 13.36 4.10 29.64
CA GLU C 501 13.54 4.20 31.08
C GLU C 501 15.02 4.44 31.34
N LEU C 502 15.84 3.47 30.96
CA LEU C 502 17.29 3.56 31.13
C LEU C 502 17.83 4.83 30.49
N LEU C 503 17.61 4.96 29.18
CA LEU C 503 18.09 6.12 28.44
C LEU C 503 17.68 7.45 29.07
N GLN C 504 16.38 7.64 29.28
CA GLN C 504 15.88 8.88 29.89
C GLN C 504 16.75 9.19 31.11
N TRP C 505 17.14 8.15 31.83
CA TRP C 505 18.00 8.27 33.02
C TRP C 505 19.46 8.61 32.73
N PHE C 506 20.02 7.91 31.73
CA PHE C 506 21.37 8.18 31.23
C PHE C 506 21.56 9.69 31.09
N LEU C 507 20.58 10.35 30.50
CA LEU C 507 20.61 11.79 30.26
C LEU C 507 20.75 12.62 31.53
N GLN C 508 19.87 12.39 32.50
CA GLN C 508 19.93 13.20 33.71
C GLN C 508 20.99 12.93 34.79
N GLU C 509 21.79 11.87 34.59
CA GLU C 509 22.67 11.32 35.63
C GLU C 509 24.01 10.79 35.11
N GLU C 510 24.09 10.51 33.81
CA GLU C 510 25.34 10.02 33.22
C GLU C 510 25.61 10.60 31.84
N LYS C 511 26.81 10.33 31.32
CA LYS C 511 27.21 10.83 30.01
C LYS C 511 27.52 9.78 28.96
N ARG C 512 27.72 8.53 29.37
CA ARG C 512 28.03 7.49 28.38
C ARG C 512 26.75 7.18 27.61
N GLU C 513 25.85 8.16 27.57
CA GLU C 513 24.58 8.05 26.86
C GLU C 513 24.88 7.52 25.47
N CYS C 514 26.05 7.88 24.96
CA CYS C 514 26.47 7.43 23.64
C CYS C 514 26.30 5.92 23.59
N PHE C 515 27.18 5.21 24.31
CA PHE C 515 27.11 3.75 24.35
C PHE C 515 25.70 3.35 24.75
N GLY C 516 25.03 4.21 25.51
CA GLY C 516 23.66 3.93 25.93
C GLY C 516 22.76 3.95 24.71
N ALA C 517 22.35 5.15 24.29
CA ALA C 517 21.45 5.28 23.17
C ALA C 517 21.82 4.51 21.88
N CYS C 518 23.00 3.91 21.87
CA CYS C 518 23.49 3.12 20.77
C CYS C 518 23.36 1.59 20.86
N LEU C 519 23.92 1.00 21.92
CA LEU C 519 23.85 -0.45 22.06
C LEU C 519 22.37 -0.79 22.08
N PHE C 520 21.57 0.22 22.42
CA PHE C 520 20.11 0.09 22.44
C PHE C 520 19.66 -0.27 21.03
N THR C 521 19.90 0.65 20.11
CA THR C 521 19.56 0.54 18.66
C THR C 521 19.86 -0.58 17.67
N CYS C 522 21.16 -0.89 17.54
CA CYS C 522 21.74 -2.08 16.85
C CYS C 522 21.07 -3.45 16.94
N TYR C 523 20.51 -3.76 18.11
CA TYR C 523 19.68 -4.95 18.27
C TYR C 523 18.31 -4.66 17.61
N ASP C 524 18.11 -5.17 16.40
CA ASP C 524 16.87 -4.92 15.69
C ASP C 524 16.70 -3.41 15.77
N LEU C 525 15.65 -2.96 16.42
CA LEU C 525 15.41 -1.56 16.53
C LEU C 525 14.52 -1.79 17.79
N LEU C 526 14.94 -1.08 18.84
CA LEU C 526 14.13 -0.80 20.05
C LEU C 526 14.17 0.74 20.24
N ARG C 527 15.04 1.41 19.49
CA ARG C 527 15.19 2.86 19.57
C ARG C 527 14.51 3.41 18.31
N PRO C 528 13.19 3.61 18.36
CA PRO C 528 12.38 4.12 17.25
C PRO C 528 12.60 5.61 16.97
N ASP C 529 11.62 6.21 16.28
CA ASP C 529 11.65 7.63 15.95
C ASP C 529 11.46 8.38 17.24
N VAL C 530 10.50 7.89 18.03
CA VAL C 530 10.16 8.47 19.32
C VAL C 530 11.39 8.95 20.08
N VAL C 531 12.42 8.10 20.16
CA VAL C 531 13.63 8.45 20.88
C VAL C 531 14.60 9.31 20.08
N LEU C 532 14.78 9.00 18.80
CA LEU C 532 15.67 9.75 17.93
C LEU C 532 15.30 11.24 17.93
N GLU C 533 14.04 11.52 18.26
CA GLU C 533 13.55 12.90 18.30
C GLU C 533 13.66 13.47 19.72
N THR C 534 13.21 12.70 20.70
CA THR C 534 13.23 13.15 22.08
C THR C 534 14.51 13.99 22.27
N ALA C 535 15.55 13.65 21.52
CA ALA C 535 16.86 14.28 21.68
C ALA C 535 16.94 15.63 21.00
N TRP C 536 16.05 15.85 20.04
CA TRP C 536 16.01 17.11 19.29
C TRP C 536 15.38 18.21 20.13
N ARG C 537 14.12 18.00 20.50
CA ARG C 537 13.42 18.93 21.39
C ARG C 537 14.43 19.21 22.51
N HIS C 538 14.74 18.15 23.26
CA HIS C 538 15.68 18.23 24.36
C HIS C 538 17.03 18.77 23.87
N ASN C 539 18.08 17.99 24.03
CA ASN C 539 19.45 18.33 23.64
C ASN C 539 19.92 18.65 22.20
N ILE C 540 19.48 19.77 21.67
CA ILE C 540 20.09 20.47 20.54
C ILE C 540 21.45 19.85 20.27
N MET C 541 22.42 20.11 21.13
CA MET C 541 23.86 19.66 21.01
C MET C 541 23.88 18.31 21.75
N ASP C 542 24.82 17.46 21.54
CA ASP C 542 24.71 16.08 22.05
C ASP C 542 23.68 15.30 21.24
N PHE C 543 24.20 14.47 20.35
CA PHE C 543 23.40 13.47 19.64
C PHE C 543 24.21 12.78 18.56
N ALA C 544 25.15 13.52 17.97
CA ALA C 544 26.00 12.99 16.91
C ALA C 544 26.81 11.79 17.38
N MET C 545 26.65 10.66 16.71
CA MET C 545 27.38 9.44 17.08
C MET C 545 27.22 8.36 16.00
N PRO C 546 25.96 8.01 15.70
CA PRO C 546 25.68 6.99 14.70
C PRO C 546 26.73 5.99 14.26
N TYR C 547 26.30 4.73 14.29
CA TYR C 547 27.13 3.68 13.86
C TYR C 547 25.84 3.00 13.29
N PHE C 548 24.86 2.92 14.17
CA PHE C 548 23.64 2.10 14.16
C PHE C 548 22.50 2.60 13.34
N ILE C 549 22.18 3.88 13.48
CA ILE C 549 21.09 4.51 12.74
C ILE C 549 21.16 4.18 11.25
N GLN C 550 22.36 3.92 10.76
CA GLN C 550 22.55 3.59 9.35
C GLN C 550 22.52 2.07 9.16
N VAL C 551 22.84 1.35 10.23
CA VAL C 551 22.81 -0.10 10.21
C VAL C 551 21.38 -0.48 9.83
N MET C 552 20.45 0.31 10.33
CA MET C 552 19.02 0.11 10.08
C MET C 552 18.63 0.76 8.75
N LYS C 553 19.44 1.71 8.30
CA LYS C 553 19.16 2.41 7.03
C LYS C 553 19.21 1.59 5.75
N GLU C 554 20.39 1.07 5.39
CA GLU C 554 20.46 0.18 4.25
C GLU C 554 19.86 -1.17 4.62
N TYR C 555 19.56 -1.35 5.90
CA TYR C 555 18.94 -2.58 6.37
C TYR C 555 17.53 -2.41 5.82
N LEU C 556 16.99 -1.21 5.99
CA LEU C 556 15.67 -0.83 5.52
C LEU C 556 15.86 -0.29 4.10
N THR C 557 16.90 -0.79 3.45
CA THR C 557 17.26 -0.42 2.09
C THR C 557 17.69 -1.70 1.39
N LYS C 558 17.89 -2.75 2.18
CA LYS C 558 18.28 -4.06 1.65
C LYS C 558 17.06 -4.98 1.67
N VAL C 559 16.27 -4.91 2.75
CA VAL C 559 15.06 -5.71 2.81
C VAL C 559 14.24 -5.15 1.66
N ASP C 560 14.54 -3.91 1.31
CA ASP C 560 13.89 -3.21 0.21
C ASP C 560 14.46 -3.77 -1.10
N LYS C 561 15.75 -4.13 -1.06
CA LYS C 561 16.39 -4.74 -2.23
C LYS C 561 15.65 -6.01 -2.63
N LEU C 562 15.66 -7.00 -1.73
CA LEU C 562 15.01 -8.28 -1.98
C LEU C 562 13.52 -8.12 -2.27
N ASP C 563 12.89 -7.11 -1.66
CA ASP C 563 11.46 -6.87 -1.86
C ASP C 563 11.17 -6.39 -3.27
N ALA C 564 11.92 -5.40 -3.74
CA ALA C 564 11.78 -4.93 -5.09
C ALA C 564 12.07 -6.12 -6.01
N SER C 565 13.01 -6.96 -5.58
CA SER C 565 13.39 -8.15 -6.32
C SER C 565 12.20 -9.06 -6.56
N GLU C 566 11.46 -9.40 -5.50
CA GLU C 566 10.30 -10.29 -5.64
C GLU C 566 9.14 -9.59 -6.33
N SER C 567 9.11 -8.27 -6.23
CA SER C 567 8.12 -7.48 -6.93
C SER C 567 8.34 -7.76 -8.42
N LEU C 568 9.59 -7.63 -8.85
CA LEU C 568 9.93 -7.90 -10.24
C LEU C 568 9.72 -9.37 -10.56
N ARG C 569 9.98 -10.25 -9.60
CA ARG C 569 9.65 -11.66 -9.77
C ARG C 569 8.24 -11.67 -10.36
N LYS C 570 7.27 -11.27 -9.53
CA LYS C 570 5.88 -11.18 -9.94
C LYS C 570 5.74 -10.57 -11.34
N GLU C 571 6.13 -9.32 -11.49
CA GLU C 571 6.03 -8.62 -12.77
C GLU C 571 6.40 -9.54 -13.93
N GLU C 572 7.67 -9.92 -13.95
CA GLU C 572 8.26 -10.90 -14.90
C GLU C 572 7.47 -12.15 -15.27
N GLU C 573 7.09 -12.92 -14.25
CA GLU C 573 6.24 -14.08 -14.52
C GLU C 573 4.88 -13.70 -15.12
N GLN C 574 4.20 -12.73 -14.52
CA GLN C 574 2.92 -12.22 -15.02
C GLN C 574 3.03 -11.90 -16.51
N ALA C 575 3.71 -10.80 -16.82
CA ALA C 575 3.89 -10.37 -18.22
C ALA C 575 4.18 -11.53 -19.16
N THR C 576 5.02 -12.46 -18.71
CA THR C 576 5.33 -13.69 -19.46
C THR C 576 4.14 -14.61 -19.79
N GLU C 577 3.61 -15.25 -18.75
CA GLU C 577 2.44 -16.11 -18.89
C GLU C 577 1.25 -15.40 -19.52
N THR C 578 1.28 -14.07 -19.57
CA THR C 578 0.17 -13.32 -20.14
C THR C 578 0.53 -12.27 -21.20
N GLN C 579 1.45 -12.62 -22.09
CA GLN C 579 1.75 -11.76 -23.24
C GLN C 579 1.43 -12.45 -24.58
N UNK D 1 -149.30 73.36 13.57
CA UNK D 1 -148.13 73.24 14.48
C UNK D 1 -147.08 74.31 14.20
N UNK D 2 -146.34 74.69 15.22
CA UNK D 2 -145.31 75.72 15.08
C UNK D 2 -144.32 75.67 16.24
N UNK D 3 -144.69 74.98 17.31
CA UNK D 3 -143.85 74.85 18.52
C UNK D 3 -142.67 73.89 18.47
N UNK D 4 -143.00 72.62 18.26
CA UNK D 4 -141.99 71.58 18.05
C UNK D 4 -141.23 71.85 16.74
N UNK D 5 -141.97 72.30 15.73
CA UNK D 5 -141.37 72.59 14.42
C UNK D 5 -140.17 73.52 14.57
N UNK D 6 -140.42 74.74 15.03
CA UNK D 6 -139.36 75.72 15.22
C UNK D 6 -138.39 75.28 16.31
N UNK D 7 -138.64 74.12 16.89
CA UNK D 7 -137.79 73.58 17.95
C UNK D 7 -136.98 72.40 17.45
N UNK D 8 -136.33 72.58 16.30
CA UNK D 8 -135.51 71.52 15.71
C UNK D 8 -134.34 72.10 14.93
N UNK D 9 -134.18 73.42 15.02
CA UNK D 9 -133.10 74.10 14.33
C UNK D 9 -132.93 75.52 14.85
N UNK D 10 -131.78 76.12 14.58
CA UNK D 10 -131.47 77.48 15.02
C UNK D 10 -131.33 77.52 16.54
N UNK D 12 -172.64 71.56 -13.02
CA UNK D 12 -172.33 71.35 -11.60
C UNK D 12 -173.05 70.09 -11.11
N UNK D 13 -173.68 69.36 -12.02
CA UNK D 13 -174.40 68.15 -11.67
C UNK D 13 -173.37 67.04 -11.44
N UNK D 14 -172.11 67.42 -11.34
CA UNK D 14 -171.02 66.48 -11.11
C UNK D 14 -169.96 67.14 -10.25
N UNK D 15 -169.89 68.47 -10.32
CA UNK D 15 -168.90 69.23 -9.56
C UNK D 15 -169.25 69.20 -8.07
N UNK D 16 -170.39 68.58 -7.76
CA UNK D 16 -170.85 68.48 -6.39
C UNK D 16 -171.78 67.28 -6.24
N UNK D 17 -171.73 66.38 -7.21
CA UNK D 17 -172.57 65.17 -7.21
C UNK D 17 -171.83 63.98 -6.61
N UNK D 18 -170.52 64.13 -6.43
CA UNK D 18 -169.70 63.08 -5.86
C UNK D 18 -168.82 63.61 -4.73
N UNK D 19 -169.09 64.85 -4.31
CA UNK D 19 -168.33 65.47 -3.24
C UNK D 19 -169.27 66.32 -2.37
N UNK D 20 -170.51 65.85 -2.24
CA UNK D 20 -171.52 66.52 -1.45
C UNK D 20 -172.48 65.48 -0.89
N UNK D 21 -172.05 64.22 -0.92
CA UNK D 21 -172.87 63.12 -0.41
C UNK D 21 -172.02 61.85 -0.33
N UNK D 22 -171.28 61.58 -1.40
CA UNK D 22 -170.42 60.40 -1.46
C UNK D 22 -169.12 60.66 -0.68
N UNK D 23 -169.05 61.82 -0.03
CA UNK D 23 -167.88 62.20 0.76
C UNK D 23 -168.24 62.29 2.23
N UNK D 25 -162.09 60.28 -16.02
CA UNK D 25 -162.74 60.24 -14.70
C UNK D 25 -163.88 59.24 -14.69
N UNK D 26 -164.01 58.49 -15.79
CA UNK D 26 -165.06 57.48 -15.91
C UNK D 26 -164.65 56.26 -15.08
N UNK D 27 -163.63 56.44 -14.24
CA UNK D 27 -163.14 55.38 -13.38
C UNK D 27 -162.66 55.99 -12.06
N UNK D 28 -162.26 57.25 -12.11
CA UNK D 28 -161.76 57.94 -10.94
C UNK D 28 -162.90 58.22 -9.96
N UNK D 29 -164.11 57.86 -10.38
CA UNK D 29 -165.31 58.06 -9.57
C UNK D 29 -166.39 57.08 -9.99
N UNK D 30 -165.98 56.03 -10.70
CA UNK D 30 -166.92 55.01 -11.17
C UNK D 30 -166.97 53.82 -10.21
N UNK D 31 -166.02 53.78 -9.28
CA UNK D 31 -165.96 52.70 -8.30
C UNK D 31 -165.81 53.25 -6.88
N UNK D 32 -165.98 54.56 -6.74
CA UNK D 32 -165.87 55.23 -5.45
C UNK D 32 -166.92 56.34 -5.36
N UNK D 33 -168.06 56.11 -5.99
CA UNK D 33 -169.15 57.07 -6.00
C UNK D 33 -170.47 56.31 -6.10
N UNK D 34 -170.42 55.01 -5.82
CA UNK D 34 -171.60 54.16 -5.88
C UNK D 34 -171.29 52.79 -5.28
N UNK D 35 -170.15 52.23 -5.66
CA UNK D 35 -169.71 50.93 -5.16
C UNK D 35 -169.11 51.09 -3.77
N UNK D 36 -169.15 52.32 -3.24
CA UNK D 36 -168.61 52.61 -1.92
C UNK D 36 -169.74 53.00 -0.96
N UNK D 38 -154.10 48.26 8.79
CA UNK D 38 -153.18 47.65 7.82
C UNK D 38 -153.89 47.37 6.51
N UNK D 39 -155.20 47.61 6.48
CA UNK D 39 -155.99 47.37 5.28
C UNK D 39 -155.32 47.98 4.05
N UNK D 40 -155.18 49.31 4.05
CA UNK D 40 -154.56 50.01 2.92
C UNK D 40 -153.19 49.43 2.60
N UNK D 41 -152.35 49.30 3.62
CA UNK D 41 -151.01 48.74 3.43
C UNK D 41 -151.04 47.47 2.60
N UNK D 42 -151.85 46.50 3.04
CA UNK D 42 -151.97 45.23 2.32
C UNK D 42 -152.49 45.43 0.91
N UNK D 43 -153.66 46.07 0.80
CA UNK D 43 -154.26 46.31 -0.50
C UNK D 43 -153.51 47.35 -1.34
N UNK D 44 -152.25 47.60 -0.95
CA UNK D 44 -151.44 48.62 -1.60
C UNK D 44 -150.02 48.14 -1.85
N UNK D 45 -149.66 47.02 -1.23
CA UNK D 45 -148.32 46.45 -1.39
C UNK D 45 -148.22 45.13 -0.62
N UNK D 47 -103.39 40.39 4.55
CA UNK D 47 -104.13 40.95 3.41
C UNK D 47 -104.98 39.86 2.77
N UNK D 48 -105.14 38.75 3.47
CA UNK D 48 -105.95 37.64 2.97
C UNK D 48 -107.42 38.01 3.12
N UNK D 49 -107.85 38.22 4.36
CA UNK D 49 -109.22 38.59 4.65
C UNK D 49 -109.62 39.79 3.81
N UNK D 50 -108.63 40.53 3.32
CA UNK D 50 -108.87 41.70 2.50
C UNK D 50 -109.77 41.33 1.31
N UNK D 51 -110.17 40.06 1.27
CA UNK D 51 -110.99 39.55 0.18
C UNK D 51 -112.14 38.72 0.74
N UNK D 52 -111.85 37.91 1.74
CA UNK D 52 -112.87 37.06 2.37
C UNK D 52 -114.18 37.82 2.57
N UNK D 53 -114.10 39.15 2.52
CA UNK D 53 -115.28 39.99 2.69
C UNK D 53 -115.29 41.13 1.68
N UNK D 54 -114.15 41.80 1.53
CA UNK D 54 -114.02 42.89 0.58
C UNK D 54 -114.60 42.47 -0.76
N UNK D 55 -114.66 41.16 -0.97
CA UNK D 55 -115.21 40.60 -2.20
C UNK D 55 -116.28 39.56 -1.84
N UNK D 56 -115.84 38.47 -1.21
CA UNK D 56 -116.76 37.40 -0.77
C UNK D 56 -118.04 37.83 -0.09
N UNK D 57 -117.88 38.36 1.13
CA UNK D 57 -119.00 38.95 1.87
C UNK D 57 -119.53 40.15 1.08
N UNK D 58 -118.70 40.71 0.21
CA UNK D 58 -119.08 41.86 -0.61
C UNK D 58 -119.94 41.41 -1.79
N UNK D 60 -127.30 51.46 3.10
CA UNK D 60 -126.12 50.57 3.10
C UNK D 60 -126.15 49.64 1.90
N UNK D 61 -126.56 48.39 2.13
CA UNK D 61 -126.62 47.40 1.06
C UNK D 61 -125.69 47.77 -0.09
N UNK D 62 -126.28 48.26 -1.17
CA UNK D 62 -125.49 48.65 -2.35
C UNK D 62 -124.39 49.63 -1.97
N UNK D 63 -124.76 50.68 -1.22
CA UNK D 63 -123.80 51.68 -0.80
C UNK D 63 -122.61 51.04 -0.08
N UNK D 64 -122.90 50.22 0.92
CA UNK D 64 -121.86 49.55 1.69
C UNK D 64 -120.97 48.71 0.78
N UNK D 65 -121.58 47.94 -0.11
CA UNK D 65 -120.84 47.09 -1.03
C UNK D 65 -119.87 47.92 -1.87
N UNK D 66 -120.36 49.05 -2.38
CA UNK D 66 -119.53 49.92 -3.20
C UNK D 66 -118.38 50.51 -2.40
N UNK D 67 -118.67 50.94 -1.19
CA UNK D 67 -117.64 51.53 -0.29
C UNK D 67 -116.33 50.77 -0.17
N UNK D 68 -116.38 49.63 0.52
CA UNK D 68 -115.22 48.75 0.62
C UNK D 68 -114.93 48.08 -0.72
N UNK D 69 -115.97 47.57 -1.37
CA UNK D 69 -115.83 46.90 -2.66
C UNK D 69 -115.22 47.85 -3.69
N UNK D 70 -115.86 49.00 -3.87
CA UNK D 70 -115.38 49.99 -4.84
C UNK D 70 -113.94 50.39 -4.55
N UNK D 71 -113.59 50.48 -3.26
CA UNK D 71 -112.25 50.84 -2.86
C UNK D 71 -111.24 49.78 -3.27
N UNK D 72 -111.57 48.52 -2.99
CA UNK D 72 -110.69 47.41 -3.34
C UNK D 72 -111.34 46.49 -4.37
N GLN D 76 -101.49 59.42 0.42
CA GLN D 76 -100.89 60.72 0.78
C GLN D 76 -101.94 61.82 0.78
N ALA D 77 -102.64 62.00 1.91
CA ALA D 77 -103.67 63.02 2.01
C ALA D 77 -103.13 64.38 2.51
N ASP D 78 -102.02 64.35 3.25
CA ASP D 78 -101.40 65.58 3.78
C ASP D 78 -99.86 65.48 3.98
N ARG D 79 -99.16 65.15 2.88
CA ARG D 79 -97.71 64.98 2.77
C ARG D 79 -97.04 66.15 3.50
N LEU D 80 -96.66 65.93 4.77
CA LEU D 80 -95.88 66.89 5.54
C LEU D 80 -95.32 66.32 6.87
N THR D 81 -96.13 66.11 7.90
CA THR D 81 -95.56 65.49 9.10
C THR D 81 -95.61 64.02 8.76
N GLN D 82 -96.24 63.78 7.58
CA GLN D 82 -96.51 62.47 6.95
C GLN D 82 -95.42 61.87 6.05
N GLU D 83 -94.38 62.68 5.83
CA GLU D 83 -93.23 62.40 5.00
C GLU D 83 -91.97 63.24 5.39
N PRO D 84 -92.04 64.58 5.30
CA PRO D 84 -90.85 65.39 5.67
C PRO D 84 -90.36 65.34 7.16
N GLU D 85 -90.90 64.39 7.94
CA GLU D 85 -90.50 64.17 9.35
C GLU D 85 -89.26 63.31 9.15
N SER D 86 -89.23 62.67 7.98
CA SER D 86 -88.12 61.83 7.57
C SER D 86 -86.87 62.69 7.46
N ILE D 87 -87.03 64.02 7.49
CA ILE D 87 -85.84 64.88 7.43
C ILE D 87 -85.21 64.90 8.81
N ARG D 88 -86.04 64.71 9.84
CA ARG D 88 -85.55 64.76 11.21
C ARG D 88 -84.71 63.56 11.59
N LYS D 89 -85.18 62.37 11.21
CA LYS D 89 -84.41 61.16 11.45
C LYS D 89 -83.14 61.36 10.62
N TRP D 90 -83.34 61.67 9.34
CA TRP D 90 -82.24 61.92 8.38
C TRP D 90 -81.34 63.09 8.80
N ARG D 91 -81.95 64.08 9.42
CA ARG D 91 -81.22 65.26 9.88
C ARG D 91 -80.16 64.96 10.92
N GLU D 92 -80.61 64.58 12.12
CA GLU D 92 -79.71 64.28 13.23
C GLU D 92 -78.76 63.07 13.01
N GLU D 93 -79.00 62.25 11.97
CA GLU D 93 -78.15 61.07 11.70
C GLU D 93 -76.91 61.43 10.87
N GLN D 94 -77.01 62.55 10.17
CA GLN D 94 -75.96 63.11 9.35
C GLN D 94 -74.92 63.78 10.24
N ARG D 95 -75.41 64.20 11.40
CA ARG D 95 -74.60 64.81 12.43
C ARG D 95 -74.22 63.67 13.37
N LYS D 96 -74.81 62.48 13.15
CA LYS D 96 -74.49 61.26 13.94
C LYS D 96 -73.44 60.63 13.04
N ARG D 97 -73.25 61.28 11.91
CA ARG D 97 -72.30 60.92 10.81
C ARG D 97 -70.82 61.37 10.96
N LEU D 98 -70.68 62.71 10.87
CA LEU D 98 -69.60 63.50 11.52
C LEU D 98 -68.77 62.51 12.37
N GLN D 99 -68.05 62.99 13.39
CA GLN D 99 -67.35 62.07 14.29
C GLN D 99 -66.25 61.22 13.69
N GLU D 100 -66.46 59.91 13.77
CA GLU D 100 -65.61 58.83 13.28
C GLU D 100 -64.55 59.37 12.35
N LEU D 101 -65.01 59.85 11.20
CA LEU D 101 -64.13 60.39 10.19
C LEU D 101 -63.19 61.39 10.84
N ASP D 102 -63.71 62.55 11.20
CA ASP D 102 -62.85 63.54 11.82
C ASP D 102 -62.12 62.96 13.03
N ALA D 103 -62.81 62.16 13.84
CA ALA D 103 -62.18 61.58 15.02
C ALA D 103 -60.94 60.78 14.58
N ALA D 104 -61.13 59.97 13.54
CA ALA D 104 -60.10 59.13 12.85
C ALA D 104 -58.64 59.58 12.71
N SER D 105 -58.45 60.64 11.90
CA SER D 105 -57.17 61.34 11.65
C SER D 105 -56.63 62.13 12.87
N LYS D 106 -57.52 62.85 13.57
CA LYS D 106 -57.18 63.65 14.77
C LYS D 106 -56.34 62.77 15.67
N VAL D 107 -56.99 61.68 16.07
CA VAL D 107 -56.44 60.66 16.94
C VAL D 107 -55.39 59.86 16.16
N MET D 108 -55.65 59.54 14.89
CA MET D 108 -54.70 58.76 14.11
C MET D 108 -53.35 59.48 13.99
N GLU D 109 -53.43 60.81 14.07
CA GLU D 109 -52.31 61.78 14.06
C GLU D 109 -51.39 61.61 15.29
N GLN D 110 -51.95 61.98 16.44
CA GLN D 110 -51.27 61.90 17.73
C GLN D 110 -50.75 60.49 18.01
N GLU D 111 -51.26 59.53 17.26
CA GLU D 111 -50.88 58.14 17.44
C GLU D 111 -49.70 57.70 16.60
N TRP D 112 -49.93 57.52 15.30
CA TRP D 112 -48.86 57.07 14.43
C TRP D 112 -47.57 57.81 14.67
N ARG D 113 -47.67 59.05 15.12
CA ARG D 113 -46.48 59.84 15.36
C ARG D 113 -45.79 59.33 16.61
N GLU D 114 -46.59 59.00 17.62
CA GLU D 114 -46.07 58.45 18.85
C GLU D 114 -45.35 57.15 18.48
N LYS D 115 -45.74 56.62 17.33
CA LYS D 115 -45.16 55.39 16.80
C LYS D 115 -43.80 55.71 16.24
N ALA D 116 -43.77 56.79 15.44
CA ALA D 116 -42.54 57.25 14.84
C ALA D 116 -41.48 57.44 15.92
N LYS D 117 -41.88 57.83 17.13
CA LYS D 117 -40.91 58.00 18.22
C LYS D 117 -40.63 56.64 18.84
N LYS D 118 -41.61 55.74 18.75
CA LYS D 118 -41.49 54.37 19.24
C LYS D 118 -40.24 53.82 18.60
N ASP D 119 -40.25 53.80 17.27
CA ASP D 119 -39.12 53.30 16.51
C ASP D 119 -37.89 54.18 16.74
N LEU D 120 -38.10 55.49 16.83
CA LEU D 120 -36.99 56.41 17.03
C LEU D 120 -36.20 55.99 18.27
N GLU D 121 -36.88 55.88 19.40
CA GLU D 121 -36.17 55.50 20.61
C GLU D 121 -35.61 54.10 20.44
N GLU D 122 -36.16 53.35 19.49
CA GLU D 122 -35.71 51.99 19.22
C GLU D 122 -34.35 52.00 18.51
N TRP D 123 -33.99 53.16 17.95
CA TRP D 123 -32.72 53.31 17.26
C TRP D 123 -31.64 53.82 18.20
N ASN D 124 -32.04 54.63 19.16
CA ASN D 124 -31.10 55.19 20.14
C ASN D 124 -30.54 54.20 21.16
N GLN D 125 -31.41 53.73 22.05
CA GLN D 125 -31.03 52.72 23.02
C GLN D 125 -30.19 51.62 22.36
N ARG D 126 -30.76 50.99 21.34
CA ARG D 126 -30.07 49.93 20.63
C ARG D 126 -28.66 50.36 20.17
N GLN D 127 -28.52 51.53 19.54
CA GLN D 127 -27.18 51.96 19.11
C GLN D 127 -26.26 51.88 20.33
N SER D 128 -26.60 52.62 21.38
CA SER D 128 -25.85 52.65 22.66
C SER D 128 -25.13 51.45 23.28
N GLU D 129 -25.94 50.49 23.72
CA GLU D 129 -25.46 49.21 24.27
C GLU D 129 -24.69 48.35 23.25
N GLN D 130 -25.18 48.23 22.02
CA GLN D 130 -24.49 47.42 21.02
C GLN D 130 -23.14 48.07 20.72
N VAL D 131 -23.12 49.34 20.31
CA VAL D 131 -21.84 50.00 20.04
C VAL D 131 -21.05 49.92 21.33
N GLU D 132 -21.76 49.77 22.45
CA GLU D 132 -21.05 49.67 23.71
C GLU D 132 -20.45 48.30 23.86
N LYS D 133 -21.24 47.31 23.45
CA LYS D 133 -20.82 45.92 23.49
C LYS D 133 -19.67 45.80 22.49
N ASN D 134 -19.78 46.65 21.46
CA ASN D 134 -18.82 46.76 20.38
C ASN D 134 -17.37 46.88 20.93
N LYS D 135 -17.02 48.04 21.50
CA LYS D 135 -15.70 48.31 22.09
C LYS D 135 -15.18 47.23 23.09
N ILE D 136 -16.09 46.62 23.87
CA ILE D 136 -15.74 45.58 24.87
C ILE D 136 -14.74 44.61 24.28
N ASN D 137 -14.93 44.28 23.01
CA ASN D 137 -13.98 43.41 22.39
C ASN D 137 -12.85 44.35 22.04
N ASN D 138 -11.66 43.79 21.87
CA ASN D 138 -10.50 44.62 21.64
C ASN D 138 -10.28 45.19 23.01
N ARG D 139 -10.74 44.47 24.04
CA ARG D 139 -10.62 44.94 25.42
C ARG D 139 -10.27 43.96 26.54
N ILE D 140 -10.40 42.66 26.30
CA ILE D 140 -10.10 41.66 27.33
C ILE D 140 -8.77 40.94 27.15
N ALA D 141 -7.73 41.76 26.94
CA ALA D 141 -6.37 41.35 26.66
C ALA D 141 -6.50 41.42 25.08
N ASP D 142 -6.58 42.68 24.56
CA ASP D 142 -6.65 43.26 23.14
C ASP D 142 -6.76 42.42 21.81
N LYS D 143 -7.95 41.84 21.56
CA LYS D 143 -8.25 41.03 20.36
C LYS D 143 -7.14 40.06 19.93
N ALA D 144 -6.36 39.53 20.88
CA ALA D 144 -5.26 38.63 20.52
C ALA D 144 -5.41 37.20 21.03
N PHE D 145 -6.26 36.98 22.04
CA PHE D 145 -6.51 35.68 22.69
C PHE D 145 -7.67 35.99 23.64
N TYR D 146 -8.40 37.05 23.32
CA TYR D 146 -9.58 37.44 24.11
C TYR D 146 -10.82 37.29 23.22
N GLN D 147 -11.01 38.25 22.31
CA GLN D 147 -12.12 38.20 21.38
C GLN D 147 -11.97 36.99 20.47
N GLN D 148 -10.72 36.67 20.12
CA GLN D 148 -10.43 35.51 19.29
C GLN D 148 -10.85 34.24 20.01
N PRO D 149 -10.55 34.17 21.30
CA PRO D 149 -10.94 33.01 22.11
C PRO D 149 -12.46 32.93 22.18
N ASP D 150 -13.11 34.09 22.29
CA ASP D 150 -14.57 34.14 22.34
C ASP D 150 -15.15 33.57 21.05
N ALA D 151 -14.53 33.92 19.92
CA ALA D 151 -14.98 33.43 18.62
C ALA D 151 -14.76 31.92 18.51
N ASP D 152 -13.63 31.45 19.04
CA ASP D 152 -13.32 30.02 19.02
C ASP D 152 -14.30 29.26 19.89
N ILE D 153 -14.85 29.93 20.90
CA ILE D 153 -15.82 29.31 21.79
C ILE D 153 -17.21 29.33 21.17
N ILE D 154 -17.50 30.36 20.39
CA ILE D 154 -18.80 30.48 19.73
C ILE D 154 -18.77 29.87 18.33
N UNK D 157 -10.85 19.51 13.53
CA UNK D 157 -9.73 19.87 14.38
C UNK D 157 -10.00 19.50 15.83
N UNK D 158 -10.95 20.17 16.45
CA UNK D 158 -11.32 19.91 17.85
C UNK D 158 -10.21 20.38 18.79
N UNK D 159 -9.37 19.46 19.25
CA UNK D 159 -8.36 19.93 20.15
C UNK D 159 -7.33 19.05 20.81
N UNK D 160 -6.82 18.04 20.10
CA UNK D 160 -6.86 18.06 18.64
C UNK D 160 -6.50 19.47 18.23
N UNK D 161 -7.53 20.27 17.94
CA UNK D 161 -7.35 21.68 17.68
C UNK D 161 -6.83 22.39 18.94
N UNK D 162 -7.27 21.96 20.11
CA UNK D 162 -6.75 22.51 21.36
C UNK D 162 -5.25 22.21 21.43
N UNK D 163 -4.90 20.95 21.15
CA UNK D 163 -3.50 20.53 21.18
C UNK D 163 -2.68 21.35 20.18
N UNK D 164 -3.30 21.72 19.07
CA UNK D 164 -2.65 22.55 18.07
C UNK D 164 -2.38 23.95 18.63
N UNK D 165 -3.42 24.60 19.12
CA UNK D 165 -3.29 25.94 19.69
C UNK D 165 -2.52 25.91 20.99
N UNK D 166 -2.04 24.66 21.29
CA UNK D 166 -1.22 24.11 22.44
C UNK D 166 0.31 24.18 22.09
N UNK D 167 0.64 23.52 20.99
CA UNK D 167 1.89 23.88 20.31
C UNK D 167 1.71 25.38 20.62
N UNK D 168 0.43 25.74 20.54
CA UNK D 168 -0.14 26.84 21.30
C UNK D 168 0.52 28.06 21.54
N UNK D 169 0.47 28.29 22.83
CA UNK D 169 1.21 29.37 23.47
C UNK D 169 2.67 29.23 22.99
N UNK D 170 3.40 30.34 23.07
CA UNK D 170 4.74 30.40 22.50
C UNK D 170 5.37 31.77 22.70
N UNK D 171 5.56 32.17 23.95
CA UNK D 171 6.13 33.49 24.24
C UNK D 171 7.63 33.71 24.27
N UNK D 172 8.10 34.32 25.36
CA UNK D 172 9.54 34.51 25.61
C UNK D 172 10.44 33.69 24.68
N UNK D 173 10.12 32.40 24.56
CA UNK D 173 10.85 31.52 23.65
C UNK D 173 10.01 30.30 23.27
N UNK D 174 9.03 30.51 22.39
CA UNK D 174 8.16 29.42 21.94
C UNK D 174 7.19 29.01 23.05
N UNK D 175 7.48 29.43 24.27
CA UNK D 175 6.63 29.10 25.42
C UNK D 175 5.71 27.92 25.10
N UNK D 176 6.26 26.72 25.20
CA UNK D 176 5.49 25.51 24.93
C UNK D 176 6.30 24.25 25.26
N UNK D 177 7.02 23.73 24.28
CA UNK D 177 7.82 22.54 24.47
C UNK D 177 8.60 22.60 25.78
N UNK D 178 8.01 22.08 26.84
CA UNK D 178 8.69 22.06 28.08
C UNK D 178 8.03 20.72 28.55
N UNK D 179 6.73 20.68 28.49
CA UNK D 179 5.93 19.62 29.10
C UNK D 179 4.65 19.34 28.32
N UNK D 180 3.56 20.00 28.70
CA UNK D 180 2.29 19.82 28.01
C UNK D 180 2.46 19.92 26.50
N UNK D 181 2.99 21.05 26.05
CA UNK D 181 3.21 21.28 24.61
C UNK D 181 3.83 20.13 23.84
N UNK D 182 5.12 19.88 24.09
CA UNK D 182 5.81 18.75 23.50
C UNK D 182 4.97 17.47 23.62
N UNK D 183 4.55 17.16 24.83
CA UNK D 183 3.72 15.96 25.09
C UNK D 183 2.56 15.72 24.15
N UNK D 184 1.56 16.60 24.22
CA UNK D 184 0.43 16.56 23.30
C UNK D 184 0.91 16.50 21.84
N UNK D 185 1.80 17.42 21.48
CA UNK D 185 2.36 17.47 20.13
C UNK D 185 2.77 16.12 19.56
N UNK D 186 3.82 15.54 20.15
CA UNK D 186 4.30 14.22 19.74
C UNK D 186 3.17 13.22 19.78
N UNK D 187 2.46 13.16 20.91
CA UNK D 187 1.35 12.22 21.06
C UNK D 187 0.49 12.17 19.80
N UNK D 188 -0.18 13.28 19.51
CA UNK D 188 -1.05 13.36 18.34
C UNK D 188 -0.27 13.02 17.07
N UNK D 189 0.80 13.77 16.81
CA UNK D 189 1.61 13.55 15.62
C UNK D 189 1.74 12.06 15.31
N UNK D 190 2.00 11.26 16.34
CA UNK D 190 2.14 9.81 16.19
C UNK D 190 2.62 9.47 14.73
N UNK E 1 18.39 -35.03 66.85
CA UNK E 1 17.79 -36.12 66.06
C UNK E 1 16.34 -36.34 66.43
N UNK E 2 16.09 -36.53 67.72
CA UNK E 2 14.73 -36.76 68.21
C UNK E 2 13.76 -35.75 67.62
N UNK E 3 14.28 -34.60 67.21
CA UNK E 3 13.45 -33.55 66.62
C UNK E 3 13.26 -33.78 65.12
N UNK E 4 14.32 -34.24 64.46
CA UNK E 4 14.26 -34.50 63.02
C UNK E 4 13.77 -35.91 62.74
N UNK E 5 13.52 -36.67 63.80
CA UNK E 5 13.05 -38.04 63.66
C UNK E 5 11.75 -38.11 62.86
N UNK E 6 11.10 -36.96 62.71
CA UNK E 6 9.85 -36.89 61.97
C UNK E 6 10.10 -37.01 60.47
N UNK E 7 11.14 -36.33 59.99
CA UNK E 7 11.48 -36.37 58.57
C UNK E 7 11.52 -37.80 58.05
N UNK E 8 12.09 -38.71 58.85
CA UNK E 8 12.19 -40.11 58.46
C UNK E 8 10.80 -40.76 58.41
N UNK E 10 -4.83 -53.98 84.11
CA UNK E 10 -5.51 -55.19 83.59
C UNK E 10 -5.29 -56.37 84.54
N UNK E 11 -4.35 -56.22 85.47
CA UNK E 11 -4.04 -57.27 86.43
C UNK E 11 -5.25 -57.60 87.28
N UNK E 12 -5.98 -56.56 87.71
CA UNK E 12 -7.16 -56.74 88.54
C UNK E 12 -8.43 -56.70 87.70
N UNK E 13 -8.29 -56.92 86.41
CA UNK E 13 -9.43 -56.91 85.44
C UNK E 13 -10.71 -57.75 85.50
N UNK E 14 -10.58 -58.97 84.95
CA UNK E 14 -11.56 -60.04 85.13
C UNK E 14 -11.22 -60.80 86.44
N UNK E 15 -11.25 -60.09 87.56
CA UNK E 15 -10.96 -60.69 88.87
C UNK E 15 -12.24 -60.84 89.68
N ILE E 74 10.92 -72.98 94.26
CA ILE E 74 10.87 -71.52 94.35
C ILE E 74 12.17 -70.95 94.92
N ALA E 75 12.57 -71.46 96.08
CA ALA E 75 11.80 -72.49 96.78
C ALA E 75 11.49 -72.07 98.21
N GLN E 76 12.50 -71.58 98.91
CA GLN E 76 13.85 -71.45 98.34
C GLN E 76 14.92 -71.77 99.37
N ALA E 77 16.14 -72.03 98.87
CA ALA E 77 17.26 -72.31 99.81
C ALA E 77 18.80 -72.40 99.65
N ASP E 78 19.30 -71.48 98.83
CA ASP E 78 20.61 -71.50 98.11
C ASP E 78 21.86 -70.86 98.61
N ARG E 79 21.93 -69.54 98.47
CA ARG E 79 22.99 -68.72 99.12
C ARG E 79 24.49 -68.80 98.74
N LEU E 80 25.24 -69.68 99.42
CA LEU E 80 26.63 -69.92 99.10
C LEU E 80 26.87 -70.14 97.54
N THR E 81 25.89 -69.82 96.64
CA THR E 81 26.06 -69.97 95.14
C THR E 81 25.34 -68.83 94.51
N GLN E 82 24.34 -68.35 95.27
CA GLN E 82 23.43 -67.22 94.96
C GLN E 82 23.92 -65.81 95.29
N GLU E 83 24.99 -65.77 96.08
CA GLU E 83 25.64 -64.58 96.60
C GLU E 83 27.17 -64.53 96.27
N PRO E 84 27.84 -65.70 96.13
CA PRO E 84 29.28 -65.65 95.79
C PRO E 84 29.71 -65.03 94.41
N GLU E 85 28.94 -65.33 93.35
CA GLU E 85 29.17 -64.78 92.01
C GLU E 85 28.34 -63.50 92.09
N SER E 86 27.27 -63.56 92.87
CA SER E 86 26.38 -62.41 93.04
C SER E 86 27.17 -61.14 93.38
N ILE E 87 27.94 -61.21 94.46
CA ILE E 87 28.75 -60.08 94.88
C ILE E 87 29.71 -59.64 93.79
N ARG E 88 30.13 -60.59 92.95
CA ARG E 88 31.04 -60.29 91.84
C ARG E 88 30.53 -59.22 90.89
N LYS E 89 29.49 -59.55 90.13
CA LYS E 89 28.84 -58.60 89.20
C LYS E 89 28.57 -57.16 89.59
N TRP E 90 27.78 -56.97 90.66
CA TRP E 90 27.54 -55.66 91.23
C TRP E 90 28.84 -54.89 91.51
N ARG E 91 29.67 -55.40 92.42
CA ARG E 91 30.91 -54.74 92.78
C ARG E 91 31.81 -54.47 91.58
N GLU E 92 32.33 -55.53 90.97
CA GLU E 92 33.23 -55.38 89.83
C GLU E 92 32.58 -54.81 88.57
N GLU E 93 31.41 -54.19 88.76
CA GLU E 93 30.62 -53.69 87.63
C GLU E 93 30.17 -52.25 87.85
N GLN E 94 30.17 -51.81 89.11
CA GLN E 94 29.77 -50.45 89.44
C GLN E 94 30.95 -49.49 89.41
N ARG E 95 32.14 -50.03 89.15
CA ARG E 95 33.35 -49.23 89.09
C ARG E 95 33.95 -49.50 87.71
N LYS E 96 33.37 -50.47 86.98
CA LYS E 96 33.80 -50.81 85.59
C LYS E 96 32.80 -49.96 84.80
N ARG E 97 31.90 -49.35 85.56
CA ARG E 97 30.87 -48.47 85.06
C ARG E 97 31.75 -47.24 85.11
N LEU E 98 31.40 -46.22 85.90
CA LEU E 98 32.35 -45.12 86.03
C LEU E 98 32.91 -44.88 84.59
N GLN E 99 34.04 -44.21 84.45
CA GLN E 99 34.69 -44.10 83.14
C GLN E 99 33.92 -43.35 82.08
N GLU E 100 33.63 -44.08 81.00
CA GLU E 100 32.88 -43.66 79.82
C GLU E 100 32.19 -42.35 80.04
N LEU E 101 31.20 -42.39 80.94
CA LEU E 101 30.43 -41.20 81.26
C LEU E 101 31.37 -40.06 81.57
N ASP E 102 32.03 -40.12 82.72
CA ASP E 102 32.94 -39.05 83.06
C ASP E 102 33.97 -38.82 81.95
N ALA E 103 34.49 -39.91 81.37
CA ALA E 103 35.49 -39.76 80.31
C ALA E 103 34.89 -38.89 79.20
N ALA E 104 33.67 -39.22 78.80
CA ALA E 104 32.81 -38.52 77.80
C ALA E 104 32.86 -37.00 77.60
N SER E 105 32.39 -36.26 78.63
CA SER E 105 32.42 -34.79 78.74
C SER E 105 33.83 -34.18 78.91
N LYS E 106 34.67 -34.81 79.76
CA LYS E 106 36.05 -34.37 80.02
C LYS E 106 36.70 -34.13 78.67
N VAL E 107 36.76 -35.21 77.92
CA VAL E 107 37.33 -35.27 76.60
C VAL E 107 36.40 -34.52 75.62
N MET E 108 35.09 -34.69 75.76
CA MET E 108 34.15 -34.01 74.85
C MET E 108 34.31 -32.48 74.93
N GLU E 109 34.76 -32.03 76.10
CA GLU E 109 35.09 -30.64 76.45
C GLU E 109 36.27 -30.08 75.64
N GLN E 110 37.45 -30.63 75.92
CA GLN E 110 38.70 -30.25 75.25
C GLN E 110 38.58 -30.38 73.73
N GLU E 111 37.55 -31.11 73.30
CA GLU E 111 37.35 -31.36 71.89
C GLU E 111 36.47 -30.34 71.19
N TRP E 112 35.17 -30.40 71.44
CA TRP E 112 34.25 -29.48 70.79
C TRP E 112 34.75 -28.04 70.82
N ARG E 113 35.54 -27.72 71.84
CA ARG E 113 36.03 -26.36 71.96
C ARG E 113 37.12 -26.16 70.92
N GLU E 114 37.96 -27.17 70.75
CA GLU E 114 39.03 -27.13 69.75
C GLU E 114 38.32 -26.95 68.40
N LYS E 115 37.05 -27.33 68.37
CA LYS E 115 36.22 -27.21 67.19
C LYS E 115 35.83 -25.75 67.02
N ALA E 116 35.38 -25.17 68.12
CA ALA E 116 35.00 -23.77 68.13
C ALA E 116 36.14 -22.92 67.58
N LYS E 117 37.38 -23.32 67.81
CA LYS E 117 38.51 -22.56 67.29
C LYS E 117 38.75 -22.95 65.82
N LYS E 118 38.36 -24.19 65.49
CA LYS E 118 38.45 -24.72 64.14
C LYS E 118 37.73 -23.70 63.27
N ASP E 119 36.45 -23.50 63.58
CA ASP E 119 35.63 -22.56 62.84
C ASP E 119 36.16 -21.14 63.01
N LEU E 120 36.61 -20.81 64.22
CA LEU E 120 37.11 -19.47 64.49
C LEU E 120 38.21 -19.14 63.50
N GLU E 121 39.23 -19.97 63.42
CA GLU E 121 40.32 -19.69 62.51
C GLU E 121 39.78 -19.72 61.08
N GLU E 122 38.64 -20.36 60.91
CA GLU E 122 37.96 -20.38 59.63
C GLU E 122 37.81 -18.89 59.33
N TRP E 123 36.94 -18.22 60.10
CA TRP E 123 36.67 -16.78 60.03
C TRP E 123 37.94 -15.98 59.64
N ASN E 124 38.92 -15.99 60.54
CA ASN E 124 40.22 -15.28 60.40
C ASN E 124 40.99 -15.23 59.08
N GLN E 125 41.40 -16.41 58.63
CA GLN E 125 42.03 -16.60 57.33
C GLN E 125 41.13 -16.07 56.23
N ARG E 126 40.00 -16.76 56.07
CA ARG E 126 39.04 -16.43 55.04
C ARG E 126 38.79 -14.92 54.89
N GLN E 127 38.52 -14.21 56.00
CA GLN E 127 38.29 -12.76 55.90
C GLN E 127 39.49 -12.17 55.16
N SER E 128 40.68 -12.35 55.70
CA SER E 128 41.95 -11.87 55.09
C SER E 128 42.22 -11.81 53.59
N GLU E 129 42.36 -12.99 53.00
CA GLU E 129 42.54 -13.16 51.56
C GLU E 129 41.36 -12.65 50.72
N GLN E 130 40.12 -12.95 51.11
CA GLN E 130 38.97 -12.49 50.35
C GLN E 130 38.93 -10.95 50.41
N VAL E 131 38.89 -10.37 51.60
CA VAL E 131 38.88 -8.90 51.69
C VAL E 131 40.13 -8.43 50.96
N GLU E 132 41.13 -9.31 50.87
CA GLU E 132 42.34 -8.92 50.19
C GLU E 132 42.12 -8.96 48.71
N LYS E 133 41.42 -10.00 48.28
CA LYS E 133 41.08 -10.18 46.88
C LYS E 133 40.14 -9.04 46.52
N ASN E 134 39.38 -8.62 47.54
CA ASN E 134 38.42 -7.53 47.48
C ASN E 134 39.05 -6.27 46.84
N LYS E 135 39.94 -5.58 47.56
CA LYS E 135 40.66 -4.38 47.08
C LYS E 135 41.32 -4.52 45.69
N ILE E 136 41.87 -5.70 45.37
CA ILE E 136 42.54 -5.97 44.07
C ILE E 136 41.74 -5.37 42.94
N ASN E 137 40.42 -5.47 43.03
CA ASN E 137 39.62 -4.85 42.01
C ASN E 137 39.61 -3.40 42.42
N ASN E 138 39.35 -2.53 41.46
CA ASN E 138 39.41 -1.10 41.73
C ASN E 138 40.91 -0.91 41.82
N ARG E 139 41.65 -1.78 41.14
CA ARG E 139 43.11 -1.71 41.18
C ARG E 139 43.94 -1.96 39.91
N ILE E 140 43.34 -2.57 38.89
CA ILE E 140 44.06 -2.87 37.65
C ILE E 140 43.74 -1.93 36.49
N ALA E 141 43.82 -0.64 36.80
CA ALA E 141 43.49 0.47 35.94
C ALA E 141 42.00 0.64 36.40
N UNK E 155 24.35 -11.82 15.65
CA UNK E 155 24.07 -10.94 16.77
C UNK E 155 25.08 -11.09 17.89
N UNK E 156 25.04 -12.23 18.57
CA UNK E 156 25.96 -12.51 19.67
C UNK E 156 27.32 -11.85 19.42
N UNK E 157 27.94 -12.20 18.30
CA UNK E 157 29.24 -11.63 17.95
C UNK E 157 29.23 -10.11 18.02
N UNK E 158 28.30 -9.49 17.30
CA UNK E 158 28.19 -8.03 17.30
C UNK E 158 28.13 -7.49 18.72
N UNK E 159 27.22 -8.02 19.52
CA UNK E 159 27.08 -7.58 20.91
C UNK E 159 28.41 -7.66 21.65
N UNK E 160 29.00 -8.84 21.67
CA UNK E 160 30.28 -9.04 22.35
C UNK E 160 31.29 -7.98 21.93
N UNK E 161 31.43 -7.79 20.62
CA UNK E 161 32.36 -6.79 20.09
C UNK E 161 32.07 -5.41 20.67
N UNK E 162 30.86 -4.90 20.41
CA UNK E 162 30.47 -3.59 20.91
C UNK E 162 30.82 -3.44 22.39
N UNK E 163 30.57 -4.49 23.16
CA UNK E 163 30.86 -4.47 24.59
C UNK E 163 32.36 -4.30 24.84
N UNK E 164 33.14 -5.31 24.46
CA UNK E 164 34.58 -5.26 24.65
C UNK E 164 35.19 -4.09 23.90
N UNK E 165 34.33 -3.25 23.33
CA UNK E 165 34.77 -2.07 22.59
C UNK E 165 34.57 -0.80 23.40
N UNK E 166 33.33 -0.55 23.80
CA UNK E 166 33.00 0.64 24.58
C UNK E 166 34.09 1.70 24.45
N UNK E 167 34.52 2.25 25.58
CA UNK E 167 35.57 3.27 25.59
C UNK E 167 35.50 4.31 24.48
N UNK E 168 34.45 4.26 23.65
CA UNK E 168 34.31 5.21 22.56
C UNK E 168 34.44 6.65 23.04
N UNK E 169 33.38 7.18 23.65
CA UNK E 169 33.42 8.56 24.12
C UNK E 169 34.61 8.90 24.99
N UNK E 170 35.04 7.94 25.80
CA UNK E 170 36.17 8.13 26.69
C UNK E 170 37.20 9.10 26.08
N UNK E 171 37.27 9.11 24.75
CA UNK E 171 38.20 9.99 24.05
C UNK E 171 37.94 9.97 22.54
N UNK E 172 36.73 9.53 22.17
CA UNK E 172 36.36 9.47 20.76
C UNK E 172 37.12 8.36 20.04
N UNK E 173 37.31 7.23 20.71
CA UNK E 173 38.02 6.10 20.13
C UNK E 173 37.48 5.75 18.76
N UNK E 174 36.20 6.05 18.53
CA UNK E 174 35.55 5.77 17.26
C UNK E 174 36.03 6.74 16.17
N UNK E 175 37.04 7.53 16.50
CA UNK E 175 37.60 8.52 15.56
C UNK E 175 39.01 8.04 15.23
N UNK E 176 39.85 7.97 16.27
CA UNK E 176 41.17 7.32 16.19
C UNK E 176 41.08 6.05 15.36
N UNK E 177 40.05 5.25 15.65
CA UNK E 177 39.76 4.06 14.87
C UNK E 177 38.93 3.06 15.67
N UNK E 178 39.60 2.29 16.51
CA UNK E 178 38.93 1.29 17.34
C UNK E 178 37.42 1.44 17.27
N UNK E 179 36.83 2.05 18.27
CA UNK E 179 35.36 2.31 18.34
C UNK E 179 34.47 2.46 17.11
N UNK E 180 34.75 3.52 16.36
CA UNK E 180 34.18 3.76 15.00
C UNK E 180 34.33 2.66 13.96
N UNK E 181 35.58 2.28 13.68
CA UNK E 181 35.91 1.12 12.81
C UNK E 181 35.26 -0.22 13.15
N UNK E 182 35.64 -0.78 14.31
CA UNK E 182 35.03 -1.99 14.84
C UNK E 182 33.50 -1.96 14.77
N UNK E 183 32.90 -1.02 15.49
CA UNK E 183 31.43 -0.83 15.49
C UNK E 183 30.73 -0.81 14.14
N UNK E 184 31.01 0.23 13.35
CA UNK E 184 30.51 0.32 11.99
C UNK E 184 30.65 -1.02 11.27
N UNK E 185 31.89 -1.48 11.12
CA UNK E 185 32.17 -2.77 10.46
C UNK E 185 31.35 -3.98 10.86
N UNK E 186 31.59 -4.46 12.08
CA UNK E 186 30.80 -5.54 12.67
C UNK E 186 29.54 -4.97 13.33
N UNK E 187 28.81 -4.12 12.61
CA UNK E 187 27.61 -3.62 13.12
C UNK E 187 26.66 -3.53 11.90
N UNK E 188 27.20 -3.12 10.77
CA UNK E 188 26.44 -2.74 9.59
C UNK E 188 24.84 -2.91 10.31
N UNK F 1 85.56 11.62 -150.46
CA UNK F 1 86.53 11.54 -149.35
C UNK F 1 86.25 10.34 -148.46
N UNK F 2 85.08 9.72 -148.63
CA UNK F 2 84.70 8.56 -147.85
C UNK F 2 85.01 7.26 -148.60
N UNK F 3 84.51 7.17 -149.82
CA UNK F 3 84.73 5.97 -150.67
C UNK F 3 86.17 5.52 -150.90
N UNK F 4 86.94 6.37 -151.58
CA UNK F 4 88.36 6.12 -151.79
C UNK F 4 89.01 5.62 -150.50
N UNK F 5 88.97 6.42 -149.45
CA UNK F 5 89.55 6.04 -148.13
C UNK F 5 89.44 4.62 -147.63
N UNK F 6 88.23 4.22 -147.26
CA UNK F 6 87.84 2.81 -146.92
C UNK F 6 88.46 1.50 -147.38
N UNK F 7 88.38 1.31 -148.71
CA UNK F 7 89.14 0.30 -149.46
C UNK F 7 90.53 0.91 -149.81
N UNK F 8 90.54 2.15 -150.27
CA UNK F 8 91.79 2.83 -150.64
C UNK F 8 92.72 1.83 -151.42
N UNK F 10 89.20 -22.29 -169.17
CA UNK F 10 87.87 -21.87 -169.62
C UNK F 10 87.32 -22.84 -170.66
N UNK F 11 87.38 -24.13 -170.35
CA UNK F 11 86.88 -25.16 -171.25
C UNK F 11 85.40 -24.99 -171.52
N UNK F 12 84.76 -24.09 -170.77
CA UNK F 12 83.33 -23.83 -170.93
C UNK F 12 83.04 -22.33 -170.87
N UNK F 13 83.82 -21.62 -170.08
CA UNK F 13 83.64 -20.17 -169.92
C UNK F 13 83.83 -19.46 -171.25
N UNK F 14 84.34 -20.18 -172.25
CA UNK F 14 84.56 -19.61 -173.57
C UNK F 14 83.45 -20.00 -174.54
N UNK F 15 83.02 -21.25 -174.46
CA UNK F 15 81.96 -21.75 -175.34
C UNK F 15 80.59 -21.39 -174.78
N UNK F 16 80.56 -20.44 -173.85
CA UNK F 16 79.31 -19.99 -173.22
C UNK F 16 79.27 -18.48 -173.00
N UNK F 17 80.43 -17.85 -172.98
CA UNK F 17 80.52 -16.40 -172.85
C UNK F 17 79.95 -15.72 -174.10
N UNK F 18 79.41 -16.52 -175.02
CA UNK F 18 78.82 -15.99 -176.24
C UNK F 18 77.66 -16.85 -176.72
N UNK F 19 77.83 -18.16 -176.65
CA UNK F 19 76.78 -19.12 -177.06
C UNK F 19 75.36 -18.80 -176.64
N UNK F 20 75.07 -19.06 -175.35
CA UNK F 20 73.78 -18.71 -174.78
C UNK F 20 73.68 -17.20 -174.56
N UNK F 21 73.45 -16.47 -175.65
CA UNK F 21 73.32 -15.02 -175.57
C UNK F 21 72.19 -14.97 -177.19
N GLN F 76 83.16 -2.81 -103.70
CA GLN F 76 81.81 -2.44 -104.18
C GLN F 76 81.88 -1.53 -105.39
N ALA F 77 80.73 -1.25 -106.00
CA ALA F 77 80.69 -0.39 -107.17
C ALA F 77 79.61 0.70 -107.08
N ASP F 78 78.78 0.67 -106.03
CA ASP F 78 77.72 1.67 -105.84
C ASP F 78 77.23 1.79 -104.36
N ARG F 79 77.78 0.91 -103.51
CA ARG F 79 77.51 0.77 -102.05
C ARG F 79 78.03 1.88 -101.12
N LEU F 80 79.03 2.64 -101.58
CA LEU F 80 79.61 3.71 -100.78
C LEU F 80 79.36 5.14 -101.33
N THR F 81 78.64 5.32 -102.42
CA THR F 81 78.35 6.70 -102.83
C THR F 81 76.96 6.91 -102.30
N GLN F 82 76.34 5.74 -101.99
CA GLN F 82 74.97 5.56 -101.48
C GLN F 82 74.60 6.20 -100.14
N GLU F 83 75.48 5.96 -99.18
CA GLU F 83 75.38 6.39 -97.79
C GLU F 83 76.22 7.67 -97.48
N PRO F 84 77.49 7.74 -97.96
CA PRO F 84 78.28 8.97 -97.69
C PRO F 84 77.78 10.34 -98.27
N GLU F 85 76.46 10.48 -98.42
CA GLU F 85 75.83 11.73 -98.87
C GLU F 85 74.41 11.66 -98.30
N SER F 86 74.30 10.85 -97.25
CA SER F 86 73.04 10.50 -96.62
C SER F 86 73.33 9.81 -95.29
N ILE F 87 74.60 9.65 -94.93
CA ILE F 87 74.91 9.03 -93.64
C ILE F 87 74.83 10.12 -92.58
N ARG F 88 75.32 11.31 -92.92
CA ARG F 88 75.35 12.42 -91.97
C ARG F 88 74.02 12.66 -91.29
N LYS F 89 72.99 11.95 -91.74
CA LYS F 89 71.69 12.05 -91.09
C LYS F 89 71.94 11.47 -89.70
N TRP F 90 72.51 10.27 -89.67
CA TRP F 90 72.84 9.56 -88.43
C TRP F 90 73.82 10.33 -87.53
N ARG F 91 74.73 11.06 -88.17
CA ARG F 91 75.72 11.86 -87.47
C ARG F 91 75.13 12.96 -86.60
N GLU F 92 74.54 13.97 -87.27
CA GLU F 92 73.95 15.11 -86.57
C GLU F 92 72.72 14.78 -85.67
N GLU F 93 72.16 13.57 -85.78
CA GLU F 93 70.98 13.17 -84.97
C GLU F 93 71.40 12.63 -83.60
N GLN F 94 72.63 12.16 -83.53
CA GLN F 94 73.25 11.64 -82.32
C GLN F 94 73.64 12.80 -81.40
N ARG F 95 73.85 13.95 -82.04
CA ARG F 95 74.16 15.19 -81.38
C ARG F 95 72.83 15.91 -81.23
N LYS F 96 71.77 15.36 -81.83
CA LYS F 96 70.39 15.92 -81.73
C LYS F 96 69.86 15.06 -80.58
N ARG F 97 70.71 14.12 -80.19
CA ARG F 97 70.46 13.20 -79.09
C ARG F 97 71.00 14.15 -78.03
N LEU F 98 72.06 13.78 -77.32
CA LEU F 98 72.64 14.78 -76.42
C LEU F 98 71.42 15.48 -75.76
N GLN F 99 71.60 16.67 -75.18
CA GLN F 99 70.47 17.46 -74.70
C GLN F 99 69.67 16.85 -73.57
N GLU F 100 68.39 16.63 -73.87
CA GLU F 100 67.36 16.05 -73.02
C GLU F 100 67.97 15.42 -71.79
N LEU F 101 68.71 14.34 -72.03
CA LEU F 101 69.37 13.60 -70.97
C LEU F 101 70.13 14.57 -70.10
N ASP F 102 71.23 15.09 -70.60
CA ASP F 102 71.99 16.02 -69.79
C ASP F 102 71.12 17.18 -69.29
N ALA F 103 70.24 17.69 -70.16
CA ALA F 103 69.37 18.80 -69.75
C ALA F 103 68.58 18.39 -68.51
N ALA F 104 68.01 17.20 -68.57
CA ALA F 104 67.24 16.50 -67.50
C ALA F 104 67.59 16.68 -66.03
N SER F 105 68.75 16.12 -65.64
CA SER F 105 69.38 16.22 -64.29
C SER F 105 69.85 17.65 -63.92
N LYS F 106 70.50 18.34 -64.86
CA LYS F 106 70.99 19.72 -64.67
C LYS F 106 69.88 20.53 -64.04
N VAL F 107 68.79 20.59 -64.81
CA VAL F 107 67.58 21.30 -64.47
C VAL F 107 66.86 20.52 -63.36
N MET F 108 66.83 19.20 -63.43
CA MET F 108 66.14 18.40 -62.42
C MET F 108 66.75 18.64 -61.03
N GLU F 109 68.03 18.99 -61.03
CA GLU F 109 68.88 19.35 -59.87
C GLU F 109 68.45 20.65 -59.16
N GLN F 110 68.57 21.75 -59.90
CA GLN F 110 68.16 23.09 -59.43
C GLN F 110 66.69 23.13 -59.05
N GLU F 111 65.95 22.12 -59.49
CA GLU F 111 64.53 22.05 -59.23
C GLU F 111 64.15 21.31 -57.96
N TRP F 112 64.25 19.99 -57.97
CA TRP F 112 63.89 19.20 -56.82
C TRP F 112 64.46 19.78 -55.53
N ARG F 113 65.58 20.47 -55.64
CA ARG F 113 66.20 21.03 -54.46
C ARG F 113 65.39 22.24 -54.01
N GLU F 114 64.94 23.03 -54.98
CA GLU F 114 64.10 24.18 -54.70
C GLU F 114 62.85 23.65 -54.01
N LYS F 115 62.60 22.37 -54.24
CA LYS F 115 61.45 21.67 -53.66
C LYS F 115 61.76 21.40 -52.20
N ALA F 116 62.96 20.86 -51.98
CA ALA F 116 63.43 20.55 -50.64
C ALA F 116 63.30 21.80 -49.76
N LYS F 117 63.47 22.99 -50.33
CA LYS F 117 63.35 24.22 -49.55
C LYS F 117 61.85 24.58 -49.44
N LYS F 118 61.08 24.17 -50.45
CA LYS F 118 59.64 24.36 -50.49
C LYS F 118 59.12 23.80 -49.18
N ASP F 119 59.37 22.51 -48.98
CA ASP F 119 58.93 21.83 -47.78
C ASP F 119 59.62 22.42 -46.56
N LEU F 120 60.91 22.75 -46.69
CA LEU F 120 61.67 23.30 -45.58
C LEU F 120 60.94 24.53 -45.02
N GLU F 121 60.66 25.50 -45.88
CA GLU F 121 59.98 26.68 -45.40
C GLU F 121 58.60 26.32 -44.91
N GLU F 122 58.12 25.15 -45.34
CA GLU F 122 56.86 24.61 -44.88
C GLU F 122 57.09 24.58 -43.35
N TRP F 123 57.97 23.68 -42.92
CA TRP F 123 58.38 23.51 -41.51
C TRP F 123 58.40 24.85 -40.75
N ASN F 124 59.30 25.73 -41.15
CA ASN F 124 59.52 27.08 -40.56
C ASN F 124 58.38 28.00 -40.13
N GLN F 125 57.57 28.37 -41.13
CA GLN F 125 56.34 29.13 -40.92
C GLN F 125 55.42 28.37 -39.99
N ARG F 126 54.94 27.23 -40.46
CA ARG F 126 54.01 26.41 -39.73
C ARG F 126 54.38 26.26 -38.24
N GLN F 127 55.63 25.92 -37.93
CA GLN F 127 56.02 25.79 -36.51
C GLN F 127 55.62 27.09 -35.81
N SER F 128 56.16 28.21 -36.27
CA SER F 128 55.86 29.56 -35.75
C SER F 128 54.51 30.02 -35.21
N GLU F 129 53.55 30.12 -36.13
CA GLU F 129 52.15 30.45 -35.82
C GLU F 129 51.44 29.41 -34.94
N GLN F 130 51.62 28.11 -35.25
CA GLN F 130 50.98 27.07 -34.45
C GLN F 130 51.54 27.11 -33.03
N VAL F 131 52.87 26.98 -32.87
CA VAL F 131 53.45 27.05 -31.53
C VAL F 131 53.02 28.40 -30.96
N GLU F 132 52.73 29.35 -31.85
CA GLU F 132 52.32 30.64 -31.35
C GLU F 132 50.89 30.58 -30.87
N LYS F 133 50.08 29.87 -31.65
CA LYS F 133 48.68 29.67 -31.32
C LYS F 133 48.67 28.83 -30.03
N ASN F 134 49.70 28.01 -29.92
CA ASN F 134 49.95 27.12 -28.79
C ASN F 134 49.83 27.90 -27.45
N LYS F 135 50.81 28.74 -27.14
CA LYS F 135 50.84 29.57 -25.91
C LYS F 135 49.53 30.37 -25.63
N ILE F 136 48.86 30.87 -26.68
CA ILE F 136 47.62 31.67 -26.55
C ILE F 136 46.69 31.03 -25.53
N ASN F 137 46.64 29.72 -25.54
CA ASN F 137 45.83 29.06 -24.56
C ASN F 137 46.71 29.09 -23.33
N ASN F 138 46.10 28.98 -22.17
CA ASN F 138 46.86 29.10 -20.93
C ASN F 138 47.11 30.58 -20.91
N ARG F 139 46.24 31.35 -21.57
CA ARG F 139 46.42 32.80 -21.64
C ARG F 139 45.20 33.73 -21.53
N ILE F 140 43.99 33.21 -21.70
CA ILE F 140 42.79 34.04 -21.63
C ILE F 140 41.99 33.90 -20.33
N ALA F 141 42.74 34.02 -19.23
CA ALA F 141 42.28 33.85 -17.88
C ALA F 141 42.67 32.33 -17.74
N ASP F 142 44.02 32.08 -17.66
CA ASP F 142 44.88 30.82 -17.47
C ASP F 142 44.36 29.33 -17.51
N LYS F 143 43.76 28.92 -18.65
CA LYS F 143 43.22 27.59 -18.89
C LYS F 143 41.81 27.35 -18.30
N ALA F 144 41.30 28.26 -17.48
CA ALA F 144 39.99 28.08 -16.88
C ALA F 144 38.82 28.67 -17.68
N PHE F 145 38.90 29.97 -18.02
CA PHE F 145 37.89 30.72 -18.78
C PHE F 145 38.36 30.59 -20.23
N TYR F 146 39.21 29.60 -20.46
CA TYR F 146 39.71 29.25 -21.81
C TYR F 146 39.14 27.96 -22.40
N GLN F 147 39.09 26.94 -21.54
CA GLN F 147 38.41 25.70 -21.84
C GLN F 147 36.88 25.95 -21.84
N GLN F 148 36.10 24.94 -21.51
CA GLN F 148 34.65 25.09 -21.51
C GLN F 148 34.23 26.06 -22.60
N PRO F 149 34.19 27.35 -22.27
CA PRO F 149 33.87 28.44 -23.25
C PRO F 149 34.43 28.40 -24.67
N ASP F 150 35.74 28.65 -24.74
CA ASP F 150 36.53 28.38 -25.94
C ASP F 150 36.69 26.84 -26.04
N ALA F 151 36.90 26.20 -24.90
CA ALA F 151 37.04 24.75 -24.85
C ALA F 151 35.69 24.06 -25.03
N ASP F 152 35.01 24.36 -26.12
CA ASP F 152 33.70 23.79 -26.41
C ASP F 152 32.93 24.69 -27.37
N ILE F 153 33.56 25.78 -27.81
CA ILE F 153 32.93 26.71 -28.72
C ILE F 153 32.13 25.99 -29.80
N UNK F 155 23.41 13.12 -18.82
CA UNK F 155 23.44 13.75 -20.14
C UNK F 155 23.27 15.27 -20.03
N UNK F 156 22.69 15.86 -21.06
CA UNK F 156 22.47 17.30 -21.08
C UNK F 156 22.21 17.83 -19.67
N UNK F 157 21.36 17.13 -18.93
CA UNK F 157 21.02 17.53 -17.56
C UNK F 157 22.29 17.71 -16.74
N UNK F 158 22.95 16.61 -16.41
CA UNK F 158 24.19 16.66 -15.62
C UNK F 158 25.15 17.70 -16.18
N UNK F 159 25.20 17.80 -17.50
CA UNK F 159 26.07 18.77 -18.16
C UNK F 159 25.79 20.18 -17.66
N UNK F 160 24.62 20.71 -18.02
CA UNK F 160 24.23 22.05 -17.60
C UNK F 160 24.41 22.19 -16.09
N UNK F 161 24.16 21.10 -15.37
CA UNK F 161 24.32 21.10 -13.91
C UNK F 161 25.75 21.51 -13.53
N UNK F 162 26.71 20.64 -13.78
CA UNK F 162 28.11 20.93 -13.46
C UNK F 162 28.51 22.28 -14.05
N UNK F 163 27.87 22.67 -15.14
CA UNK F 163 28.15 23.95 -15.77
C UNK F 163 27.84 25.10 -14.83
N UNK F 164 26.56 25.33 -14.58
CA UNK F 164 26.13 26.38 -13.66
C UNK F 164 26.71 26.12 -12.27
N UNK F 165 27.38 24.98 -12.12
CA UNK F 165 28.00 24.61 -10.86
C UNK F 165 29.36 25.28 -10.70
N UNK F 166 30.26 25.03 -11.63
CA UNK F 166 31.59 25.65 -11.59
C UNK F 166 31.43 27.10 -11.15
N UNK F 167 31.29 27.31 -9.84
CA UNK F 167 31.04 28.63 -9.30
C UNK F 167 30.89 28.74 -7.78
N UNK F 168 30.36 27.69 -7.15
CA UNK F 168 30.19 27.69 -5.70
C UNK F 168 31.35 28.38 -4.99
N UNK F 169 32.47 28.54 -5.68
CA UNK F 169 33.64 29.17 -5.07
C UNK F 169 33.37 30.53 -4.46
N UNK F 170 33.30 31.55 -5.31
CA UNK F 170 33.05 32.91 -4.85
C UNK F 170 32.34 32.92 -3.50
N UNK F 171 31.32 32.08 -3.37
CA UNK F 171 30.57 31.97 -2.13
C UNK F 171 29.42 30.95 -2.25
N UNK F 172 29.79 29.69 -2.42
CA UNK F 172 28.80 28.63 -2.56
C UNK F 172 27.75 28.96 -3.61
N UNK F 173 28.20 29.07 -4.86
CA UNK F 173 27.31 29.40 -5.97
C UNK F 173 25.96 28.68 -5.82
N UNK F 174 26.00 27.48 -5.25
CA UNK F 174 24.78 26.69 -5.04
C UNK F 174 23.52 27.54 -5.01
N UNK F 175 23.52 28.55 -4.15
CA UNK F 175 22.41 29.47 -4.05
C UNK F 175 21.90 29.88 -5.42
N UNK F 176 22.78 30.38 -6.28
CA UNK F 176 22.42 30.80 -7.62
C UNK F 176 20.92 30.61 -7.86
N UNK F 177 20.10 31.27 -7.05
CA UNK F 177 18.65 31.18 -7.17
C UNK F 177 18.21 30.38 -8.39
N UNK F 178 18.60 30.86 -9.57
CA UNK F 178 18.24 30.20 -10.82
C UNK F 178 18.81 28.79 -10.91
N UNK F 179 20.13 28.70 -10.93
CA UNK F 179 20.81 27.40 -11.03
C UNK F 179 20.59 26.54 -9.81
N UNK F 180 19.70 27.10 -8.93
CA UNK F 180 19.17 26.66 -7.56
C UNK F 180 17.84 25.83 -7.74
N UNK F 181 16.89 26.52 -8.34
CA UNK F 181 15.82 25.81 -9.06
C UNK F 181 16.75 24.68 -9.57
N UNK F 182 17.97 25.16 -9.81
CA UNK F 182 19.18 24.33 -9.70
C UNK F 182 19.06 22.93 -9.76
N UNK F 183 19.98 22.44 -8.95
CA UNK F 183 20.06 21.04 -8.64
C UNK F 183 18.70 20.67 -8.06
N UNK F 184 17.88 21.67 -7.77
CA UNK F 184 16.51 21.41 -7.32
C UNK F 184 15.79 20.41 -8.21
N UNK F 185 15.57 20.81 -9.46
CA UNK F 185 15.01 19.93 -10.47
C UNK F 185 16.15 19.05 -11.02
N UNK F 186 17.38 19.54 -10.89
CA UNK F 186 18.55 18.79 -11.33
C UNK F 186 18.67 17.51 -10.51
N UNK F 187 17.70 17.27 -9.63
CA UNK F 187 17.70 16.07 -8.83
C UNK F 187 16.27 15.62 -8.49
N UNK F 188 15.31 16.49 -8.81
CA UNK F 188 13.88 16.26 -8.48
C UNK F 188 13.75 16.11 -6.88
#